data_8SXI
#
_entry.id   8SXI
#
_cell.length_a   1.00
_cell.length_b   1.00
_cell.length_c   1.00
_cell.angle_alpha   90.00
_cell.angle_beta   90.00
_cell.angle_gamma   90.00
#
_symmetry.space_group_name_H-M   'P 1'
#
loop_
_entity.id
_entity.type
_entity.pdbx_description
1 polymer 'Envelope glycoprotein gp160'
2 polymer 'HIV-1 gp41'
3 polymer 'b12 Heavy Chain'
4 polymer 'b12 Light Chain'
#
loop_
_entity_poly.entity_id
_entity_poly.type
_entity_poly.pdbx_seq_one_letter_code
_entity_poly.pdbx_strand_id
1 'polypeptide(L)'
;ENLWVTVYYGVPVWKEAKTTLFCASDAKAYEKEVHNIWATHACVPTDPNPQEMVLKNVTENFNMWKNDMVDQMHEDVISL
WDQSLKPCVKLTPLCCTLNCTNATASNSSIIEGMKNCSFNITTELRCKREKKNALFYKLDIVQLDGNSSQYRLINCDTSV
ITQVCPKLSFDPIPIHYCAPAGYAILKCNNKTFTGTGPCNNVSTVQCTHGIKPVLSTQLLLNGSLAEGEIIIRSENITKN
VKTIIVHLNESVKIECTRPNNKTRTSIRIGPGQAFYATGQVIGDIREAYCNINESKWNETLQRVSKKLKEYFPHKNITFQ
PSSGGDLEITTHSFNCGGEFFYCNTSSLFNRTYMANSTETNSTRTITIHCRIKQIINMWQEVGRAMYAPPIAGNITCISN
ITGLLLTRDYGKNNTETFRPGGGNMKDNWRSELYKYKVVKIEPLGVAPTRCKRRVV
;
A,E,I
2 'polypeptide(L)'
;VFLGFLGAAGSTMGAASMTLTVQARNLLSGTVWGIKQLQARVLAVERYLRDQQLLGIWGCSGKLICCTNVPWNSSWSNRN
LSEIWDNMTWLQWDKEISNYTQIIYGLLEESQNQQEKNEQDLLALD
;
B,F,J
3 'polypeptide(L)'
;QVQLVQSGAEVKKPGASVKVSCQASGYRFSNFVIHWVRQAPGQRFEWMGWINPYNGNKEFSAKFQDRVTFTADTSANTAY
MELRSLRSADTAVYYCARVGPYSWDDSPQDNYYMDVWGKGTTVIVSS
;
C,G,K
4 'polypeptide(L)'
;EIVLTQSPGTLSLSPGERATFSCRSSHSIRSRRVAWYQHKPGQAPRLVIHGVSNRASGISDRFSGSGSGTDFTLTITRVE
PEDFALYYCQVYGASSYTFGQGTKLERK
;
D,H,L
#
# COMPACT_ATOMS: atom_id res chain seq x y z
N GLU A 1 18.19 20.03 -60.51
CA GLU A 1 19.60 20.12 -60.02
C GLU A 1 19.74 21.12 -58.87
N ASN A 2 20.76 20.89 -58.04
CA ASN A 2 21.11 21.80 -56.95
C ASN A 2 19.93 22.03 -56.00
N LEU A 3 19.15 20.97 -55.77
CA LEU A 3 18.18 20.96 -54.69
C LEU A 3 18.51 19.83 -53.73
N TRP A 4 18.53 20.18 -52.44
CA TRP A 4 19.42 19.69 -51.40
C TRP A 4 18.78 19.87 -50.03
N VAL A 5 18.93 18.84 -49.20
CA VAL A 5 18.09 18.65 -48.02
C VAL A 5 18.55 19.61 -46.92
N THR A 6 17.60 20.11 -46.14
CA THR A 6 17.88 20.73 -44.84
C THR A 6 16.94 20.18 -43.78
N VAL A 7 17.38 20.27 -42.52
CA VAL A 7 16.65 19.75 -41.37
C VAL A 7 16.42 20.89 -40.38
N TYR A 8 15.23 20.91 -39.78
CA TYR A 8 14.83 21.90 -38.81
C TYR A 8 14.52 21.21 -37.49
N TYR A 9 14.68 21.94 -36.39
CA TYR A 9 14.35 21.45 -35.06
C TYR A 9 13.49 22.53 -34.39
N GLY A 10 12.61 22.12 -33.48
CA GLY A 10 11.67 23.04 -32.89
C GLY A 10 10.47 23.34 -33.76
N VAL A 11 10.13 22.42 -34.66
CA VAL A 11 9.16 22.71 -35.72
C VAL A 11 7.79 22.92 -35.10
N PRO A 12 6.96 23.83 -35.62
CA PRO A 12 5.56 23.92 -35.13
C PRO A 12 4.56 23.07 -35.90
N VAL A 13 4.61 21.75 -35.71
CA VAL A 13 3.50 20.89 -36.08
C VAL A 13 3.30 19.84 -34.99
N TRP A 14 2.26 19.03 -35.16
CA TRP A 14 1.64 18.23 -34.12
C TRP A 14 0.93 17.01 -34.69
N LYS A 15 0.61 16.09 -33.78
CA LYS A 15 -0.27 14.97 -34.06
C LYS A 15 -1.06 14.64 -32.79
N GLU A 16 -2.16 13.91 -32.97
CA GLU A 16 -3.07 13.58 -31.88
C GLU A 16 -2.59 12.33 -31.15
N ALA A 17 -2.73 12.34 -29.82
CA ALA A 17 -2.35 11.17 -29.02
C ALA A 17 -2.83 11.36 -27.59
N LYS A 18 -2.83 10.26 -26.84
CA LYS A 18 -3.16 10.29 -25.43
C LYS A 18 -1.94 10.73 -24.62
N THR A 19 -2.20 11.29 -23.43
CA THR A 19 -1.17 11.81 -22.56
C THR A 19 -1.61 11.60 -21.12
N THR A 20 -0.67 11.76 -20.19
CA THR A 20 -0.97 11.85 -18.76
C THR A 20 -0.92 13.31 -18.34
N LEU A 21 -2.06 13.87 -17.95
CA LEU A 21 -2.14 15.29 -17.65
C LEU A 21 -1.82 15.57 -16.19
N PHE A 22 -1.51 16.83 -15.90
CA PHE A 22 -1.24 17.30 -14.55
C PHE A 22 -2.51 17.81 -13.89
N CYS A 23 -2.64 17.51 -12.60
CA CYS A 23 -3.54 18.27 -11.74
C CYS A 23 -2.93 19.66 -11.52
N ALA A 24 -3.76 20.66 -11.26
CA ALA A 24 -3.30 21.99 -10.93
C ALA A 24 -4.38 22.74 -10.17
N SER A 25 -4.08 23.13 -8.93
CA SER A 25 -5.09 23.65 -8.02
C SER A 25 -4.50 24.77 -7.18
N ASP A 26 -5.32 25.26 -6.25
CA ASP A 26 -4.86 26.23 -5.26
C ASP A 26 -3.88 25.56 -4.29
N ALA A 27 -3.21 26.39 -3.49
CA ALA A 27 -2.18 25.88 -2.59
C ALA A 27 -2.80 25.25 -1.34
N LYS A 28 -3.71 25.95 -0.67
CA LYS A 28 -4.26 25.49 0.60
C LYS A 28 -5.75 25.89 0.64
N ALA A 29 -6.60 24.96 0.19
CA ALA A 29 -8.05 25.16 0.22
C ALA A 29 -8.42 26.41 -0.56
N TYR A 30 -9.29 27.27 -0.02
CA TYR A 30 -9.51 28.59 -0.58
C TYR A 30 -8.46 29.57 -0.08
N GLU A 31 -7.18 29.19 -0.17
CA GLU A 31 -6.08 29.91 0.46
C GLU A 31 -6.40 30.20 1.93
N LYS A 32 -6.93 29.18 2.61
CA LYS A 32 -7.25 29.24 4.03
C LYS A 32 -6.68 28.02 4.72
N GLU A 33 -6.32 28.19 6.00
CA GLU A 33 -5.59 27.17 6.75
C GLU A 33 -6.51 26.03 7.19
N VAL A 34 -6.95 25.24 6.20
CA VAL A 34 -7.76 24.06 6.44
C VAL A 34 -7.39 22.99 5.42
N HIS A 35 -7.74 21.75 5.73
CA HIS A 35 -7.54 20.65 4.81
C HIS A 35 -8.69 20.58 3.82
N ASN A 36 -8.35 20.38 2.55
CA ASN A 36 -9.33 20.18 1.48
C ASN A 36 -9.00 18.90 0.75
N ILE A 37 -10.05 18.14 0.41
CA ILE A 37 -9.84 16.80 -0.14
C ILE A 37 -9.22 16.87 -1.53
N TRP A 38 -9.50 17.93 -2.29
CA TRP A 38 -8.91 18.08 -3.63
C TRP A 38 -7.57 18.80 -3.58
N ALA A 39 -7.55 20.03 -3.07
CA ALA A 39 -6.36 20.88 -3.18
C ALA A 39 -5.16 20.29 -2.44
N THR A 40 -5.36 19.80 -1.22
CA THR A 40 -4.25 19.47 -0.34
C THR A 40 -3.37 18.37 -0.88
N HIS A 41 -3.88 17.50 -1.76
CA HIS A 41 -3.11 16.38 -2.31
C HIS A 41 -2.22 16.89 -3.44
N ALA A 42 -1.16 17.61 -3.03
CA ALA A 42 -0.14 18.12 -3.93
C ALA A 42 -0.75 18.97 -5.05
N CYS A 43 -0.79 18.48 -6.29
CA CYS A 43 -1.48 19.17 -7.39
C CYS A 43 -0.86 20.56 -7.67
N VAL A 44 0.43 20.73 -7.33
CA VAL A 44 1.33 21.81 -7.77
C VAL A 44 0.70 23.16 -7.39
N PRO A 45 1.22 24.34 -7.76
CA PRO A 45 0.79 25.55 -7.05
C PRO A 45 -0.43 26.25 -7.64
N THR A 46 -0.77 27.38 -7.03
CA THR A 46 -1.85 28.22 -7.53
C THR A 46 -1.40 28.98 -8.76
N ASP A 47 -1.31 28.28 -9.90
CA ASP A 47 -0.83 28.87 -11.14
C ASP A 47 -1.77 29.99 -11.56
N PRO A 48 -1.35 31.27 -11.48
CA PRO A 48 -2.33 32.36 -11.63
C PRO A 48 -2.68 32.73 -13.06
N ASN A 49 -1.76 32.59 -14.01
CA ASN A 49 -1.87 33.21 -15.32
C ASN A 49 -2.06 32.07 -16.32
N PRO A 50 -3.20 31.98 -17.01
CA PRO A 50 -3.26 31.09 -18.19
C PRO A 50 -2.54 31.72 -19.37
N GLN A 51 -1.57 30.99 -19.92
CA GLN A 51 -0.79 31.46 -21.06
C GLN A 51 -1.55 31.37 -22.38
N GLU A 52 -2.70 32.05 -22.48
CA GLU A 52 -3.47 32.04 -23.71
C GLU A 52 -2.68 32.66 -24.85
N MET A 53 -2.81 32.08 -26.04
CA MET A 53 -2.11 32.56 -27.23
C MET A 53 -2.94 32.12 -28.43
N VAL A 54 -3.21 33.05 -29.33
CA VAL A 54 -4.20 32.87 -30.40
C VAL A 54 -3.49 32.60 -31.71
N LEU A 55 -4.11 31.76 -32.54
CA LEU A 55 -3.54 31.29 -33.80
C LEU A 55 -4.26 31.94 -34.98
N LYS A 56 -3.48 32.59 -35.84
CA LYS A 56 -3.97 32.99 -37.16
C LYS A 56 -4.14 31.77 -38.04
N ASN A 57 -5.25 31.73 -38.78
CA ASN A 57 -5.44 30.83 -39.93
C ASN A 57 -5.17 29.37 -39.55
N VAL A 58 -5.90 28.86 -38.56
CA VAL A 58 -5.84 27.46 -38.16
C VAL A 58 -7.25 26.91 -38.09
N THR A 59 -7.50 25.85 -38.85
CA THR A 59 -8.74 25.10 -38.81
C THR A 59 -8.43 23.72 -38.24
N GLU A 60 -9.25 23.26 -37.29
CA GLU A 60 -8.88 22.14 -36.44
C GLU A 60 -10.05 21.21 -36.18
N ASN A 61 -9.79 19.92 -36.33
CA ASN A 61 -10.76 18.90 -35.99
C ASN A 61 -10.88 18.78 -34.48
N PHE A 62 -12.04 18.32 -34.03
CA PHE A 62 -12.35 18.20 -32.61
C PHE A 62 -13.46 17.18 -32.43
N ASN A 63 -13.27 16.30 -31.45
CA ASN A 63 -14.23 15.26 -31.12
C ASN A 63 -14.32 15.21 -29.60
N MET A 64 -15.20 16.04 -29.05
CA MET A 64 -15.35 16.10 -27.61
C MET A 64 -15.95 14.83 -27.04
N TRP A 65 -16.66 14.05 -27.87
CA TRP A 65 -17.25 12.81 -27.39
C TRP A 65 -16.20 11.73 -27.18
N LYS A 66 -15.22 11.65 -28.09
CA LYS A 66 -14.16 10.65 -28.03
C LYS A 66 -12.87 11.17 -27.40
N ASN A 67 -12.84 12.43 -26.94
CA ASN A 67 -11.59 13.02 -26.47
C ASN A 67 -11.03 12.25 -25.28
N ASP A 68 -9.71 12.03 -25.30
CA ASP A 68 -9.07 11.13 -24.35
C ASP A 68 -9.04 11.70 -22.94
N MET A 69 -9.01 13.02 -22.78
CA MET A 69 -8.71 13.63 -21.49
C MET A 69 -9.95 13.77 -20.60
N VAL A 70 -11.09 13.21 -20.98
CA VAL A 70 -12.20 13.04 -20.04
C VAL A 70 -12.00 11.75 -19.24
N ASP A 71 -11.39 10.73 -19.86
CA ASP A 71 -11.18 9.46 -19.19
C ASP A 71 -10.21 9.63 -18.02
N GLN A 72 -9.11 10.34 -18.24
CA GLN A 72 -8.14 10.57 -17.17
C GLN A 72 -8.74 11.39 -16.06
N MET A 73 -9.54 12.40 -16.42
CA MET A 73 -10.34 13.13 -15.45
C MET A 73 -11.19 12.20 -14.59
N HIS A 74 -11.95 11.29 -15.21
CA HIS A 74 -12.80 10.41 -14.40
C HIS A 74 -11.94 9.52 -13.50
N GLU A 75 -10.81 9.04 -14.02
CA GLU A 75 -9.91 8.21 -13.23
C GLU A 75 -9.36 8.99 -12.04
N ASP A 76 -9.04 10.27 -12.25
CA ASP A 76 -8.48 11.09 -11.19
C ASP A 76 -9.51 11.40 -10.12
N VAL A 77 -10.73 11.75 -10.53
CA VAL A 77 -11.76 12.09 -9.55
C VAL A 77 -12.11 10.88 -8.69
N ILE A 78 -12.14 9.70 -9.31
CA ILE A 78 -12.37 8.48 -8.55
C ILE A 78 -11.25 8.26 -7.54
N SER A 79 -10.00 8.35 -8.01
CA SER A 79 -8.87 7.94 -7.19
C SER A 79 -8.68 8.84 -5.97
N LEU A 80 -9.00 10.13 -6.10
CA LEU A 80 -8.78 11.06 -5.00
C LEU A 80 -9.65 10.70 -3.80
N TRP A 81 -10.93 10.40 -4.03
CA TRP A 81 -11.79 9.95 -2.94
C TRP A 81 -11.30 8.62 -2.38
N ASP A 82 -10.92 7.69 -3.27
CA ASP A 82 -10.49 6.37 -2.85
C ASP A 82 -9.29 6.41 -1.91
N GLN A 83 -8.29 7.23 -2.21
CA GLN A 83 -7.11 7.32 -1.36
C GLN A 83 -7.40 8.13 -0.10
N SER A 84 -8.23 9.16 -0.22
CA SER A 84 -8.52 10.02 0.93
C SER A 84 -9.35 9.31 2.00
N LEU A 85 -10.26 8.40 1.60
CA LEU A 85 -11.14 7.78 2.58
C LEU A 85 -10.44 6.73 3.43
N LYS A 86 -9.37 6.13 2.92
CA LYS A 86 -8.79 4.90 3.49
C LYS A 86 -8.47 4.98 4.97
N PRO A 87 -7.76 6.01 5.47
CA PRO A 87 -7.45 6.04 6.91
C PRO A 87 -8.66 6.27 7.81
N CYS A 88 -9.79 6.72 7.28
CA CYS A 88 -10.97 6.95 8.09
C CYS A 88 -11.53 5.63 8.62
N VAL A 89 -12.04 5.67 9.85
CA VAL A 89 -12.58 4.45 10.46
C VAL A 89 -13.86 4.04 9.75
N LYS A 90 -14.10 2.74 9.69
CA LYS A 90 -15.18 2.17 8.90
C LYS A 90 -16.43 1.96 9.75
N LEU A 91 -17.53 1.63 9.08
CA LEU A 91 -18.82 1.37 9.72
C LEU A 91 -19.13 -0.11 9.90
N THR A 92 -18.17 -1.00 9.60
CA THR A 92 -18.44 -2.44 9.53
C THR A 92 -19.09 -3.04 10.78
N PRO A 93 -18.66 -2.73 12.01
CA PRO A 93 -19.34 -3.33 13.18
C PRO A 93 -20.79 -2.91 13.32
N LEU A 94 -21.16 -1.69 12.91
CA LEU A 94 -22.54 -1.23 13.09
C LEU A 94 -23.52 -1.95 12.17
N CYS A 95 -23.04 -2.54 11.06
CA CYS A 95 -23.91 -3.22 10.10
C CYS A 95 -24.78 -4.30 10.73
N CYS A 96 -24.45 -4.77 11.94
CA CYS A 96 -25.30 -5.70 12.65
C CYS A 96 -26.71 -5.14 12.84
N THR A 97 -27.60 -6.02 13.28
CA THR A 97 -29.02 -5.81 13.10
C THR A 97 -29.57 -4.79 14.10
N LEU A 98 -30.78 -4.29 13.83
CA LEU A 98 -31.34 -3.13 14.48
C LEU A 98 -32.77 -3.40 14.94
N ASN A 99 -33.20 -2.69 16.00
CA ASN A 99 -34.55 -2.79 16.55
C ASN A 99 -34.97 -1.40 17.02
N CYS A 100 -35.84 -0.73 16.26
CA CYS A 100 -36.01 0.71 16.40
C CYS A 100 -37.48 1.09 16.21
N THR A 101 -37.78 2.36 16.47
CA THR A 101 -39.17 2.83 16.57
C THR A 101 -39.30 4.19 15.88
N ASN A 102 -40.50 4.75 15.95
CA ASN A 102 -40.71 6.14 15.54
C ASN A 102 -40.09 7.08 16.55
N ALA A 103 -39.52 8.18 16.06
CA ALA A 103 -38.82 9.14 16.91
C ALA A 103 -39.78 10.18 17.46
N THR A 104 -39.61 10.51 18.74
CA THR A 104 -40.35 11.60 19.38
C THR A 104 -39.48 12.84 19.36
N ALA A 105 -39.75 13.71 18.39
CA ALA A 105 -39.03 14.97 18.32
C ALA A 105 -39.41 15.87 19.48
N SER A 106 -38.65 16.95 19.64
CA SER A 106 -38.89 17.88 20.74
C SER A 106 -40.26 18.53 20.61
N ASN A 107 -41.04 18.48 21.69
CA ASN A 107 -42.39 19.02 21.77
C ASN A 107 -43.36 18.35 20.79
N SER A 108 -43.03 17.16 20.29
CA SER A 108 -43.84 16.46 19.30
C SER A 108 -43.93 14.98 19.66
N SER A 109 -45.12 14.41 19.50
CA SER A 109 -45.31 12.99 19.73
C SER A 109 -44.79 12.14 18.58
N ILE A 110 -44.65 12.71 17.38
CA ILE A 110 -44.19 11.96 16.21
C ILE A 110 -43.19 12.80 15.45
N ILE A 111 -42.49 12.14 14.53
CA ILE A 111 -41.92 12.75 13.34
C ILE A 111 -41.88 11.70 12.23
N GLU A 112 -42.57 12.01 11.12
CA GLU A 112 -42.79 11.10 10.01
C GLU A 112 -41.56 10.88 9.15
N GLY A 113 -40.53 11.72 9.28
CA GLY A 113 -39.33 11.55 8.51
C GLY A 113 -38.21 10.85 9.22
N MET A 114 -38.38 10.45 10.49
CA MET A 114 -37.26 10.03 11.32
C MET A 114 -37.61 8.72 12.01
N LYS A 115 -36.68 7.77 11.94
CA LYS A 115 -36.62 6.61 12.83
C LYS A 115 -35.64 6.88 13.98
N ASN A 116 -36.08 6.58 15.20
CA ASN A 116 -35.21 6.50 16.36
C ASN A 116 -35.35 5.08 16.91
N CYS A 117 -31.94 5.27 16.03
CA CYS A 117 -32.21 3.86 15.89
C CYS A 117 -31.28 3.14 16.86
N SER A 118 -31.82 2.16 17.57
CA SER A 118 -31.13 1.43 18.63
C SER A 118 -30.39 0.24 18.04
N PHE A 119 -29.18 -0.01 18.53
CA PHE A 119 -28.29 -0.98 17.90
C PHE A 119 -27.28 -1.50 18.89
N ASN A 120 -26.89 -2.76 18.69
CA ASN A 120 -25.75 -3.34 19.39
C ASN A 120 -24.46 -2.88 18.71
N ILE A 121 -23.40 -2.74 19.50
CA ILE A 121 -22.11 -2.35 18.97
C ILE A 121 -21.02 -2.69 19.99
N THR A 122 -19.82 -2.94 19.47
CA THR A 122 -18.65 -3.15 20.33
C THR A 122 -18.15 -1.79 20.81
N THR A 123 -18.25 -1.55 22.12
CA THR A 123 -17.88 -0.24 22.67
C THR A 123 -16.40 -0.10 22.94
N GLU A 124 -15.74 -1.18 23.37
CA GLU A 124 -14.28 -1.17 23.52
C GLU A 124 -13.71 -1.53 22.16
N LEU A 125 -12.40 -1.79 22.07
CA LEU A 125 -11.80 -2.08 20.77
C LEU A 125 -12.38 -3.35 20.17
N ARG A 126 -12.34 -4.46 20.93
CA ARG A 126 -12.76 -5.76 20.41
C ARG A 126 -13.52 -6.59 21.46
N CYS A 127 -14.40 -5.98 22.26
CA CYS A 127 -15.19 -6.69 23.24
C CYS A 127 -16.21 -5.75 23.87
N LYS A 128 -16.97 -6.27 24.84
CA LYS A 128 -18.00 -5.52 25.55
C LYS A 128 -19.11 -5.03 24.63
N ARG A 129 -19.87 -5.96 24.07
CA ARG A 129 -21.10 -5.62 23.36
C ARG A 129 -22.04 -4.88 24.31
N GLU A 130 -22.67 -3.81 23.81
CA GLU A 130 -23.66 -3.09 24.58
C GLU A 130 -24.65 -2.44 23.64
N LYS A 131 -25.72 -1.89 24.22
CA LYS A 131 -26.75 -1.19 23.45
C LYS A 131 -26.38 0.28 23.33
N LYS A 132 -26.75 0.88 22.20
CA LYS A 132 -26.53 2.30 21.96
C LYS A 132 -27.59 2.76 20.97
N ASN A 133 -27.85 4.07 20.98
CA ASN A 133 -28.91 4.64 20.17
C ASN A 133 -28.47 5.93 19.49
N ALA A 134 -29.12 6.21 18.37
CA ALA A 134 -28.87 7.35 17.52
C ALA A 134 -30.17 7.58 16.75
N LEU A 135 -30.11 8.27 15.63
CA LEU A 135 -31.23 8.28 14.71
C LEU A 135 -30.73 8.46 13.28
N PHE A 136 -31.54 7.99 12.33
CA PHE A 136 -31.18 7.97 10.93
C PHE A 136 -32.33 8.43 10.05
N TYR A 137 -31.97 8.74 8.83
CA TYR A 137 -32.93 9.07 7.80
C TYR A 137 -33.51 7.74 7.33
N LYS A 138 -34.74 7.73 6.81
CA LYS A 138 -35.26 6.45 6.30
C LYS A 138 -34.38 5.83 5.24
N LEU A 139 -33.95 6.60 4.24
CA LEU A 139 -33.49 5.94 3.04
C LEU A 139 -32.09 5.36 3.17
N ASP A 140 -31.58 5.19 4.39
CA ASP A 140 -30.51 4.25 4.69
C ASP A 140 -31.00 3.01 5.45
N ILE A 141 -32.32 2.83 5.60
CA ILE A 141 -32.91 1.81 6.46
C ILE A 141 -33.86 0.93 5.66
N VAL A 142 -33.86 -0.37 5.96
CA VAL A 142 -34.78 -1.33 5.36
C VAL A 142 -35.20 -2.34 6.42
N GLN A 143 -36.17 -3.18 6.08
CA GLN A 143 -36.80 -4.06 7.07
C GLN A 143 -37.69 -5.10 6.38
N LEU A 144 -37.57 -6.36 6.81
CA LEU A 144 -38.71 -7.26 6.66
C LEU A 144 -38.98 -8.20 7.83
N ASP A 145 -37.94 -8.80 8.42
CA ASP A 145 -38.09 -10.19 8.86
C ASP A 145 -38.24 -10.31 10.38
N GLY A 146 -38.49 -11.54 10.81
CA GLY A 146 -38.66 -11.92 12.20
C GLY A 146 -40.12 -12.11 12.57
N ASN A 147 -40.35 -12.94 13.60
CA ASN A 147 -41.69 -13.03 14.18
C ASN A 147 -42.17 -11.67 14.65
N SER A 148 -41.28 -10.87 15.23
CA SER A 148 -41.44 -9.43 15.33
C SER A 148 -40.40 -8.79 14.42
N SER A 149 -40.64 -7.53 14.04
CA SER A 149 -39.87 -6.92 12.96
C SER A 149 -38.41 -6.77 13.33
N GLN A 150 -37.61 -6.32 12.36
CA GLN A 150 -36.16 -6.33 12.46
C GLN A 150 -35.59 -5.44 11.36
N TYR A 151 -34.68 -4.54 11.73
CA TYR A 151 -34.27 -3.43 10.87
C TYR A 151 -32.79 -3.55 10.53
N ARG A 152 -32.39 -2.90 9.43
CA ARG A 152 -31.09 -3.10 8.82
C ARG A 152 -30.75 -1.86 7.98
N LEU A 153 -29.45 -1.59 7.81
CA LEU A 153 -29.03 -0.49 6.96
C LEU A 153 -29.14 -0.87 5.49
N ILE A 154 -29.26 0.15 4.62
CA ILE A 154 -29.62 -0.11 3.23
C ILE A 154 -28.52 -0.89 2.50
N ASN A 155 -27.26 -0.50 2.72
CA ASN A 155 -26.16 -0.92 1.83
C ASN A 155 -25.14 -1.83 2.49
N CYS A 156 -25.10 -1.91 3.82
CA CYS A 156 -24.00 -2.60 4.49
C CYS A 156 -23.98 -4.09 4.18
N ASP A 157 -25.11 -4.68 3.79
CA ASP A 157 -25.11 -6.09 3.42
C ASP A 157 -24.38 -6.30 2.09
N THR A 158 -24.73 -5.51 1.08
CA THR A 158 -24.17 -5.70 -0.25
C THR A 158 -22.76 -5.14 -0.38
N SER A 159 -22.46 -4.07 0.35
CA SER A 159 -21.23 -3.30 0.12
C SER A 159 -20.68 -2.81 1.45
N VAL A 160 -19.37 -2.58 1.47
CA VAL A 160 -18.72 -1.95 2.62
C VAL A 160 -19.04 -0.46 2.60
N ILE A 161 -19.09 0.13 3.79
CA ILE A 161 -19.39 1.56 3.97
C ILE A 161 -18.25 2.17 4.77
N THR A 162 -17.83 3.37 4.36
CA THR A 162 -16.86 4.17 5.09
C THR A 162 -17.37 5.60 5.19
N GLN A 163 -17.26 6.18 6.38
CA GLN A 163 -17.68 7.56 6.59
C GLN A 163 -16.47 8.46 6.33
N VAL A 164 -16.72 9.59 5.67
CA VAL A 164 -15.64 10.52 5.37
C VAL A 164 -15.03 11.04 6.66
N CYS A 165 -13.71 11.23 6.65
CA CYS A 165 -13.04 11.80 7.80
C CYS A 165 -13.62 13.18 8.11
N PRO A 166 -14.03 13.46 9.35
CA PRO A 166 -14.95 14.59 9.57
C PRO A 166 -14.36 15.95 9.24
N LYS A 167 -13.06 16.11 9.40
CA LYS A 167 -12.44 17.42 9.15
C LYS A 167 -12.29 17.71 7.68
N LEU A 168 -12.39 16.69 6.81
CA LEU A 168 -12.28 16.89 5.38
C LEU A 168 -13.56 17.48 4.82
N SER A 169 -13.42 18.40 3.87
CA SER A 169 -14.54 19.15 3.30
C SER A 169 -14.88 18.60 1.92
N PHE A 170 -16.18 18.61 1.60
CA PHE A 170 -16.63 18.11 0.30
C PHE A 170 -16.67 19.20 -0.76
N ASP A 171 -16.51 20.46 -0.37
CA ASP A 171 -16.83 21.55 -1.27
C ASP A 171 -15.88 21.54 -2.47
N PRO A 172 -16.37 21.77 -3.69
CA PRO A 172 -15.46 21.77 -4.83
C PRO A 172 -14.69 23.08 -4.93
N ILE A 173 -13.57 23.00 -5.64
CA ILE A 173 -12.70 24.15 -5.89
C ILE A 173 -12.28 24.14 -7.35
N PRO A 174 -11.91 25.31 -7.89
CA PRO A 174 -11.40 25.32 -9.27
C PRO A 174 -10.08 24.57 -9.37
N ILE A 175 -10.03 23.62 -10.30
CA ILE A 175 -8.81 22.88 -10.62
C ILE A 175 -8.48 23.19 -12.08
N HIS A 176 -7.24 23.59 -12.32
CA HIS A 176 -6.73 23.74 -13.67
C HIS A 176 -6.06 22.43 -14.08
N TYR A 177 -5.95 22.23 -15.40
CA TYR A 177 -5.36 21.02 -15.95
C TYR A 177 -4.39 21.40 -17.05
N CYS A 178 -3.13 20.97 -16.90
CA CYS A 178 -2.03 21.38 -17.75
C CYS A 178 -1.45 20.17 -18.47
N ALA A 179 -0.96 20.41 -19.68
CA ALA A 179 -0.27 19.36 -20.40
C ALA A 179 1.14 19.19 -19.85
N PRO A 180 1.71 17.98 -19.87
CA PRO A 180 3.11 17.84 -19.50
C PRO A 180 4.03 18.33 -20.61
N ALA A 181 5.33 18.21 -20.38
CA ALA A 181 6.31 18.64 -21.36
C ALA A 181 6.15 17.86 -22.66
N GLY A 182 6.17 18.58 -23.79
CA GLY A 182 6.07 17.98 -25.09
C GLY A 182 4.67 17.94 -25.68
N TYR A 183 3.68 18.53 -25.02
CA TYR A 183 2.30 18.49 -25.47
C TYR A 183 1.64 19.83 -25.19
N ALA A 184 0.51 20.07 -25.83
CA ALA A 184 -0.20 21.34 -25.74
C ALA A 184 -1.71 21.08 -25.72
N ILE A 185 -2.46 22.17 -25.50
CA ILE A 185 -3.92 22.11 -25.36
C ILE A 185 -4.54 23.15 -26.27
N LEU A 186 -5.61 22.78 -26.96
CA LEU A 186 -6.34 23.64 -27.90
C LEU A 186 -7.75 23.88 -27.36
N LYS A 187 -8.44 24.92 -27.87
CA LYS A 187 -9.58 25.47 -27.14
C LYS A 187 -10.89 25.63 -27.93
N CYS A 188 -10.86 26.05 -29.20
CA CYS A 188 -12.07 26.60 -29.83
C CYS A 188 -12.64 27.83 -29.12
N ASN A 189 -11.99 28.98 -29.28
CA ASN A 189 -12.57 30.27 -28.95
C ASN A 189 -13.92 30.54 -29.64
N ASN A 190 -14.30 29.76 -30.67
CA ASN A 190 -15.61 29.90 -31.30
C ASN A 190 -16.73 29.80 -30.26
N LYS A 191 -17.68 30.72 -30.35
CA LYS A 191 -18.73 30.86 -29.34
C LYS A 191 -19.99 30.10 -29.67
N THR A 192 -20.04 29.36 -30.79
CA THR A 192 -21.20 28.57 -31.17
C THR A 192 -20.82 27.18 -31.66
N PHE A 193 -19.76 26.58 -31.11
CA PHE A 193 -19.29 25.30 -31.61
C PHE A 193 -20.25 24.19 -31.23
N THR A 194 -20.49 23.28 -32.18
CA THR A 194 -21.41 22.17 -31.97
C THR A 194 -20.83 21.10 -31.06
N GLY A 195 -19.51 20.99 -30.97
CA GLY A 195 -18.84 19.95 -30.23
C GLY A 195 -18.04 18.98 -31.09
N THR A 196 -18.42 18.81 -32.35
CA THR A 196 -17.72 17.91 -33.27
C THR A 196 -17.57 18.60 -34.61
N GLY A 197 -16.56 18.17 -35.37
CA GLY A 197 -16.27 18.74 -36.66
C GLY A 197 -15.18 19.80 -36.58
N PRO A 198 -14.82 20.38 -37.72
CA PRO A 198 -13.74 21.37 -37.72
C PRO A 198 -14.10 22.63 -36.96
N CYS A 199 -13.07 23.29 -36.46
CA CYS A 199 -13.20 24.48 -35.61
C CYS A 199 -12.44 25.63 -36.25
N ASN A 200 -13.17 26.70 -36.59
CA ASN A 200 -12.63 27.74 -37.46
C ASN A 200 -11.78 28.78 -36.74
N ASN A 201 -11.73 28.77 -35.41
CA ASN A 201 -10.92 29.72 -34.66
C ASN A 201 -10.39 29.01 -33.43
N VAL A 202 -9.06 28.90 -33.33
CA VAL A 202 -8.41 28.05 -32.34
C VAL A 202 -7.32 28.84 -31.64
N SER A 203 -7.22 28.63 -30.33
CA SER A 203 -6.16 29.20 -29.51
C SER A 203 -5.63 28.11 -28.59
N THR A 204 -4.40 28.30 -28.10
CA THR A 204 -3.72 27.30 -27.28
C THR A 204 -3.29 27.90 -25.96
N VAL A 205 -3.14 27.03 -24.97
CA VAL A 205 -2.83 27.43 -23.61
C VAL A 205 -2.18 26.24 -22.90
N GLN A 206 -1.22 26.54 -22.01
CA GLN A 206 -0.60 25.47 -21.23
C GLN A 206 -1.60 24.79 -20.30
N CYS A 207 -2.43 25.57 -19.61
CA CYS A 207 -3.40 25.05 -18.65
C CYS A 207 -4.79 25.55 -18.99
N THR A 208 -5.78 24.68 -18.80
CA THR A 208 -7.18 25.07 -18.97
C THR A 208 -7.57 26.04 -17.85
N HIS A 209 -8.74 26.66 -18.01
CA HIS A 209 -9.26 27.47 -16.92
C HIS A 209 -9.71 26.55 -15.78
N GLY A 210 -9.97 27.14 -14.62
CA GLY A 210 -10.39 26.36 -13.48
C GLY A 210 -11.69 25.64 -13.76
N ILE A 211 -11.71 24.34 -13.43
CA ILE A 211 -12.89 23.49 -13.57
C ILE A 211 -13.25 22.97 -12.18
N LYS A 212 -14.54 22.98 -11.88
CA LYS A 212 -15.02 22.70 -10.53
C LYS A 212 -15.66 21.32 -10.50
N PRO A 213 -15.09 20.31 -9.81
CA PRO A 213 -15.74 18.99 -9.80
C PRO A 213 -17.03 18.94 -8.98
N VAL A 214 -18.05 19.63 -9.48
CA VAL A 214 -19.36 19.64 -8.83
C VAL A 214 -20.02 18.29 -9.07
N LEU A 215 -20.40 17.62 -7.99
CA LEU A 215 -21.20 16.40 -8.10
C LEU A 215 -22.66 16.79 -8.26
N SER A 216 -23.27 16.39 -9.37
CA SER A 216 -24.66 16.74 -9.60
C SER A 216 -25.26 15.87 -10.69
N THR A 217 -26.56 15.63 -10.56
CA THR A 217 -27.38 15.10 -11.62
C THR A 217 -28.50 16.09 -11.87
N GLN A 218 -29.12 15.97 -13.05
CA GLN A 218 -30.39 16.62 -13.38
C GLN A 218 -30.25 18.12 -13.65
N LEU A 219 -29.09 18.72 -13.36
CA LEU A 219 -28.84 20.14 -13.48
C LEU A 219 -27.35 20.40 -13.37
N LEU A 220 -26.81 21.18 -14.30
CA LEU A 220 -25.42 21.65 -14.20
C LEU A 220 -25.40 22.94 -13.40
N LEU A 221 -24.76 22.91 -12.23
CA LEU A 221 -24.74 24.04 -11.32
C LEU A 221 -23.31 24.30 -10.87
N ASN A 222 -23.06 25.56 -10.46
CA ASN A 222 -21.72 26.01 -10.11
C ASN A 222 -20.73 25.77 -11.25
N GLY A 223 -21.21 25.94 -12.48
CA GLY A 223 -20.42 25.70 -13.67
C GLY A 223 -20.17 26.96 -14.47
N SER A 224 -19.84 26.75 -15.75
CA SER A 224 -19.55 27.83 -16.68
C SER A 224 -20.81 28.20 -17.47
N LEU A 225 -20.66 29.17 -18.38
CA LEU A 225 -21.72 29.63 -19.26
C LEU A 225 -21.22 29.74 -20.68
N ALA A 226 -22.11 29.47 -21.63
CA ALA A 226 -21.79 29.71 -23.04
C ALA A 226 -21.77 31.21 -23.31
N GLU A 227 -20.77 31.65 -24.08
CA GLU A 227 -20.60 33.06 -24.38
C GLU A 227 -21.58 33.56 -25.42
N GLY A 228 -21.96 32.74 -26.38
CA GLY A 228 -22.94 33.12 -27.37
C GLY A 228 -24.35 32.76 -26.94
N GLU A 229 -25.17 32.31 -27.87
CA GLU A 229 -26.50 31.84 -27.53
C GLU A 229 -26.40 30.49 -26.80
N ILE A 230 -27.55 29.97 -26.40
CA ILE A 230 -27.59 28.64 -25.78
C ILE A 230 -27.16 27.60 -26.80
N ILE A 231 -26.42 26.60 -26.35
CA ILE A 231 -25.86 25.56 -27.20
C ILE A 231 -26.44 24.23 -26.76
N ILE A 232 -26.92 23.44 -27.73
CA ILE A 232 -27.48 22.12 -27.50
C ILE A 232 -26.60 21.12 -28.25
N ARG A 233 -26.00 20.19 -27.52
CA ARG A 233 -25.01 19.26 -28.04
C ARG A 233 -25.52 17.83 -27.90
N SER A 234 -25.35 17.04 -28.96
CA SER A 234 -25.87 15.69 -28.99
C SER A 234 -25.01 14.81 -29.88
N GLU A 235 -25.12 13.50 -29.67
CA GLU A 235 -24.52 12.55 -30.60
C GLU A 235 -25.04 12.78 -32.02
N ASN A 236 -24.11 12.66 -32.96
CA ASN A 236 -24.31 13.08 -34.34
C ASN A 236 -24.68 11.95 -35.30
N ILE A 237 -24.74 10.70 -34.84
CA ILE A 237 -24.97 9.60 -35.76
C ILE A 237 -26.43 9.56 -36.19
N THR A 238 -27.35 9.67 -35.24
CA THR A 238 -28.76 9.40 -35.47
C THR A 238 -29.61 10.46 -34.77
N LYS A 239 -30.88 10.52 -35.18
CA LYS A 239 -31.83 11.42 -34.55
C LYS A 239 -31.99 11.09 -33.08
N ASN A 240 -32.29 9.83 -32.76
CA ASN A 240 -32.23 9.38 -31.38
C ASN A 240 -30.79 9.35 -30.93
N VAL A 241 -30.55 9.83 -29.70
CA VAL A 241 -29.20 10.09 -29.22
C VAL A 241 -29.07 9.58 -27.79
N LYS A 242 -27.82 9.31 -27.40
CA LYS A 242 -27.55 8.79 -26.07
C LYS A 242 -27.88 9.81 -25.00
N THR A 243 -27.46 11.07 -25.20
CA THR A 243 -27.71 12.14 -24.26
C THR A 243 -27.70 13.46 -25.02
N ILE A 244 -28.31 14.48 -24.44
CA ILE A 244 -28.29 15.84 -24.96
C ILE A 244 -27.88 16.79 -23.85
N ILE A 245 -26.99 17.73 -24.17
CA ILE A 245 -26.47 18.71 -23.22
C ILE A 245 -26.91 20.09 -23.68
N VAL A 246 -27.67 20.78 -22.83
CA VAL A 246 -28.07 22.17 -23.06
C VAL A 246 -27.29 23.02 -22.06
N HIS A 247 -26.70 24.11 -22.55
CA HIS A 247 -25.77 24.92 -21.79
C HIS A 247 -26.14 26.39 -21.93
N LEU A 248 -26.74 26.94 -20.88
CA LEU A 248 -27.33 28.27 -20.91
C LEU A 248 -26.26 29.35 -21.11
N ASN A 249 -26.70 30.48 -21.67
CA ASN A 249 -25.88 31.69 -21.75
C ASN A 249 -26.17 32.67 -20.61
N GLU A 250 -27.18 32.40 -19.78
CA GLU A 250 -27.45 33.19 -18.59
C GLU A 250 -27.81 32.20 -17.49
N SER A 251 -27.25 32.43 -16.30
CA SER A 251 -27.39 31.47 -15.20
C SER A 251 -28.40 31.98 -14.18
N VAL A 252 -29.24 31.06 -13.70
CA VAL A 252 -30.38 31.37 -12.84
C VAL A 252 -30.04 30.95 -11.42
N LYS A 253 -30.40 31.79 -10.46
CA LYS A 253 -30.03 31.56 -9.06
C LYS A 253 -30.87 30.42 -8.48
N ILE A 254 -30.22 29.56 -7.70
CA ILE A 254 -30.89 28.58 -6.85
C ILE A 254 -30.36 28.74 -5.43
N GLU A 255 -31.27 28.81 -4.47
CA GLU A 255 -30.94 28.78 -3.06
C GLU A 255 -31.64 27.58 -2.42
N CYS A 256 -31.01 27.03 -1.38
CA CYS A 256 -31.55 25.89 -0.67
C CYS A 256 -31.23 26.03 0.81
N THR A 257 -32.03 25.37 1.64
CA THR A 257 -31.82 25.42 3.09
C THR A 257 -32.33 24.14 3.72
N ARG A 258 -31.67 23.75 4.82
CA ARG A 258 -32.12 22.69 5.69
C ARG A 258 -32.43 23.31 7.04
N PRO A 259 -33.69 23.69 7.33
CA PRO A 259 -33.93 24.57 8.48
C PRO A 259 -33.80 23.91 9.84
N ASN A 260 -34.06 22.60 9.96
CA ASN A 260 -34.04 21.97 11.28
C ASN A 260 -32.64 21.99 11.87
N ASN A 261 -32.56 22.35 13.15
CA ASN A 261 -31.30 22.36 13.88
C ASN A 261 -30.99 20.96 14.38
N LYS A 262 -29.79 20.48 14.07
CA LYS A 262 -29.34 19.14 14.41
C LYS A 262 -28.19 19.24 15.41
N THR A 263 -28.28 18.51 16.52
CA THR A 263 -27.15 18.34 17.43
C THR A 263 -26.57 16.95 17.21
N ARG A 264 -25.27 16.83 17.41
CA ARG A 264 -24.53 15.62 17.11
C ARG A 264 -24.39 14.73 18.34
N THR A 265 -24.25 13.43 18.08
CA THR A 265 -23.95 12.43 19.09
C THR A 265 -22.89 11.48 18.53
N SER A 266 -21.90 11.16 19.35
CA SER A 266 -20.73 10.39 18.93
C SER A 266 -20.68 9.06 19.66
N ILE A 267 -20.33 8.00 18.92
CA ILE A 267 -20.23 6.65 19.45
C ILE A 267 -18.82 6.15 19.15
N ARG A 268 -18.15 5.64 20.17
CA ARG A 268 -16.81 5.08 20.03
C ARG A 268 -16.92 3.59 19.73
N ILE A 269 -16.43 3.18 18.57
CA ILE A 269 -16.45 1.79 18.17
C ILE A 269 -15.45 1.03 19.03
N GLY A 270 -13.60 3.62 17.81
CA GLY A 270 -12.50 2.67 17.89
C GLY A 270 -11.29 3.28 18.57
N PRO A 271 -10.14 2.61 18.49
CA PRO A 271 -8.94 3.15 19.11
C PRO A 271 -8.43 4.37 18.35
N GLY A 272 -8.59 5.56 18.95
CA GLY A 272 -8.32 6.79 18.22
C GLY A 272 -9.27 7.01 17.07
N GLN A 273 -10.51 6.49 17.18
CA GLN A 273 -11.49 6.52 16.12
C GLN A 273 -12.85 6.80 16.73
N ALA A 274 -13.83 7.13 15.88
CA ALA A 274 -15.16 7.46 16.36
C ALA A 274 -16.17 7.42 15.23
N PHE A 275 -17.20 6.59 15.38
CA PHE A 275 -18.35 6.67 14.51
C PHE A 275 -19.17 7.91 14.87
N TYR A 276 -19.55 8.68 13.86
CA TYR A 276 -20.23 9.95 14.05
C TYR A 276 -21.71 9.75 13.74
N ALA A 277 -22.55 9.94 14.75
CA ALA A 277 -23.96 9.60 14.67
C ALA A 277 -24.81 10.85 14.74
N THR A 278 -26.06 10.72 14.28
CA THR A 278 -27.03 11.80 14.31
C THR A 278 -27.93 11.65 15.52
N GLY A 279 -28.04 12.71 16.32
CA GLY A 279 -28.76 12.67 17.58
C GLY A 279 -30.06 13.45 17.58
N GLN A 280 -30.33 14.14 18.68
CA GLN A 280 -31.60 14.83 18.91
C GLN A 280 -31.85 15.87 17.83
N VAL A 281 -33.11 16.02 17.44
CA VAL A 281 -33.52 17.08 16.50
C VAL A 281 -34.00 18.28 17.29
N ILE A 282 -33.71 19.48 16.78
CA ILE A 282 -34.03 20.74 17.44
C ILE A 282 -34.62 21.70 16.42
N GLY A 283 -35.60 22.49 16.87
CA GLY A 283 -36.23 23.52 16.05
C GLY A 283 -37.52 23.05 15.42
N ASP A 284 -38.26 24.03 14.89
CA ASP A 284 -39.50 23.74 14.17
C ASP A 284 -39.15 22.93 12.92
N ILE A 285 -39.81 21.78 12.75
CA ILE A 285 -39.36 20.82 11.76
C ILE A 285 -39.94 21.16 10.40
N ARG A 286 -39.08 21.20 9.38
CA ARG A 286 -39.49 21.27 8.00
C ARG A 286 -38.54 20.43 7.15
N GLU A 287 -39.04 19.95 6.01
CA GLU A 287 -38.18 19.32 5.04
C GLU A 287 -37.35 20.37 4.31
N ALA A 288 -36.24 19.94 3.73
CA ALA A 288 -35.39 20.84 2.97
C ALA A 288 -36.07 21.21 1.66
N TYR A 289 -35.85 22.46 1.23
CA TYR A 289 -36.48 22.97 0.02
C TYR A 289 -35.57 23.97 -0.65
N CYS A 290 -35.81 24.16 -1.95
CA CYS A 290 -35.06 25.09 -2.78
C CYS A 290 -36.02 26.01 -3.51
N ASN A 291 -35.52 27.18 -3.91
CA ASN A 291 -36.32 28.25 -4.49
C ASN A 291 -35.70 28.75 -5.77
N ILE A 292 -36.54 28.98 -6.78
CA ILE A 292 -36.13 29.41 -8.11
C ILE A 292 -37.02 30.57 -8.54
N ASN A 293 -36.45 31.51 -9.28
CA ASN A 293 -37.25 32.58 -9.85
C ASN A 293 -38.16 32.01 -10.93
N GLU A 294 -39.45 32.38 -10.87
CA GLU A 294 -40.44 31.76 -11.73
C GLU A 294 -40.39 32.32 -13.15
N SER A 295 -40.54 33.64 -13.27
CA SER A 295 -40.66 34.25 -14.60
C SER A 295 -39.39 34.08 -15.41
N LYS A 296 -38.22 34.24 -14.78
CA LYS A 296 -36.97 34.00 -15.48
C LYS A 296 -36.89 32.56 -15.98
N TRP A 297 -37.43 31.62 -15.20
CA TRP A 297 -37.41 30.23 -15.64
C TRP A 297 -38.34 30.01 -16.83
N ASN A 298 -39.48 30.71 -16.85
CA ASN A 298 -40.38 30.61 -18.00
C ASN A 298 -39.68 31.06 -19.28
N GLU A 299 -38.95 32.17 -19.19
CA GLU A 299 -38.16 32.63 -20.33
C GLU A 299 -37.08 31.61 -20.69
N THR A 300 -36.49 30.97 -19.67
CA THR A 300 -35.44 29.99 -19.92
C THR A 300 -35.99 28.80 -20.71
N LEU A 301 -37.17 28.31 -20.33
CA LEU A 301 -37.76 27.18 -21.05
C LEU A 301 -38.23 27.58 -22.44
N GLN A 302 -38.71 28.81 -22.60
CA GLN A 302 -39.06 29.28 -23.94
C GLN A 302 -37.83 29.33 -24.84
N ARG A 303 -36.70 29.77 -24.28
CA ARG A 303 -35.49 29.93 -25.09
C ARG A 303 -34.95 28.58 -25.53
N VAL A 304 -34.81 27.63 -24.60
CA VAL A 304 -34.26 26.33 -24.95
C VAL A 304 -35.18 25.59 -25.92
N SER A 305 -36.49 25.73 -25.72
CA SER A 305 -37.44 25.10 -26.63
C SER A 305 -37.41 25.77 -28.00
N LYS A 306 -37.11 27.06 -28.04
CA LYS A 306 -37.05 27.77 -29.31
C LYS A 306 -35.94 27.24 -30.21
N LYS A 307 -34.91 26.63 -29.62
CA LYS A 307 -33.77 26.12 -30.38
C LYS A 307 -33.85 24.62 -30.60
N LEU A 308 -34.45 23.90 -29.65
CA LEU A 308 -34.77 22.50 -29.90
C LEU A 308 -35.61 22.37 -31.17
N LYS A 309 -36.51 23.32 -31.40
CA LYS A 309 -37.39 23.29 -32.56
C LYS A 309 -36.64 23.42 -33.87
N GLU A 310 -35.49 24.11 -33.89
CA GLU A 310 -34.73 24.25 -35.13
C GLU A 310 -34.31 22.89 -35.68
N TYR A 311 -33.90 21.98 -34.80
CA TYR A 311 -33.60 20.62 -35.19
C TYR A 311 -34.84 19.84 -35.61
N PHE A 312 -36.00 20.17 -35.06
CA PHE A 312 -37.06 19.22 -34.75
C PHE A 312 -38.36 19.97 -35.03
N PRO A 313 -38.62 20.34 -36.29
CA PRO A 313 -39.44 21.51 -36.58
C PRO A 313 -40.95 21.36 -36.45
N HIS A 314 -41.49 20.19 -36.10
CA HIS A 314 -42.94 20.04 -36.02
C HIS A 314 -43.47 20.64 -34.72
N LYS A 315 -44.77 20.47 -34.47
CA LYS A 315 -45.50 21.31 -33.52
C LYS A 315 -45.11 21.10 -32.07
N ASN A 316 -45.31 19.89 -31.55
CA ASN A 316 -45.27 19.63 -30.11
C ASN A 316 -43.85 19.42 -29.59
N ILE A 317 -43.62 19.89 -28.37
CA ILE A 317 -42.54 19.43 -27.51
C ILE A 317 -43.14 19.24 -26.12
N THR A 318 -42.91 18.07 -25.52
CA THR A 318 -43.52 17.69 -24.24
C THR A 318 -42.44 17.25 -23.26
N PHE A 319 -41.83 19.74 -21.37
CA PHE A 319 -40.97 18.77 -20.68
C PHE A 319 -41.74 18.05 -19.58
N GLN A 320 -41.35 16.80 -19.32
CA GLN A 320 -41.99 15.89 -18.37
C GLN A 320 -41.09 15.64 -17.17
N PRO A 321 -41.63 15.14 -16.07
CA PRO A 321 -40.80 14.81 -14.91
C PRO A 321 -39.98 13.55 -15.17
N SER A 322 -39.31 13.08 -14.13
CA SER A 322 -38.45 11.92 -14.23
C SER A 322 -39.25 10.69 -14.66
N SER A 323 -38.56 9.75 -15.30
CA SER A 323 -39.20 8.53 -15.78
C SER A 323 -39.57 7.62 -14.62
N GLY A 324 -38.57 7.16 -13.87
CA GLY A 324 -38.82 6.27 -12.76
C GLY A 324 -37.56 5.51 -12.39
N GLY A 325 -37.77 4.32 -11.81
CA GLY A 325 -36.66 3.53 -11.31
C GLY A 325 -36.33 3.92 -9.89
N ASP A 326 -35.13 3.56 -9.46
CA ASP A 326 -34.67 3.89 -8.12
C ASP A 326 -34.55 5.40 -7.97
N LEU A 327 -34.44 5.85 -6.73
CA LEU A 327 -34.49 7.28 -6.43
C LEU A 327 -33.37 8.06 -7.11
N GLU A 328 -32.22 7.42 -7.32
CA GLU A 328 -31.00 8.16 -7.66
C GLU A 328 -31.16 8.98 -8.93
N ILE A 329 -31.99 8.50 -9.85
CA ILE A 329 -32.30 9.29 -11.05
C ILE A 329 -33.38 10.32 -10.74
N THR A 330 -34.48 9.87 -10.16
CA THR A 330 -35.74 10.62 -10.17
C THR A 330 -35.75 11.84 -9.29
N THR A 331 -34.64 12.23 -8.66
CA THR A 331 -34.56 13.47 -7.91
C THR A 331 -33.32 14.22 -8.34
N HIS A 332 -33.38 15.55 -8.31
CA HIS A 332 -32.21 16.33 -8.63
C HIS A 332 -31.23 16.30 -7.47
N SER A 333 -29.96 16.01 -7.79
CA SER A 333 -28.96 15.65 -6.79
C SER A 333 -27.86 16.70 -6.75
N PHE A 334 -27.41 17.01 -5.54
CA PHE A 334 -26.25 17.87 -5.32
C PHE A 334 -25.90 17.78 -3.84
N ASN A 335 -24.82 18.47 -3.47
CA ASN A 335 -24.42 18.57 -2.08
C ASN A 335 -24.03 20.01 -1.79
N CYS A 336 -24.27 20.42 -0.55
CA CYS A 336 -23.98 21.79 -0.14
C CYS A 336 -23.79 21.85 1.36
N GLY A 337 -22.75 22.57 1.77
CA GLY A 337 -22.43 22.74 3.17
C GLY A 337 -21.70 21.53 3.70
N GLY A 338 -22.44 20.48 4.03
CA GLY A 338 -21.82 19.21 4.35
C GLY A 338 -22.64 17.97 4.06
N GLU A 339 -23.78 18.09 3.37
CA GLU A 339 -24.67 16.96 3.13
C GLU A 339 -25.23 17.02 1.72
N PHE A 340 -25.87 15.92 1.33
CA PHE A 340 -26.18 15.64 -0.07
C PHE A 340 -27.69 15.70 -0.33
N PHE A 341 -28.11 16.73 -1.07
CA PHE A 341 -29.52 17.05 -1.24
C PHE A 341 -30.06 16.29 -2.44
N TYR A 342 -31.28 15.75 -2.30
CA TYR A 342 -31.99 15.08 -3.39
C TYR A 342 -33.40 15.65 -3.49
N CYS A 343 -33.75 16.22 -4.65
CA CYS A 343 -34.96 17.02 -4.78
C CYS A 343 -35.86 16.51 -5.90
N ASN A 344 -37.14 16.33 -5.56
CA ASN A 344 -38.16 15.97 -6.55
C ASN A 344 -38.37 17.15 -7.50
N THR A 345 -37.90 17.00 -8.73
CA THR A 345 -37.92 18.10 -9.69
C THR A 345 -39.21 18.17 -10.48
N SER A 346 -40.21 17.35 -10.16
CA SER A 346 -41.36 17.17 -11.05
C SER A 346 -42.15 18.45 -11.24
N SER A 347 -42.33 19.22 -10.17
CA SER A 347 -43.06 20.48 -10.27
C SER A 347 -42.36 21.48 -11.19
N LEU A 348 -41.06 21.32 -11.41
CA LEU A 348 -40.27 22.32 -12.11
C LEU A 348 -40.21 22.06 -13.62
N PHE A 349 -40.54 20.84 -14.06
CA PHE A 349 -40.42 20.40 -15.47
C PHE A 349 -41.76 19.83 -15.96
N ASN A 350 -42.85 20.59 -15.78
CA ASN A 350 -44.18 20.17 -16.21
C ASN A 350 -44.74 20.97 -17.38
N ARG A 351 -43.89 21.64 -18.17
CA ARG A 351 -44.38 22.53 -19.22
C ARG A 351 -44.56 21.77 -20.54
N THR A 352 -45.34 22.39 -21.44
CA THR A 352 -45.57 21.89 -22.80
C THR A 352 -45.80 23.07 -23.72
N TYR A 353 -45.22 23.00 -24.93
CA TYR A 353 -45.28 24.07 -25.92
C TYR A 353 -45.77 23.56 -27.26
N MET A 354 -46.28 24.51 -28.07
CA MET A 354 -46.79 24.27 -29.41
C MET A 354 -46.15 25.26 -30.38
N ALA A 355 -45.93 24.83 -31.61
CA ALA A 355 -45.37 25.70 -32.63
C ALA A 355 -46.48 26.48 -33.34
N ASN A 356 -46.06 27.55 -34.02
CA ASN A 356 -46.91 28.25 -34.97
C ASN A 356 -48.20 28.79 -34.33
N ASN A 361 -39.91 40.28 -11.70
CA ASN A 361 -39.11 39.12 -12.01
C ASN A 361 -38.26 38.67 -10.82
N SER A 362 -38.71 39.00 -9.61
CA SER A 362 -38.11 38.47 -8.38
C SER A 362 -39.22 38.15 -7.38
N THR A 363 -40.28 37.51 -7.90
CA THR A 363 -41.46 37.23 -7.10
C THR A 363 -42.17 36.02 -7.68
N ARG A 364 -43.28 35.64 -7.04
CA ARG A 364 -44.04 34.44 -7.40
C ARG A 364 -43.14 33.21 -7.41
N THR A 365 -42.27 33.13 -6.40
CA THR A 365 -41.18 32.15 -6.40
C THR A 365 -41.72 30.73 -6.34
N ILE A 366 -41.26 29.88 -7.26
CA ILE A 366 -41.56 28.46 -7.19
C ILE A 366 -40.65 27.82 -6.16
N THR A 367 -41.19 26.84 -5.44
CA THR A 367 -40.43 26.07 -4.46
C THR A 367 -40.61 24.59 -4.74
N ILE A 368 -39.54 23.83 -4.49
CA ILE A 368 -39.51 22.39 -4.72
C ILE A 368 -39.20 21.72 -3.38
N HIS A 369 -40.03 20.75 -3.01
CA HIS A 369 -39.69 19.89 -1.89
C HIS A 369 -38.41 19.14 -2.21
N CYS A 370 -37.56 18.96 -1.21
CA CYS A 370 -36.27 18.34 -1.44
C CYS A 370 -35.84 17.49 -0.26
N ARG A 371 -35.49 16.23 -0.54
CA ARG A 371 -35.16 15.25 0.48
C ARG A 371 -33.65 15.04 0.57
N ILE A 372 -33.24 14.52 1.71
CA ILE A 372 -31.85 14.48 2.18
C ILE A 372 -31.52 13.06 2.58
N LYS A 373 -30.29 12.60 2.25
CA LYS A 373 -29.85 11.24 2.58
C LYS A 373 -28.42 11.26 3.09
N GLN A 374 -28.05 10.23 3.87
CA GLN A 374 -26.72 10.16 4.48
C GLN A 374 -25.81 9.08 3.90
N ILE A 375 -26.35 7.94 3.44
CA ILE A 375 -25.55 6.90 2.78
C ILE A 375 -25.85 6.96 1.30
N ILE A 376 -24.80 6.76 0.48
CA ILE A 376 -24.79 7.20 -0.91
C ILE A 376 -24.12 6.11 -1.74
N ASN A 377 -24.55 5.97 -3.00
CA ASN A 377 -23.85 5.14 -3.98
C ASN A 377 -22.97 6.03 -4.88
N MET A 378 -21.88 6.55 -4.29
CA MET A 378 -21.16 7.62 -4.97
C MET A 378 -20.30 7.05 -6.09
N TRP A 379 -20.23 7.81 -7.18
CA TRP A 379 -19.61 7.41 -8.44
C TRP A 379 -20.28 6.21 -9.08
N GLN A 380 -21.48 5.86 -8.62
CA GLN A 380 -22.34 4.84 -9.18
C GLN A 380 -21.57 3.51 -9.27
N GLU A 381 -20.74 3.29 -8.25
CA GLU A 381 -19.71 2.26 -8.23
C GLU A 381 -20.28 0.92 -7.80
N VAL A 382 -19.63 -0.16 -8.24
CA VAL A 382 -20.05 -1.50 -7.84
C VAL A 382 -19.56 -1.80 -6.44
N GLY A 383 -20.49 -2.22 -5.57
CA GLY A 383 -20.13 -2.76 -4.27
C GLY A 383 -19.37 -1.83 -3.34
N ARG A 384 -19.83 -0.60 -3.16
CA ARG A 384 -19.20 0.34 -2.25
C ARG A 384 -20.13 1.53 -2.02
N ALA A 385 -20.03 2.11 -0.83
CA ALA A 385 -20.88 3.23 -0.44
C ALA A 385 -20.10 4.16 0.48
N MET A 386 -20.65 5.36 0.68
CA MET A 386 -20.08 6.38 1.54
C MET A 386 -21.14 6.81 2.55
N TYR A 387 -20.68 7.23 3.73
CA TYR A 387 -21.52 7.78 4.79
C TYR A 387 -21.08 9.20 5.06
N ALA A 388 -22.05 10.10 5.32
CA ALA A 388 -21.79 11.52 5.56
C ALA A 388 -22.18 11.88 6.99
N PRO A 389 -21.31 12.46 7.83
CA PRO A 389 -21.74 12.79 9.18
C PRO A 389 -22.65 14.00 9.17
N PRO A 390 -23.51 14.16 10.18
CA PRO A 390 -24.35 15.36 10.23
C PRO A 390 -23.55 16.59 10.61
N ILE A 391 -24.13 17.76 10.31
CA ILE A 391 -23.52 19.06 10.58
C ILE A 391 -24.42 19.80 11.55
N ALA A 392 -23.80 20.47 12.52
CA ALA A 392 -24.56 21.11 13.59
C ALA A 392 -25.41 22.25 13.04
N GLY A 393 -26.64 22.36 13.56
CA GLY A 393 -27.50 23.47 13.23
C GLY A 393 -28.03 23.40 11.80
N ASN A 394 -28.63 24.51 11.39
CA ASN A 394 -29.21 24.60 10.05
C ASN A 394 -28.14 24.93 9.04
N ILE A 395 -28.47 24.70 7.76
CA ILE A 395 -27.60 25.01 6.64
C ILE A 395 -28.38 25.86 5.65
N THR A 396 -27.71 26.87 5.09
CA THR A 396 -28.23 27.66 3.99
C THR A 396 -27.30 27.49 2.80
N CYS A 397 -27.84 27.65 1.60
CA CYS A 397 -27.10 27.35 0.39
C CYS A 397 -27.48 28.31 -0.73
N ILE A 398 -26.49 28.60 -1.57
CA ILE A 398 -26.71 29.32 -2.82
C ILE A 398 -25.81 28.69 -3.88
N SER A 399 -26.34 28.60 -5.09
CA SER A 399 -25.58 28.10 -6.23
C SER A 399 -26.23 28.66 -7.50
N ASN A 400 -25.50 28.56 -8.60
CA ASN A 400 -25.95 29.13 -9.87
C ASN A 400 -26.18 28.01 -10.88
N ILE A 401 -27.43 27.83 -11.30
CA ILE A 401 -27.74 26.81 -12.29
C ILE A 401 -27.27 27.29 -13.65
N THR A 402 -26.69 26.36 -14.43
CA THR A 402 -26.09 26.67 -15.73
C THR A 402 -26.63 25.85 -16.89
N GLY A 403 -27.27 24.71 -16.67
CA GLY A 403 -27.72 23.91 -17.78
C GLY A 403 -28.44 22.67 -17.29
N LEU A 404 -28.87 21.86 -18.26
CA LEU A 404 -29.63 20.65 -18.01
C LEU A 404 -28.98 19.47 -18.73
N LEU A 405 -29.11 18.28 -18.15
CA LEU A 405 -28.79 17.03 -18.81
C LEU A 405 -30.11 16.30 -19.09
N LEU A 406 -30.53 16.33 -20.36
CA LEU A 406 -31.86 15.90 -20.76
C LEU A 406 -31.76 14.68 -21.67
N THR A 407 -32.90 14.02 -21.86
CA THR A 407 -32.99 12.85 -22.74
C THR A 407 -34.33 12.81 -23.46
N ARG A 408 -34.33 12.13 -24.60
CA ARG A 408 -35.49 11.97 -25.46
C ARG A 408 -36.00 10.52 -25.36
N ASP A 409 -37.32 10.36 -25.42
CA ASP A 409 -37.93 9.03 -25.47
C ASP A 409 -38.14 8.58 -26.92
N TYR A 410 -38.53 7.32 -27.08
CA TYR A 410 -38.86 6.84 -28.42
C TYR A 410 -40.01 7.66 -28.99
N GLY A 411 -39.85 8.09 -30.24
CA GLY A 411 -40.75 9.09 -30.79
C GLY A 411 -42.16 8.56 -30.97
N LYS A 412 -43.12 9.48 -31.05
CA LYS A 412 -44.51 9.15 -31.26
C LYS A 412 -45.15 10.24 -32.13
N ASN A 413 -46.43 10.02 -32.44
CA ASN A 413 -47.10 10.80 -33.48
C ASN A 413 -47.16 12.28 -33.14
N ASN A 414 -46.46 13.09 -33.94
CA ASN A 414 -46.37 14.56 -33.84
C ASN A 414 -46.28 15.04 -32.40
N THR A 415 -45.50 14.36 -31.55
CA THR A 415 -45.38 14.75 -30.15
C THR A 415 -44.06 14.22 -29.63
N GLU A 416 -43.22 15.13 -29.13
CA GLU A 416 -41.95 14.78 -28.51
C GLU A 416 -42.02 14.93 -27.00
N THR A 417 -41.46 13.95 -26.30
CA THR A 417 -41.45 13.92 -24.84
C THR A 417 -40.01 14.00 -24.37
N PHE A 418 -39.59 15.20 -23.97
CA PHE A 418 -38.27 15.44 -23.41
C PHE A 418 -38.37 15.46 -21.90
N ARG A 419 -37.49 14.73 -21.23
CA ARG A 419 -37.42 14.73 -19.78
C ARG A 419 -35.96 14.67 -19.36
N PRO A 420 -35.65 15.01 -18.11
CA PRO A 420 -34.26 14.90 -17.66
C PRO A 420 -33.75 13.48 -17.72
N GLY A 421 -32.44 13.35 -17.89
CA GLY A 421 -31.81 12.05 -17.93
C GLY A 421 -30.34 12.10 -18.27
N GLY A 422 -29.90 11.21 -19.15
CA GLY A 422 -28.48 11.06 -19.42
C GLY A 422 -27.85 10.23 -18.33
N GLY A 423 -27.72 10.81 -17.14
CA GLY A 423 -27.42 10.04 -15.94
C GLY A 423 -25.97 9.65 -15.74
N ASN A 424 -25.27 9.28 -16.82
CA ASN A 424 -23.88 8.87 -16.71
C ASN A 424 -23.05 10.03 -16.17
N MET A 425 -22.26 9.76 -15.13
CA MET A 425 -21.54 10.83 -14.45
C MET A 425 -20.53 11.50 -15.36
N LYS A 426 -20.03 10.78 -16.38
CA LYS A 426 -19.07 11.37 -17.29
C LYS A 426 -19.68 12.51 -18.11
N ASP A 427 -21.00 12.51 -18.28
CA ASP A 427 -21.66 13.57 -19.02
C ASP A 427 -21.65 14.89 -18.26
N ASN A 428 -21.53 14.83 -16.93
CA ASN A 428 -21.39 16.06 -16.14
C ASN A 428 -20.22 16.89 -16.63
N TRP A 429 -19.06 16.26 -16.74
CA TRP A 429 -17.85 17.00 -17.12
C TRP A 429 -17.72 17.11 -18.62
N ARG A 430 -18.23 16.14 -19.38
CA ARG A 430 -18.26 16.26 -20.83
C ARG A 430 -19.04 17.48 -21.29
N SER A 431 -19.94 18.00 -20.45
CA SER A 431 -20.68 19.23 -20.72
C SER A 431 -19.82 20.48 -20.57
N GLU A 432 -18.66 20.39 -19.92
CA GLU A 432 -17.80 21.55 -19.67
C GLU A 432 -16.41 21.42 -20.30
N LEU A 433 -15.90 20.20 -20.44
CA LEU A 433 -14.60 19.95 -21.06
C LEU A 433 -14.69 19.76 -22.56
N TYR A 434 -15.83 20.11 -23.18
CA TYR A 434 -15.99 19.97 -24.62
C TYR A 434 -14.98 20.81 -25.39
N LYS A 435 -14.54 21.93 -24.82
CA LYS A 435 -13.67 22.85 -25.55
C LYS A 435 -12.32 22.22 -25.86
N TYR A 436 -11.81 21.40 -24.94
CA TYR A 436 -10.39 21.11 -24.91
C TYR A 436 -10.01 19.80 -25.61
N LYS A 437 -8.71 19.67 -25.84
CA LYS A 437 -8.09 18.50 -26.43
C LYS A 437 -6.60 18.60 -26.14
N VAL A 438 -5.90 17.47 -26.24
CA VAL A 438 -4.48 17.39 -25.91
C VAL A 438 -3.76 16.76 -27.09
N VAL A 439 -2.53 17.20 -27.34
CA VAL A 439 -1.86 16.97 -28.61
C VAL A 439 -0.36 16.97 -28.40
N LYS A 440 0.36 16.16 -29.20
CA LYS A 440 1.80 16.03 -29.09
C LYS A 440 2.53 16.85 -30.15
N ILE A 441 3.73 17.30 -29.80
CA ILE A 441 4.61 18.02 -30.71
C ILE A 441 5.61 17.04 -31.29
N GLU A 442 5.85 17.14 -32.60
CA GLU A 442 7.01 16.53 -33.24
C GLU A 442 7.93 17.67 -33.69
N PRO A 443 9.00 17.98 -32.94
CA PRO A 443 9.79 19.18 -33.24
C PRO A 443 10.72 19.05 -34.42
N LEU A 444 10.75 17.91 -35.10
CA LEU A 444 11.74 17.62 -36.14
C LEU A 444 11.09 17.70 -37.51
N GLY A 445 11.83 18.24 -38.48
CA GLY A 445 11.34 18.34 -39.84
C GLY A 445 12.47 18.44 -40.82
N VAL A 446 12.18 18.06 -42.07
CA VAL A 446 13.17 17.97 -43.13
C VAL A 446 12.59 18.66 -44.36
N ALA A 447 13.48 19.20 -45.20
CA ALA A 447 13.08 20.08 -46.29
C ALA A 447 14.16 20.09 -47.35
N PRO A 448 13.83 20.48 -48.59
CA PRO A 448 14.88 20.80 -49.57
C PRO A 448 15.34 22.24 -49.41
N THR A 449 16.50 22.56 -50.00
CA THR A 449 16.98 23.94 -49.98
C THR A 449 18.18 24.10 -50.91
N ARG A 450 18.60 25.36 -51.05
CA ARG A 450 19.77 25.79 -51.80
C ARG A 450 21.01 25.95 -50.90
N CYS A 451 21.39 24.94 -50.13
CA CYS A 451 22.42 25.07 -49.08
C CYS A 451 23.11 23.75 -48.81
N LYS A 452 24.41 23.83 -48.46
CA LYS A 452 25.22 22.68 -48.07
C LYS A 452 26.18 23.13 -46.98
N ARG A 453 26.98 22.18 -46.50
CA ARG A 453 28.17 22.50 -45.73
C ARG A 453 29.40 22.39 -46.62
N ARG A 454 30.57 22.54 -46.01
CA ARG A 454 31.84 22.34 -46.67
C ARG A 454 32.48 21.03 -46.18
N VAL A 455 32.95 20.22 -47.13
CA VAL A 455 33.47 18.90 -46.79
C VAL A 455 34.74 18.98 -45.94
N VAL A 456 35.52 20.05 -46.05
CA VAL A 456 36.72 20.24 -45.25
C VAL A 456 36.38 20.19 -43.75
N VAL B 1 9.81 37.75 -21.87
CA VAL B 1 9.12 37.39 -23.15
C VAL B 1 8.87 35.90 -23.18
N PHE B 2 7.68 35.52 -23.64
CA PHE B 2 7.25 34.13 -23.63
C PHE B 2 6.12 33.98 -24.63
N LEU B 3 6.19 32.90 -25.44
CA LEU B 3 5.24 32.69 -26.54
C LEU B 3 4.67 31.27 -26.55
N GLY B 4 4.76 30.56 -25.43
CA GLY B 4 4.14 29.24 -25.30
C GLY B 4 4.60 28.24 -26.33
N PHE B 5 3.64 27.62 -27.02
CA PHE B 5 3.91 26.70 -28.11
C PHE B 5 3.19 27.20 -29.35
N LEU B 6 3.76 26.87 -30.50
CA LEU B 6 3.11 27.05 -31.80
C LEU B 6 2.75 28.51 -32.07
N GLY B 7 3.71 29.42 -31.98
CA GLY B 7 3.45 30.80 -32.31
C GLY B 7 2.96 30.97 -33.74
N ALA B 8 3.47 30.15 -34.65
CA ALA B 8 2.97 30.07 -36.01
C ALA B 8 3.54 28.84 -36.69
N ALA B 9 2.71 28.03 -37.35
CA ALA B 9 1.26 27.91 -37.52
C ALA B 9 0.60 29.06 -38.30
N GLY B 10 -0.21 28.72 -39.28
CA GLY B 10 -0.97 29.70 -40.00
C GLY B 10 -0.15 30.47 -41.03
N SER B 11 0.79 31.28 -40.55
CA SER B 11 1.65 32.03 -41.46
C SER B 11 2.56 31.07 -42.21
N THR B 12 3.36 31.63 -43.11
CA THR B 12 4.28 30.85 -43.91
C THR B 12 5.37 30.27 -42.99
N MET B 13 6.33 29.56 -43.57
CA MET B 13 7.36 28.94 -42.74
C MET B 13 8.31 29.95 -42.16
N GLY B 14 8.60 31.03 -42.89
CA GLY B 14 9.80 31.84 -42.69
C GLY B 14 9.74 33.35 -42.62
N ALA B 15 8.83 34.00 -41.89
CA ALA B 15 7.83 33.66 -40.87
C ALA B 15 8.35 32.61 -39.86
N ALA B 16 7.63 31.49 -39.66
CA ALA B 16 7.73 30.72 -38.42
C ALA B 16 9.15 30.27 -38.07
N SER B 17 10.03 30.12 -39.08
CA SER B 17 11.33 29.52 -38.82
C SER B 17 12.24 30.40 -37.97
N MET B 18 12.02 31.72 -37.93
CA MET B 18 12.75 32.59 -37.02
C MET B 18 12.19 32.58 -35.61
N THR B 19 11.14 31.78 -35.34
CA THR B 19 10.51 31.69 -34.04
C THR B 19 10.80 30.38 -33.32
N LEU B 20 11.63 29.49 -33.91
CA LEU B 20 11.75 28.12 -33.43
C LEU B 20 12.29 28.01 -32.02
N THR B 21 12.95 29.06 -31.52
CA THR B 21 13.68 28.94 -30.26
C THR B 21 12.75 28.78 -29.07
N VAL B 22 11.59 29.45 -29.09
CA VAL B 22 10.66 29.30 -27.99
C VAL B 22 10.12 27.88 -27.93
N GLN B 23 9.78 27.31 -29.09
CA GLN B 23 9.32 25.93 -29.11
C GLN B 23 10.40 24.98 -28.64
N ALA B 24 11.65 25.27 -28.97
CA ALA B 24 12.75 24.48 -28.43
C ALA B 24 12.82 24.58 -26.91
N ARG B 25 12.85 25.81 -26.38
CA ARG B 25 13.10 26.00 -24.96
C ARG B 25 11.95 25.47 -24.12
N ASN B 26 10.72 25.68 -24.56
CA ASN B 26 9.55 25.27 -23.79
C ASN B 26 9.31 23.77 -23.86
N LEU B 27 10.09 23.03 -24.65
CA LEU B 27 9.88 21.60 -24.82
C LEU B 27 10.09 20.80 -23.53
N LEU B 28 10.73 21.37 -22.51
CA LEU B 28 10.90 20.75 -21.20
C LEU B 28 10.32 21.64 -20.12
N SER B 29 9.70 21.02 -19.12
CA SER B 29 9.16 21.72 -17.96
C SER B 29 8.85 20.68 -16.89
N GLY B 30 8.67 21.17 -15.67
CA GLY B 30 8.39 20.31 -14.52
C GLY B 30 7.37 20.87 -13.56
N THR B 31 6.49 21.73 -14.06
CA THR B 31 5.46 22.33 -13.23
C THR B 31 4.31 22.86 -14.08
N VAL B 32 -0.82 6.07 -4.80
CA VAL B 32 0.37 5.91 -5.64
C VAL B 32 0.22 6.72 -6.93
N TRP B 33 -0.65 7.73 -6.93
CA TRP B 33 -0.90 8.48 -8.15
C TRP B 33 0.21 9.48 -8.47
N GLY B 34 1.20 9.64 -7.59
CA GLY B 34 2.38 10.41 -7.92
C GLY B 34 3.21 9.78 -9.02
N ILE B 35 3.01 8.48 -9.25
CA ILE B 35 3.71 7.78 -10.32
C ILE B 35 3.33 8.34 -11.68
N LYS B 36 2.15 8.97 -11.78
CA LYS B 36 1.72 9.56 -13.05
C LYS B 36 2.71 10.63 -13.52
N GLN B 37 3.11 11.53 -12.61
CA GLN B 37 4.01 12.62 -12.99
C GLN B 37 5.37 12.08 -13.41
N LEU B 38 5.92 11.13 -12.65
CA LEU B 38 7.24 10.60 -12.97
C LEU B 38 7.22 9.86 -14.30
N GLN B 39 6.14 9.12 -14.58
CA GLN B 39 6.02 8.43 -15.85
C GLN B 39 6.00 9.42 -17.01
N ALA B 40 5.26 10.52 -16.85
CA ALA B 40 5.16 11.50 -17.93
C ALA B 40 6.46 12.26 -18.13
N ARG B 41 7.06 12.75 -17.03
CA ARG B 41 8.25 13.58 -17.16
C ARG B 41 9.43 12.79 -17.72
N VAL B 42 9.59 11.54 -17.29
CA VAL B 42 10.66 10.71 -17.83
C VAL B 42 10.42 10.45 -19.31
N LEU B 43 9.15 10.26 -19.71
CA LEU B 43 8.83 10.06 -21.12
C LEU B 43 9.18 11.29 -21.94
N ALA B 44 8.93 12.49 -21.39
CA ALA B 44 9.30 13.71 -22.08
C ALA B 44 10.81 13.79 -22.25
N VAL B 45 11.56 13.39 -21.21
CA VAL B 45 13.01 13.33 -21.32
C VAL B 45 13.43 12.33 -22.39
N GLU B 46 12.77 11.17 -22.42
CA GLU B 46 13.09 10.15 -23.41
C GLU B 46 12.80 10.66 -24.82
N ARG B 47 11.68 11.36 -24.99
CA ARG B 47 11.36 11.93 -26.29
C ARG B 47 12.42 12.94 -26.72
N TYR B 48 12.90 13.75 -25.78
CA TYR B 48 13.90 14.75 -26.10
C TYR B 48 15.23 14.10 -26.50
N LEU B 49 15.71 13.16 -25.70
CA LEU B 49 17.04 12.60 -25.93
C LEU B 49 17.12 11.88 -27.28
N ARG B 50 16.04 11.20 -27.68
CA ARG B 50 16.02 10.56 -28.99
C ARG B 50 16.15 11.60 -30.09
N ASP B 51 15.43 12.71 -29.98
CA ASP B 51 15.54 13.77 -30.96
C ASP B 51 16.91 14.43 -30.90
N GLN B 52 17.41 14.70 -29.69
CA GLN B 52 18.72 15.36 -29.56
C GLN B 52 19.83 14.49 -30.14
N GLN B 53 19.79 13.19 -29.87
CA GLN B 53 20.80 12.30 -30.42
C GLN B 53 20.70 12.25 -31.94
N LEU B 54 19.48 12.23 -32.47
CA LEU B 54 19.27 12.00 -33.89
C LEU B 54 19.89 13.12 -34.73
N LEU B 55 19.81 14.36 -34.27
CA LEU B 55 20.49 15.46 -34.96
C LEU B 55 22.00 15.26 -34.91
N GLY B 56 22.52 14.78 -33.78
CA GLY B 56 23.94 14.50 -33.71
C GLY B 56 24.37 13.42 -34.69
N ILE B 57 23.50 12.43 -34.93
CA ILE B 57 23.79 11.37 -35.87
C ILE B 57 23.95 11.91 -37.29
N TRP B 58 23.29 13.02 -37.62
CA TRP B 58 23.36 13.62 -38.95
C TRP B 58 24.41 14.72 -39.05
N GLY B 59 25.26 14.89 -38.04
CA GLY B 59 26.31 15.88 -38.08
C GLY B 59 25.94 17.24 -37.55
N CYS B 60 24.65 17.51 -37.33
CA CYS B 60 24.23 18.75 -36.69
C CYS B 60 24.34 18.54 -35.18
N SER B 61 25.45 19.01 -34.61
CA SER B 61 25.72 18.78 -33.19
C SER B 61 24.62 19.37 -32.32
N GLY B 62 24.31 20.64 -32.51
CA GLY B 62 23.05 21.19 -32.04
C GLY B 62 22.80 22.54 -32.67
N LYS B 63 21.66 22.67 -33.35
CA LYS B 63 21.27 23.88 -34.04
C LYS B 63 19.77 23.83 -34.22
N LEU B 64 19.19 24.97 -34.63
CA LEU B 64 17.80 25.02 -35.04
C LEU B 64 17.65 25.18 -36.54
N ILE B 65 18.73 25.56 -37.23
CA ILE B 65 18.82 25.52 -38.68
C ILE B 65 20.04 24.68 -39.04
N CYS B 66 19.89 23.78 -40.00
CA CYS B 66 20.99 22.94 -40.44
C CYS B 66 20.69 22.40 -41.84
N CYS B 67 21.47 22.85 -42.82
CA CYS B 67 21.36 22.38 -44.19
C CYS B 67 22.40 21.29 -44.41
N THR B 68 21.97 20.17 -44.98
CA THR B 68 22.73 18.93 -44.90
C THR B 68 22.87 18.29 -46.27
N ASN B 69 23.71 17.24 -46.32
CA ASN B 69 24.30 16.75 -47.56
C ASN B 69 23.61 15.49 -48.06
N VAL B 70 22.41 15.67 -48.61
CA VAL B 70 21.70 14.64 -49.36
C VAL B 70 20.88 15.36 -50.42
N PRO B 71 20.76 14.86 -51.66
CA PRO B 71 19.94 15.58 -52.64
C PRO B 71 18.46 15.26 -52.50
N TRP B 72 17.63 16.29 -52.67
CA TRP B 72 16.22 16.05 -52.96
C TRP B 72 16.08 15.51 -54.38
N ASN B 73 14.94 14.85 -54.63
CA ASN B 73 14.80 14.05 -55.85
C ASN B 73 13.33 13.86 -56.16
N SER B 74 13.06 13.38 -57.37
CA SER B 74 11.71 13.04 -57.78
C SER B 74 11.24 11.71 -57.18
N SER B 75 12.15 10.90 -56.64
CA SER B 75 11.74 9.72 -55.89
C SER B 75 10.92 10.13 -54.68
N TRP B 76 11.33 11.19 -54.00
CA TRP B 76 10.54 11.78 -52.93
C TRP B 76 9.49 12.71 -53.55
N SER B 77 8.55 13.17 -52.74
CA SER B 77 7.59 14.16 -53.22
C SER B 77 8.32 15.44 -53.55
N ASN B 78 7.93 16.07 -54.68
CA ASN B 78 8.64 17.20 -55.24
C ASN B 78 7.64 18.28 -55.65
N ARG B 79 8.16 19.50 -55.82
CA ARG B 79 7.30 20.63 -56.15
C ARG B 79 8.13 21.73 -56.78
N ASN B 80 7.44 22.72 -57.35
CA ASN B 80 8.11 23.79 -58.08
C ASN B 80 8.96 24.70 -57.20
N LEU B 81 8.59 24.86 -55.92
CA LEU B 81 9.37 25.63 -54.94
C LEU B 81 9.26 27.14 -55.15
N SER B 82 8.58 27.59 -56.22
CA SER B 82 8.52 29.01 -56.55
C SER B 82 7.85 29.79 -55.42
N GLU B 83 6.60 29.46 -55.12
CA GLU B 83 5.94 29.93 -53.89
C GLU B 83 5.77 28.81 -52.87
N ILE B 84 5.71 27.55 -53.33
CA ILE B 84 5.29 26.46 -52.46
C ILE B 84 6.28 26.26 -51.33
N TRP B 85 7.53 26.65 -51.55
CA TRP B 85 8.54 26.56 -50.51
C TRP B 85 8.20 27.44 -49.32
N ASP B 86 7.67 28.65 -49.56
CA ASP B 86 7.23 29.54 -48.50
C ASP B 86 5.73 29.78 -48.52
N ASN B 87 4.94 28.88 -49.13
CA ASN B 87 3.52 28.76 -48.75
C ASN B 87 2.99 27.36 -49.07
N MET B 88 2.92 26.51 -48.03
CA MET B 88 2.14 25.28 -48.14
C MET B 88 1.04 25.19 -47.08
N THR B 89 1.33 25.26 -45.78
CA THR B 89 2.55 25.53 -45.01
C THR B 89 2.62 24.26 -44.14
N TRP B 90 3.36 24.27 -43.01
CA TRP B 90 4.04 23.07 -42.50
C TRP B 90 3.09 21.89 -42.35
N LEU B 91 1.89 22.14 -41.82
CA LEU B 91 0.98 21.05 -41.47
C LEU B 91 0.58 20.24 -42.70
N GLN B 92 0.12 20.93 -43.75
CA GLN B 92 -0.16 20.25 -45.01
C GLN B 92 1.10 19.58 -45.55
N TRP B 93 2.23 20.26 -45.39
CA TRP B 93 3.50 19.74 -45.91
C TRP B 93 3.99 18.54 -45.12
N ASP B 94 3.82 18.57 -43.80
CA ASP B 94 4.31 17.46 -42.97
C ASP B 94 3.59 16.18 -43.31
N LYS B 95 2.29 16.25 -43.56
CA LYS B 95 1.53 15.08 -43.99
C LYS B 95 1.99 14.62 -45.36
N GLU B 96 2.48 15.54 -46.20
CA GLU B 96 2.94 15.17 -47.53
C GLU B 96 4.21 14.34 -47.45
N ILE B 97 5.16 14.74 -46.60
CA ILE B 97 6.44 14.03 -46.47
C ILE B 97 6.34 12.83 -45.53
N SER B 98 5.17 12.61 -44.90
CA SER B 98 5.06 11.66 -43.81
C SER B 98 5.41 10.24 -44.23
N ASN B 99 5.11 9.86 -45.47
CA ASN B 99 5.41 8.51 -45.93
C ASN B 99 6.90 8.24 -46.01
N TYR B 100 7.72 9.27 -46.26
CA TYR B 100 9.08 9.10 -46.72
C TYR B 100 10.12 9.40 -45.65
N THR B 101 9.71 9.58 -44.40
CA THR B 101 10.62 10.06 -43.35
C THR B 101 11.78 9.10 -43.12
N GLN B 102 11.50 7.79 -43.11
CA GLN B 102 12.55 6.82 -42.82
C GLN B 102 13.65 6.85 -43.88
N ILE B 103 13.30 7.06 -45.15
CA ILE B 103 14.32 7.12 -46.19
C ILE B 103 15.12 8.41 -46.07
N ILE B 104 14.50 9.49 -45.58
CA ILE B 104 15.26 10.70 -45.32
C ILE B 104 16.34 10.43 -44.28
N TYR B 105 15.94 9.81 -43.17
CA TYR B 105 16.85 9.68 -42.04
C TYR B 105 18.01 8.75 -42.37
N GLY B 106 17.77 7.72 -43.18
CA GLY B 106 18.84 6.82 -43.54
C GLY B 106 19.93 7.49 -44.34
N LEU B 107 19.56 8.12 -45.45
CA LEU B 107 20.56 8.76 -46.32
C LEU B 107 21.31 9.86 -45.58
N LEU B 108 20.65 10.56 -44.67
CA LEU B 108 21.36 11.50 -43.81
C LEU B 108 22.41 10.78 -42.99
N GLU B 109 22.06 9.59 -42.48
CA GLU B 109 23.01 8.83 -41.68
C GLU B 109 24.15 8.29 -42.52
N GLU B 110 23.84 7.79 -43.73
CA GLU B 110 24.88 7.26 -44.60
C GLU B 110 25.83 8.36 -45.06
N SER B 111 25.28 9.52 -45.43
CA SER B 111 26.11 10.61 -45.95
C SER B 111 27.00 11.17 -44.85
N GLN B 112 26.49 11.25 -43.62
CA GLN B 112 27.31 11.73 -42.52
C GLN B 112 28.48 10.80 -42.26
N ASN B 113 28.26 9.49 -42.46
CA ASN B 113 29.34 8.52 -42.29
C ASN B 113 30.44 8.74 -43.32
N GLN B 114 30.06 8.98 -44.58
CA GLN B 114 31.07 9.19 -45.62
C GLN B 114 31.84 10.49 -45.37
N GLN B 115 31.13 11.55 -44.96
CA GLN B 115 31.82 12.78 -44.58
C GLN B 115 32.73 12.54 -43.39
N GLU B 116 32.30 11.71 -42.45
CA GLU B 116 33.14 11.36 -41.31
C GLU B 116 34.38 10.62 -41.76
N LYS B 117 34.24 9.67 -42.69
CA LYS B 117 35.41 8.97 -43.22
C LYS B 117 36.26 9.90 -44.07
N ASN B 118 35.64 10.80 -44.84
CA ASN B 118 36.40 11.79 -45.60
C ASN B 118 37.19 12.69 -44.66
N GLU B 119 36.58 13.09 -43.54
CA GLU B 119 37.26 13.97 -42.61
C GLU B 119 38.50 13.29 -42.04
N GLN B 120 38.42 11.99 -41.79
CA GLN B 120 39.57 11.23 -41.32
C GLN B 120 40.70 11.26 -42.34
N ASP B 121 40.38 11.10 -43.62
CA ASP B 121 41.41 11.06 -44.65
C ASP B 121 42.08 12.41 -44.81
N LEU B 122 41.29 13.49 -44.83
CA LEU B 122 41.86 14.82 -45.01
C LEU B 122 42.79 15.19 -43.87
N LEU B 123 42.43 14.86 -42.63
CA LEU B 123 43.31 15.16 -41.51
C LEU B 123 44.59 14.35 -41.61
N ALA B 124 44.49 13.09 -42.02
CA ALA B 124 45.65 12.20 -42.06
C ALA B 124 46.57 12.53 -43.23
N LEU B 125 46.01 12.80 -44.41
CA LEU B 125 46.81 12.84 -45.63
C LEU B 125 47.57 14.15 -45.80
N ASP B 126 47.23 15.20 -45.06
CA ASP B 126 47.92 16.48 -45.20
C ASP B 126 49.35 16.37 -44.70
N GLN C 1 -47.58 3.10 -24.29
CA GLN C 1 -47.67 1.74 -23.67
C GLN C 1 -46.29 1.21 -23.33
N VAL C 2 -46.25 0.18 -22.48
CA VAL C 2 -45.01 -0.43 -21.99
C VAL C 2 -45.08 -1.92 -22.28
N GLN C 3 -44.00 -2.47 -22.84
CA GLN C 3 -43.94 -3.88 -23.17
C GLN C 3 -42.51 -4.38 -23.01
N LEU C 4 -42.39 -5.67 -22.65
CA LEU C 4 -41.12 -6.38 -22.64
C LEU C 4 -41.26 -7.60 -23.53
N VAL C 5 -40.34 -7.73 -24.49
CA VAL C 5 -40.39 -8.77 -25.52
C VAL C 5 -39.22 -9.72 -25.29
N GLN C 6 -39.46 -11.01 -25.47
CA GLN C 6 -38.52 -12.06 -25.08
C GLN C 6 -38.10 -12.90 -26.28
N SER C 7 -37.07 -13.72 -26.06
CA SER C 7 -36.54 -14.62 -27.07
C SER C 7 -37.54 -15.73 -27.37
N GLY C 8 -37.24 -16.57 -28.36
CA GLY C 8 -38.11 -17.68 -28.67
C GLY C 8 -38.02 -18.78 -27.62
N ALA C 9 -38.96 -19.71 -27.71
CA ALA C 9 -38.99 -20.83 -26.78
C ALA C 9 -37.74 -21.70 -26.97
N GLU C 10 -37.40 -22.43 -25.91
CA GLU C 10 -36.16 -23.22 -25.85
C GLU C 10 -36.46 -24.63 -25.39
N VAL C 11 -35.82 -25.60 -26.03
CA VAL C 11 -35.69 -26.96 -25.53
C VAL C 11 -34.22 -27.33 -25.64
N LYS C 12 -33.60 -27.63 -24.51
CA LYS C 12 -32.15 -27.74 -24.43
C LYS C 12 -31.75 -29.01 -23.68
N LYS C 13 -30.48 -29.36 -23.82
CA LYS C 13 -30.00 -30.65 -23.35
C LYS C 13 -29.82 -30.63 -21.83
N PRO C 14 -29.95 -31.77 -21.14
CA PRO C 14 -29.60 -31.79 -19.72
C PRO C 14 -28.11 -31.54 -19.52
N GLY C 15 -27.78 -30.87 -18.41
CA GLY C 15 -26.41 -30.55 -18.09
C GLY C 15 -25.85 -29.34 -18.80
N ALA C 16 -26.43 -28.91 -19.91
CA ALA C 16 -25.95 -27.76 -20.66
C ALA C 16 -26.49 -26.48 -20.04
N SER C 17 -26.36 -25.37 -20.77
CA SER C 17 -26.85 -24.06 -20.33
C SER C 17 -28.04 -23.62 -21.17
N VAL C 18 -28.88 -22.76 -20.59
CA VAL C 18 -29.94 -22.08 -21.30
C VAL C 18 -29.76 -20.58 -21.07
N LYS C 19 -29.84 -19.81 -22.16
CA LYS C 19 -29.65 -18.36 -22.14
C LYS C 19 -30.88 -17.71 -22.76
N VAL C 20 -31.37 -16.65 -22.11
CA VAL C 20 -32.60 -15.98 -22.49
C VAL C 20 -32.36 -14.48 -22.53
N SER C 21 -33.13 -13.78 -23.36
CA SER C 21 -33.04 -12.34 -23.52
C SER C 21 -34.41 -11.71 -23.33
N CYS C 22 -34.42 -10.41 -23.04
CA CYS C 22 -35.65 -9.68 -22.74
C CYS C 22 -35.47 -8.23 -23.17
N GLN C 23 -36.05 -7.88 -24.31
CA GLN C 23 -35.91 -6.55 -24.91
C GLN C 23 -37.16 -5.73 -24.60
N ALA C 24 -36.96 -4.46 -24.27
CA ALA C 24 -38.01 -3.59 -23.75
C ALA C 24 -38.33 -2.46 -24.73
N SER C 25 -39.44 -1.78 -24.46
CA SER C 25 -39.85 -0.62 -25.24
C SER C 25 -40.81 0.21 -24.40
N GLY C 26 -41.01 1.46 -24.83
CA GLY C 26 -41.93 2.36 -24.17
C GLY C 26 -41.35 3.12 -22.99
N TYR C 27 -40.09 2.86 -22.63
CA TYR C 27 -39.49 3.50 -21.47
C TYR C 27 -37.98 3.43 -21.65
N ARG C 28 -37.27 4.29 -20.94
CA ARG C 28 -35.80 4.26 -20.99
C ARG C 28 -35.31 3.04 -20.22
N PHE C 29 -34.66 2.12 -20.93
CA PHE C 29 -34.26 0.85 -20.34
C PHE C 29 -33.27 1.04 -19.21
N SER C 30 -32.42 2.06 -19.28
CA SER C 30 -31.37 2.20 -18.29
C SER C 30 -31.87 2.71 -16.94
N ASN C 31 -33.16 3.03 -16.79
CA ASN C 31 -33.68 3.69 -15.59
C ASN C 31 -34.73 2.84 -14.90
N PHE C 32 -34.61 1.51 -14.96
CA PHE C 32 -35.49 0.62 -14.21
C PHE C 32 -34.76 -0.69 -13.94
N VAL C 33 -34.81 -1.15 -12.69
CA VAL C 33 -34.29 -2.47 -12.38
C VAL C 33 -35.12 -3.51 -13.11
N ILE C 34 -34.57 -4.71 -13.27
CA ILE C 34 -35.22 -5.80 -14.00
C ILE C 34 -35.12 -7.06 -13.16
N HIS C 35 -36.22 -7.80 -13.12
CA HIS C 35 -36.34 -9.04 -12.37
C HIS C 35 -36.32 -10.24 -13.30
N TRP C 36 -36.15 -11.42 -12.71
CA TRP C 36 -36.27 -12.69 -13.42
C TRP C 36 -37.08 -13.63 -12.55
N VAL C 37 -38.08 -14.27 -13.14
CA VAL C 37 -39.01 -15.09 -12.40
C VAL C 37 -39.32 -16.34 -13.22
N ARG C 38 -39.48 -17.47 -12.51
CA ARG C 38 -39.75 -18.77 -13.11
C ARG C 38 -40.98 -19.38 -12.45
N GLN C 39 -41.71 -20.21 -13.21
CA GLN C 39 -42.84 -20.96 -12.67
C GLN C 39 -42.86 -22.34 -13.31
N ALA C 40 -42.73 -23.38 -12.49
CA ALA C 40 -42.92 -24.75 -12.96
C ALA C 40 -44.41 -25.04 -13.10
N PRO C 41 -44.78 -26.11 -13.83
CA PRO C 41 -46.21 -26.39 -14.04
C PRO C 41 -46.95 -26.64 -12.72
N GLY C 42 -47.91 -25.78 -12.44
CA GLY C 42 -48.74 -25.91 -11.26
C GLY C 42 -48.09 -25.48 -9.96
N GLN C 43 -46.88 -24.94 -10.00
CA GLN C 43 -46.13 -24.59 -8.79
C GLN C 43 -46.12 -23.08 -8.59
N ARG C 44 -45.54 -22.67 -7.45
CA ARG C 44 -45.37 -21.26 -7.17
C ARG C 44 -44.38 -20.64 -8.16
N PHE C 45 -44.43 -19.31 -8.27
CA PHE C 45 -43.28 -18.62 -8.85
C PHE C 45 -42.13 -18.62 -7.85
N GLU C 46 -40.93 -18.82 -8.36
CA GLU C 46 -39.70 -18.78 -7.57
C GLU C 46 -38.86 -17.59 -8.03
N TRP C 47 -38.49 -16.75 -7.07
CA TRP C 47 -37.59 -15.63 -7.33
C TRP C 47 -36.30 -16.19 -7.92
N MET C 48 -35.73 -15.48 -8.90
CA MET C 48 -34.36 -15.77 -9.33
C MET C 48 -33.37 -14.71 -8.88
N GLY C 49 -33.58 -13.45 -9.24
CA GLY C 49 -32.70 -12.38 -8.84
C GLY C 49 -33.15 -11.09 -9.48
N TRP C 50 -32.34 -10.05 -9.30
CA TRP C 50 -32.62 -8.78 -9.95
C TRP C 50 -31.32 -8.21 -10.50
N ILE C 51 -31.48 -7.26 -11.43
CA ILE C 51 -30.38 -6.51 -11.99
C ILE C 51 -30.84 -5.08 -12.25
N ASN C 52 -29.90 -4.16 -12.08
CA ASN C 52 -30.12 -2.73 -12.27
C ASN C 52 -29.25 -2.29 -13.45
N PRO C 53 -29.82 -2.09 -14.67
CA PRO C 53 -28.99 -1.81 -15.85
C PRO C 53 -28.10 -0.58 -15.70
N TYR C 54 -28.54 0.34 -14.85
CA TYR C 54 -27.82 1.59 -14.69
C TYR C 54 -26.41 1.37 -14.14
N ASN C 55 -26.20 0.36 -13.27
CA ASN C 55 -24.90 0.14 -12.66
C ASN C 55 -24.35 -1.26 -12.94
N GLY C 56 -25.21 -2.26 -13.03
CA GLY C 56 -24.80 -3.64 -13.14
C GLY C 56 -24.61 -4.36 -11.83
N ASN C 57 -24.92 -3.74 -10.69
CA ASN C 57 -25.05 -4.49 -9.45
C ASN C 57 -26.06 -5.62 -9.60
N LYS C 58 -25.79 -6.70 -8.89
CA LYS C 58 -26.52 -7.95 -9.02
C LYS C 58 -26.84 -8.47 -7.63
N GLU C 59 -27.98 -9.14 -7.50
CA GLU C 59 -28.28 -9.86 -6.27
C GLU C 59 -29.09 -11.10 -6.63
N PHE C 60 -28.67 -12.22 -6.07
CA PHE C 60 -29.21 -13.53 -6.42
C PHE C 60 -29.87 -14.11 -5.18
N SER C 61 -30.87 -14.95 -5.40
CA SER C 61 -31.27 -15.87 -4.35
C SER C 61 -30.14 -16.86 -4.12
N ALA C 62 -29.74 -17.03 -2.86
CA ALA C 62 -28.59 -17.88 -2.57
C ALA C 62 -28.85 -19.33 -2.98
N LYS C 63 -30.11 -19.72 -3.13
CA LYS C 63 -30.45 -21.03 -3.67
C LYS C 63 -29.88 -21.22 -5.07
N PHE C 64 -29.80 -20.13 -5.86
CA PHE C 64 -29.44 -20.20 -7.27
C PHE C 64 -28.12 -19.52 -7.62
N GLN C 65 -27.40 -18.96 -6.64
CA GLN C 65 -26.27 -18.08 -6.94
C GLN C 65 -25.20 -18.81 -7.75
N ASP C 66 -25.04 -20.12 -7.53
CA ASP C 66 -24.04 -20.87 -8.25
C ASP C 66 -24.50 -21.25 -9.65
N ARG C 67 -25.77 -21.00 -9.99
CA ARG C 67 -26.38 -21.49 -11.22
C ARG C 67 -26.75 -20.40 -12.21
N VAL C 68 -27.00 -19.16 -11.74
CA VAL C 68 -27.61 -18.13 -12.56
C VAL C 68 -26.65 -16.96 -12.70
N THR C 69 -26.77 -16.26 -13.83
CA THR C 69 -26.01 -15.04 -14.10
C THR C 69 -26.87 -14.11 -14.95
N PHE C 70 -26.78 -12.81 -14.66
CA PHE C 70 -27.49 -11.80 -15.42
C PHE C 70 -26.49 -10.82 -16.03
N THR C 71 -26.98 -10.05 -17.00
CA THR C 71 -26.27 -8.91 -17.53
C THR C 71 -27.26 -8.12 -18.38
N ALA C 72 -26.94 -6.83 -18.56
CA ALA C 72 -27.81 -5.94 -19.32
C ALA C 72 -26.95 -4.97 -20.11
N ASP C 73 -27.51 -4.46 -21.20
CA ASP C 73 -26.82 -3.56 -22.12
C ASP C 73 -27.72 -2.35 -22.36
N THR C 74 -27.18 -1.16 -22.16
CA THR C 74 -27.95 0.06 -22.39
C THR C 74 -28.12 0.38 -23.87
N SER C 75 -27.19 -0.05 -24.72
CA SER C 75 -27.31 0.21 -26.15
C SER C 75 -28.27 -0.73 -26.86
N ALA C 76 -28.64 -1.84 -26.22
CA ALA C 76 -29.54 -2.82 -26.82
C ALA C 76 -30.96 -2.75 -26.28
N ASN C 77 -31.19 -2.04 -25.18
CA ASN C 77 -32.49 -2.05 -24.50
C ASN C 77 -32.93 -3.48 -24.17
N THR C 78 -31.98 -4.30 -23.74
CA THR C 78 -32.22 -5.74 -23.56
C THR C 78 -31.46 -6.23 -22.34
N ALA C 79 -32.08 -7.13 -21.59
CA ALA C 79 -31.47 -7.83 -20.47
C ALA C 79 -31.28 -9.29 -20.81
N TYR C 80 -30.17 -9.86 -20.36
CA TYR C 80 -29.83 -11.26 -20.61
C TYR C 80 -29.77 -12.01 -19.29
N MET C 81 -30.10 -13.29 -19.34
CA MET C 81 -29.93 -14.20 -18.21
C MET C 81 -29.29 -15.48 -18.73
N GLU C 82 -28.58 -16.17 -17.85
CA GLU C 82 -27.96 -17.44 -18.18
C GLU C 82 -28.09 -18.36 -16.97
N LEU C 83 -28.64 -19.56 -17.20
CA LEU C 83 -28.81 -20.58 -16.17
C LEU C 83 -28.00 -21.80 -16.60
N ARG C 84 -27.01 -22.17 -15.79
CA ARG C 84 -26.06 -23.21 -16.11
C ARG C 84 -26.41 -24.49 -15.34
N SER C 85 -26.00 -25.63 -15.90
CA SER C 85 -26.23 -26.94 -15.30
C SER C 85 -27.73 -27.24 -15.18
N LEU C 86 -28.38 -27.30 -16.34
CA LEU C 86 -29.80 -27.60 -16.40
C LEU C 86 -30.11 -28.96 -15.80
N ARG C 87 -31.24 -29.04 -15.10
CA ARG C 87 -31.82 -30.29 -14.66
C ARG C 87 -33.29 -30.32 -15.04
N SER C 88 -33.90 -31.49 -14.88
CA SER C 88 -35.30 -31.68 -15.29
C SER C 88 -36.24 -30.74 -14.53
N ALA C 89 -35.87 -30.37 -13.30
CA ALA C 89 -36.69 -29.46 -12.51
C ALA C 89 -36.74 -28.06 -13.11
N ASP C 90 -35.78 -27.71 -13.97
CA ASP C 90 -35.76 -26.39 -14.59
C ASP C 90 -36.84 -26.20 -15.65
N THR C 91 -37.55 -27.27 -16.03
CA THR C 91 -38.62 -27.14 -17.02
C THR C 91 -39.72 -26.26 -16.48
N ALA C 92 -39.84 -25.04 -17.02
CA ALA C 92 -40.71 -24.03 -16.44
C ALA C 92 -40.85 -22.88 -17.41
N VAL C 93 -41.83 -22.01 -17.15
CA VAL C 93 -42.00 -20.77 -17.90
C VAL C 93 -41.27 -19.66 -17.17
N TYR C 94 -40.41 -18.94 -17.90
CA TYR C 94 -39.54 -17.91 -17.33
C TYR C 94 -40.01 -16.54 -17.79
N TYR C 95 -39.87 -15.55 -16.91
CA TYR C 95 -40.32 -14.19 -17.17
C TYR C 95 -39.24 -13.19 -16.76
N CYS C 96 -39.21 -12.06 -17.46
CA CYS C 96 -38.52 -10.86 -17.03
C CYS C 96 -39.56 -9.82 -16.63
N ALA C 97 -39.15 -8.85 -15.81
CA ALA C 97 -40.10 -7.93 -15.24
C ALA C 97 -39.48 -6.55 -15.07
N ARG C 98 -40.36 -5.59 -14.76
CA ARG C 98 -40.02 -4.20 -14.52
C ARG C 98 -40.76 -3.71 -13.28
N VAL C 99 -40.13 -2.81 -12.53
CA VAL C 99 -40.65 -2.36 -11.25
C VAL C 99 -41.40 -1.04 -11.47
N GLY C 100 -42.15 -0.61 -10.47
CA GLY C 100 -42.87 0.64 -10.54
C GLY C 100 -41.95 1.82 -10.28
N PRO C 101 -42.40 3.03 -10.59
CA PRO C 101 -41.56 4.21 -10.39
C PRO C 101 -41.53 4.63 -8.93
N TYR C 102 -40.35 5.00 -8.46
CA TYR C 102 -40.22 5.51 -7.10
C TYR C 102 -40.92 6.86 -6.98
N SER C 103 -41.49 7.13 -5.80
CA SER C 103 -42.15 8.39 -5.51
C SER C 103 -41.59 8.93 -4.20
N TRP C 104 -41.83 10.23 -3.99
CA TRP C 104 -41.13 10.95 -2.92
C TRP C 104 -41.40 10.36 -1.55
N ASP C 105 -42.64 9.89 -1.31
CA ASP C 105 -43.00 9.40 0.02
C ASP C 105 -42.47 8.00 0.33
N ASP C 106 -42.00 7.27 -0.67
CA ASP C 106 -41.67 5.86 -0.47
C ASP C 106 -40.36 5.69 0.31
N SER C 107 -40.35 4.68 1.17
CA SER C 107 -39.13 4.17 1.76
C SER C 107 -38.36 3.37 0.71
N PRO C 108 -37.09 3.04 0.95
CA PRO C 108 -36.34 2.27 -0.03
C PRO C 108 -36.98 0.94 -0.32
N GLN C 109 -36.96 0.58 -1.60
CA GLN C 109 -37.38 -0.73 -2.05
C GLN C 109 -38.83 -1.01 -1.73
N ASP C 110 -39.65 0.04 -1.63
CA ASP C 110 -41.09 -0.14 -1.68
C ASP C 110 -41.58 -0.43 -3.09
N ASN C 111 -40.80 -0.04 -4.11
CA ASN C 111 -41.28 -0.09 -5.48
C ASN C 111 -40.87 -1.35 -6.24
N TYR C 112 -40.09 -2.27 -5.65
CA TYR C 112 -39.64 -3.45 -6.39
C TYR C 112 -40.75 -4.48 -6.64
N TYR C 113 -42.01 -4.16 -6.32
CA TYR C 113 -43.10 -4.99 -6.78
C TYR C 113 -43.09 -5.05 -8.31
N MET C 114 -43.77 -6.05 -8.86
CA MET C 114 -43.76 -6.26 -10.30
C MET C 114 -44.77 -5.32 -10.95
N ASP C 115 -44.28 -4.31 -11.67
CA ASP C 115 -45.18 -3.38 -12.34
C ASP C 115 -45.62 -3.91 -13.70
N VAL C 116 -44.66 -4.36 -14.52
CA VAL C 116 -44.96 -4.89 -15.85
C VAL C 116 -44.11 -6.13 -16.08
N TRP C 117 -44.66 -7.07 -16.83
CA TRP C 117 -44.03 -8.31 -17.21
C TRP C 117 -43.99 -8.47 -18.73
N GLY C 118 -43.30 -9.52 -19.17
CA GLY C 118 -43.38 -9.98 -20.54
C GLY C 118 -44.31 -11.17 -20.69
N LYS C 119 -44.44 -11.60 -21.95
CA LYS C 119 -45.30 -12.73 -22.29
C LYS C 119 -44.73 -14.07 -21.87
N GLY C 120 -43.48 -14.13 -21.42
CA GLY C 120 -42.90 -15.37 -20.93
C GLY C 120 -42.28 -16.21 -22.02
N THR C 121 -41.49 -17.20 -21.63
CA THR C 121 -40.83 -18.11 -22.57
C THR C 121 -40.80 -19.50 -21.97
N THR C 122 -41.13 -20.51 -22.78
CA THR C 122 -41.13 -21.88 -22.32
C THR C 122 -39.72 -22.47 -22.43
N VAL C 123 -39.27 -23.12 -21.38
CA VAL C 123 -37.98 -23.82 -21.34
C VAL C 123 -38.24 -25.24 -20.87
N ILE C 124 -37.74 -26.21 -21.64
CA ILE C 124 -37.88 -27.64 -21.34
C ILE C 124 -36.51 -28.28 -21.40
N VAL C 125 -36.21 -29.12 -20.41
CA VAL C 125 -34.93 -29.82 -20.33
C VAL C 125 -35.15 -31.22 -20.88
N SER C 126 -34.61 -31.49 -22.07
CA SER C 126 -34.81 -32.78 -22.72
C SER C 126 -33.67 -33.02 -23.70
N SER C 127 -33.46 -34.30 -24.02
CA SER C 127 -32.40 -34.68 -24.96
C SER C 127 -32.87 -34.46 -26.40
N GLU D 1 -38.47 -20.15 5.46
CA GLU D 1 -38.74 -18.85 4.76
C GLU D 1 -40.22 -18.49 4.91
N ILE D 2 -40.57 -17.26 4.54
CA ILE D 2 -41.96 -16.84 4.58
C ILE D 2 -42.74 -17.66 3.56
N VAL D 3 -43.90 -18.16 3.97
CA VAL D 3 -44.77 -18.97 3.12
C VAL D 3 -46.15 -18.35 3.13
N LEU D 4 -46.73 -18.18 1.94
CA LEU D 4 -48.06 -17.60 1.77
C LEU D 4 -49.03 -18.70 1.36
N THR D 5 -50.14 -18.81 2.07
CA THR D 5 -51.21 -19.76 1.78
C THR D 5 -52.48 -18.98 1.48
N GLN D 6 -53.00 -19.12 0.27
CA GLN D 6 -54.23 -18.45 -0.14
C GLN D 6 -55.43 -19.33 0.12
N SER D 7 -56.56 -18.70 0.38
CA SER D 7 -57.83 -19.39 0.57
C SER D 7 -58.95 -18.45 0.15
N PRO D 8 -60.02 -18.96 -0.48
CA PRO D 8 -60.29 -20.35 -0.90
C PRO D 8 -59.48 -20.72 -2.13
N GLY D 9 -59.23 -22.03 -2.35
CA GLY D 9 -58.52 -22.45 -3.54
C GLY D 9 -59.28 -22.10 -4.81
N THR D 10 -60.61 -22.15 -4.75
CA THR D 10 -61.48 -21.74 -5.85
C THR D 10 -62.68 -21.01 -5.29
N LEU D 11 -63.01 -19.89 -5.93
CA LEU D 11 -64.24 -19.14 -5.68
C LEU D 11 -65.01 -19.06 -6.99
N SER D 12 -66.17 -19.72 -7.03
CA SER D 12 -67.04 -19.77 -8.19
C SER D 12 -68.06 -18.65 -8.06
N LEU D 13 -68.09 -17.77 -9.06
CA LEU D 13 -68.99 -16.63 -9.04
C LEU D 13 -69.40 -16.24 -10.45
N SER D 14 -70.62 -15.75 -10.55
CA SER D 14 -71.15 -15.17 -11.76
C SER D 14 -70.91 -13.67 -11.76
N PRO D 15 -71.13 -12.99 -12.89
CA PRO D 15 -71.05 -11.52 -12.89
C PRO D 15 -72.07 -10.92 -11.93
N GLY D 16 -71.71 -9.78 -11.33
CA GLY D 16 -72.66 -8.98 -10.60
C GLY D 16 -72.75 -9.28 -9.12
N GLU D 17 -71.89 -10.16 -8.58
CA GLU D 17 -71.88 -10.48 -7.17
C GLU D 17 -70.48 -10.37 -6.57
N ARG D 18 -70.42 -10.26 -5.25
CA ARG D 18 -69.24 -9.78 -4.54
C ARG D 18 -68.26 -10.92 -4.26
N ALA D 19 -66.96 -10.62 -4.39
CA ALA D 19 -65.89 -11.59 -4.20
C ALA D 19 -64.90 -11.09 -3.16
N THR D 20 -64.43 -12.00 -2.30
CA THR D 20 -63.41 -11.71 -1.30
C THR D 20 -62.40 -12.85 -1.30
N PHE D 21 -61.16 -12.52 -0.92
CA PHE D 21 -60.08 -13.50 -0.89
C PHE D 21 -59.15 -13.18 0.26
N SER D 22 -58.42 -14.20 0.72
CA SER D 22 -57.52 -14.09 1.87
C SER D 22 -56.20 -14.74 1.55
N CYS D 23 -55.12 -14.12 2.02
CA CYS D 23 -53.76 -14.65 1.89
C CYS D 23 -53.08 -14.55 3.24
N ARG D 24 -52.77 -15.71 3.83
CA ARG D 24 -52.20 -15.79 5.17
C ARG D 24 -50.70 -16.03 5.05
N SER D 25 -49.92 -15.32 5.87
CA SER D 25 -48.47 -15.41 5.86
C SER D 25 -47.96 -16.04 7.15
N SER D 26 -46.86 -16.79 7.02
CA SER D 26 -46.23 -17.39 8.19
C SER D 26 -45.55 -16.36 9.08
N HIS D 27 -45.21 -15.19 8.54
CA HIS D 27 -44.61 -14.10 9.31
C HIS D 27 -45.35 -12.81 9.00
N SER D 28 -45.49 -11.95 10.01
CA SER D 28 -46.12 -10.66 9.82
C SER D 28 -45.19 -9.71 9.07
N ILE D 29 -45.79 -8.81 8.30
CA ILE D 29 -45.07 -7.83 7.50
C ILE D 29 -45.51 -6.44 7.95
N ARG D 30 -44.79 -5.86 8.92
CA ARG D 30 -45.31 -4.64 9.54
C ARG D 30 -45.29 -3.44 8.58
N SER D 31 -44.35 -3.41 7.64
CA SER D 31 -44.17 -2.25 6.76
C SER D 31 -44.82 -2.46 5.39
N ARG D 32 -45.83 -3.33 5.33
CA ARG D 32 -46.82 -3.31 4.25
C ARG D 32 -46.26 -3.72 2.89
N ARG D 33 -45.08 -4.33 2.83
CA ARG D 33 -44.55 -4.74 1.53
C ARG D 33 -45.24 -6.01 1.02
N VAL D 34 -46.42 -5.88 0.43
CA VAL D 34 -47.09 -7.00 -0.23
C VAL D 34 -47.74 -6.51 -1.51
N ALA D 35 -48.04 -7.44 -2.41
CA ALA D 35 -48.68 -7.12 -3.67
C ALA D 35 -49.48 -8.32 -4.15
N TRP D 36 -50.64 -8.05 -4.75
CA TRP D 36 -51.51 -9.06 -5.33
C TRP D 36 -51.41 -8.92 -6.84
N TYR D 37 -51.60 -10.02 -7.57
CA TYR D 37 -51.40 -10.02 -9.01
C TYR D 37 -52.40 -10.95 -9.68
N GLN D 38 -52.59 -10.74 -10.98
CA GLN D 38 -53.53 -11.49 -11.81
C GLN D 38 -52.78 -12.25 -12.89
N HIS D 39 -53.33 -13.40 -13.29
CA HIS D 39 -52.78 -14.20 -14.39
C HIS D 39 -53.89 -14.92 -15.14
N LYS D 40 -53.87 -14.79 -16.47
CA LYS D 40 -54.62 -15.64 -17.37
C LYS D 40 -53.65 -16.46 -18.20
N PRO D 41 -53.93 -17.73 -18.53
CA PRO D 41 -53.00 -18.47 -19.39
C PRO D 41 -52.93 -17.86 -20.78
N GLY D 42 -51.74 -17.92 -21.39
CA GLY D 42 -51.53 -17.39 -22.72
C GLY D 42 -51.29 -15.91 -22.80
N GLN D 43 -51.31 -15.20 -21.69
CA GLN D 43 -51.10 -13.76 -21.64
C GLN D 43 -50.03 -13.45 -20.60
N ALA D 44 -49.27 -12.40 -20.83
CA ALA D 44 -48.41 -11.89 -19.77
C ALA D 44 -49.29 -11.55 -18.56
N PRO D 45 -49.03 -12.13 -17.37
CA PRO D 45 -49.86 -11.76 -16.21
C PRO D 45 -49.76 -10.28 -15.86
N ARG D 46 -50.53 -9.90 -14.84
CA ARG D 46 -50.93 -8.51 -14.64
C ARG D 46 -50.93 -8.17 -13.16
N LEU D 47 -50.62 -6.91 -12.84
CA LEU D 47 -50.66 -6.40 -11.47
C LEU D 47 -52.04 -5.84 -11.16
N VAL D 48 -52.41 -5.89 -9.89
CA VAL D 48 -53.61 -5.21 -9.37
C VAL D 48 -53.29 -4.31 -8.18
N ILE D 49 -52.70 -4.86 -7.12
CA ILE D 49 -52.49 -4.16 -5.85
C ILE D 49 -51.03 -4.31 -5.48
N HIS D 50 -50.45 -3.23 -4.92
CA HIS D 50 -49.18 -3.30 -4.24
C HIS D 50 -49.26 -2.42 -3.00
N GLY D 51 -48.53 -2.83 -1.96
CA GLY D 51 -48.59 -2.12 -0.69
C GLY D 51 -49.94 -2.22 0.00
N VAL D 52 -50.63 -3.33 -0.17
CA VAL D 52 -51.93 -3.64 0.45
C VAL D 52 -53.08 -2.83 -0.15
N SER D 53 -52.90 -1.52 -0.34
CA SER D 53 -54.00 -0.65 -0.74
C SER D 53 -53.75 0.20 -1.97
N ASN D 54 -52.50 0.50 -2.34
CA ASN D 54 -52.26 1.38 -3.48
C ASN D 54 -52.57 0.63 -4.76
N ARG D 55 -53.73 0.95 -5.35
CA ARG D 55 -54.16 0.32 -6.59
C ARG D 55 -53.22 0.66 -7.74
N ALA D 56 -53.07 -0.28 -8.67
CA ALA D 56 -52.17 -0.12 -9.80
C ALA D 56 -52.74 0.88 -10.81
N SER D 57 -51.88 1.30 -11.73
CA SER D 57 -52.28 2.27 -12.75
C SER D 57 -53.15 1.60 -13.81
N GLY D 58 -54.30 2.22 -14.10
CA GLY D 58 -55.14 1.80 -15.20
C GLY D 58 -56.11 0.68 -14.90
N ILE D 59 -56.06 0.10 -13.71
CA ILE D 59 -56.92 -1.05 -13.37
C ILE D 59 -58.24 -0.53 -12.81
N SER D 60 -59.30 -1.32 -12.99
CA SER D 60 -60.65 -0.86 -12.66
C SER D 60 -60.82 -0.67 -11.16
N ASP D 61 -61.75 0.22 -10.79
CA ASP D 61 -61.99 0.57 -9.40
C ASP D 61 -62.60 -0.55 -8.58
N ARG D 62 -63.06 -1.63 -9.21
CA ARG D 62 -63.67 -2.74 -8.49
C ARG D 62 -62.68 -3.43 -7.55
N PHE D 63 -61.38 -3.35 -7.85
CA PHE D 63 -60.38 -4.05 -7.08
C PHE D 63 -59.91 -3.21 -5.89
N SER D 64 -59.80 -3.86 -4.73
CA SER D 64 -59.32 -3.20 -3.51
C SER D 64 -58.94 -4.27 -2.50
N GLY D 65 -58.01 -3.91 -1.62
CA GLY D 65 -57.50 -4.84 -0.62
C GLY D 65 -57.25 -4.14 0.70
N SER D 66 -56.92 -4.96 1.71
CA SER D 66 -56.71 -4.45 3.06
C SER D 66 -55.97 -5.51 3.88
N GLY D 67 -55.50 -5.08 5.04
CA GLY D 67 -54.84 -5.96 5.99
C GLY D 67 -53.60 -5.31 6.56
N SER D 68 -53.29 -5.69 7.81
CA SER D 68 -52.21 -5.07 8.57
C SER D 68 -51.24 -6.08 9.16
N GLY D 69 -51.74 -7.22 9.63
CA GLY D 69 -50.92 -8.17 10.35
C GLY D 69 -50.27 -9.21 9.45
N THR D 70 -50.65 -10.47 9.63
CA THR D 70 -50.22 -11.56 8.76
C THR D 70 -51.34 -12.11 7.90
N ASP D 71 -52.54 -11.52 7.95
CA ASP D 71 -53.66 -11.87 7.08
C ASP D 71 -53.97 -10.67 6.19
N PHE D 72 -53.94 -10.89 4.88
CA PHE D 72 -54.10 -9.83 3.90
C PHE D 72 -55.14 -10.24 2.88
N THR D 73 -55.90 -9.25 2.39
CA THR D 73 -57.18 -9.49 1.72
C THR D 73 -57.27 -8.73 0.41
N LEU D 74 -58.00 -9.31 -0.54
CA LEU D 74 -58.40 -8.66 -1.78
C LEU D 74 -59.88 -8.93 -1.98
N THR D 75 -60.63 -7.89 -2.35
CA THR D 75 -62.06 -8.02 -2.57
C THR D 75 -62.45 -7.36 -3.89
N ILE D 76 -63.56 -7.83 -4.45
CA ILE D 76 -64.15 -7.30 -5.68
C ILE D 76 -65.56 -6.86 -5.33
N THR D 77 -65.91 -5.61 -5.67
CA THR D 77 -67.24 -5.10 -5.35
C THR D 77 -68.31 -5.83 -6.15
N ARG D 78 -68.08 -6.04 -7.45
CA ARG D 78 -68.99 -6.80 -8.29
C ARG D 78 -68.15 -7.52 -9.34
N VAL D 79 -68.40 -8.82 -9.51
CA VAL D 79 -67.71 -9.58 -10.55
C VAL D 79 -68.25 -9.21 -11.93
N GLU D 80 -67.34 -9.17 -12.90
CA GLU D 80 -67.65 -9.06 -14.32
C GLU D 80 -66.90 -10.16 -15.07
N PRO D 81 -67.32 -10.48 -16.30
CA PRO D 81 -66.74 -11.66 -16.98
C PRO D 81 -65.23 -11.60 -17.19
N GLU D 82 -64.65 -10.42 -17.40
CA GLU D 82 -63.24 -10.35 -17.77
C GLU D 82 -62.31 -10.81 -16.65
N ASP D 83 -62.78 -10.78 -15.39
CA ASP D 83 -61.90 -11.07 -14.28
C ASP D 83 -61.76 -12.57 -13.99
N PHE D 84 -62.40 -13.44 -14.76
CA PHE D 84 -62.24 -14.87 -14.55
C PHE D 84 -60.78 -15.24 -14.83
N ALA D 85 -60.02 -15.46 -13.77
CA ALA D 85 -58.59 -15.64 -13.89
C ALA D 85 -58.04 -16.02 -12.52
N LEU D 86 -56.77 -16.38 -12.50
CA LEU D 86 -56.09 -16.74 -11.27
C LEU D 86 -55.52 -15.49 -10.62
N TYR D 87 -55.63 -15.41 -9.28
CA TYR D 87 -55.18 -14.27 -8.50
C TYR D 87 -54.25 -14.71 -7.39
N TYR D 88 -53.10 -14.04 -7.31
CA TYR D 88 -51.91 -14.48 -6.57
C TYR D 88 -51.45 -13.37 -5.65
N CYS D 89 -51.08 -13.73 -4.42
CA CYS D 89 -50.57 -12.79 -3.44
C CYS D 89 -49.05 -12.92 -3.30
N GLN D 90 -48.42 -11.83 -2.88
CA GLN D 90 -46.96 -11.76 -2.78
C GLN D 90 -46.54 -10.87 -1.63
N VAL D 91 -45.46 -11.28 -0.96
CA VAL D 91 -44.67 -10.42 -0.08
C VAL D 91 -43.36 -10.14 -0.80
N TYR D 92 -42.85 -8.93 -0.66
CA TYR D 92 -41.70 -8.50 -1.46
C TYR D 92 -40.78 -7.64 -0.61
N GLY D 93 -39.60 -7.41 -1.16
CA GLY D 93 -38.61 -6.52 -0.57
C GLY D 93 -37.65 -7.21 0.37
N ALA D 94 -36.55 -6.52 0.62
CA ALA D 94 -35.53 -6.95 1.58
C ALA D 94 -34.96 -8.32 1.22
N SER D 95 -34.72 -8.56 -0.07
CA SER D 95 -34.10 -9.78 -0.57
C SER D 95 -34.91 -11.03 -0.22
N SER D 96 -36.23 -10.87 -0.06
CA SER D 96 -37.06 -11.94 0.48
C SER D 96 -38.45 -12.01 -0.19
N TYR D 97 -38.49 -11.95 -1.51
CA TYR D 97 -39.72 -12.25 -2.25
C TYR D 97 -40.15 -13.71 -2.10
N THR D 98 -41.45 -13.92 -2.21
CA THR D 98 -42.04 -15.25 -2.31
C THR D 98 -43.49 -15.08 -2.74
N PHE D 99 -44.11 -16.20 -3.11
CA PHE D 99 -45.44 -16.21 -3.70
C PHE D 99 -46.30 -17.27 -3.03
N GLY D 100 -47.62 -17.15 -3.22
CA GLY D 100 -48.55 -18.14 -2.71
C GLY D 100 -48.88 -19.21 -3.73
N GLN D 101 -49.84 -20.06 -3.36
CA GLN D 101 -50.32 -21.13 -4.23
C GLN D 101 -51.33 -20.66 -5.27
N GLY D 102 -52.10 -19.61 -4.97
CA GLY D 102 -53.06 -19.07 -5.91
C GLY D 102 -54.50 -19.45 -5.64
N THR D 103 -55.44 -18.61 -6.07
CA THR D 103 -56.87 -18.88 -5.99
C THR D 103 -57.47 -18.69 -7.37
N LYS D 104 -58.38 -19.59 -7.75
CA LYS D 104 -59.01 -19.55 -9.07
C LYS D 104 -60.36 -18.84 -8.99
N LEU D 105 -60.56 -17.88 -9.89
CA LEU D 105 -61.82 -17.15 -10.01
C LEU D 105 -62.47 -17.57 -11.32
N GLU D 106 -63.68 -18.12 -11.25
CA GLU D 106 -64.28 -18.76 -12.42
C GLU D 106 -65.80 -18.63 -12.33
N ARG D 107 -66.45 -18.86 -13.47
CA ARG D 107 -67.89 -18.65 -13.60
C ARG D 107 -68.65 -19.71 -12.80
N LYS D 108 -69.66 -19.28 -12.06
CA LYS D 108 -70.49 -20.19 -11.27
C LYS D 108 -71.29 -21.12 -12.17
N GLU E 1 34.16 50.45 -25.58
CA GLU E 1 34.19 49.87 -26.95
C GLU E 1 34.90 48.51 -26.92
N ASN E 2 34.38 47.57 -27.71
CA ASN E 2 35.00 46.26 -27.87
C ASN E 2 35.10 45.51 -26.54
N LEU E 3 34.09 45.70 -25.69
CA LEU E 3 33.89 44.90 -24.49
C LEU E 3 32.63 44.07 -24.70
N TRP E 4 32.76 42.76 -24.51
CA TRP E 4 32.01 41.80 -25.28
C TRP E 4 31.76 40.54 -24.45
N VAL E 5 30.54 40.00 -24.58
CA VAL E 5 30.04 39.00 -23.63
C VAL E 5 30.77 37.67 -23.86
N THR E 6 31.02 36.95 -22.78
CA THR E 6 31.28 35.52 -22.82
C THR E 6 30.39 34.81 -21.82
N VAL E 7 30.12 33.53 -22.09
CA VAL E 7 29.30 32.68 -21.23
C VAL E 7 30.16 31.54 -20.72
N TYR E 8 30.04 31.25 -19.43
CA TYR E 8 30.70 30.11 -18.80
C TYR E 8 29.67 29.07 -18.39
N TYR E 9 30.10 27.81 -18.40
CA TYR E 9 29.33 26.70 -17.87
C TYR E 9 30.11 26.08 -16.72
N GLY E 10 29.40 25.34 -15.86
CA GLY E 10 30.03 24.76 -14.69
C GLY E 10 30.57 25.76 -13.70
N VAL E 11 29.90 26.91 -13.55
CA VAL E 11 30.41 28.01 -12.73
C VAL E 11 30.41 27.58 -11.27
N PRO E 12 31.39 28.03 -10.42
CA PRO E 12 31.33 27.73 -8.97
C PRO E 12 30.67 28.79 -8.10
N VAL E 13 29.34 28.87 -8.17
CA VAL E 13 28.56 29.65 -7.21
C VAL E 13 27.27 28.90 -6.92
N TRP E 14 26.48 29.44 -5.99
CA TRP E 14 25.42 28.68 -5.35
C TRP E 14 24.40 29.61 -4.73
N LYS E 15 23.24 29.04 -4.37
CA LYS E 15 22.17 29.76 -3.71
C LYS E 15 21.44 28.83 -2.75
N GLU E 16 20.77 29.41 -1.76
CA GLU E 16 20.11 28.62 -0.73
C GLU E 16 18.86 27.95 -1.30
N ALA E 17 18.62 26.70 -0.89
CA ALA E 17 17.50 25.95 -1.41
C ALA E 17 17.19 24.77 -0.49
N LYS E 18 16.04 24.16 -0.74
CA LYS E 18 15.58 22.97 -0.02
C LYS E 18 15.63 21.77 -0.96
N THR E 19 16.09 20.63 -0.43
CA THR E 19 16.42 19.48 -1.27
C THR E 19 16.08 18.19 -0.55
N THR E 20 15.88 17.13 -1.33
CA THR E 20 15.68 15.78 -0.81
C THR E 20 17.04 15.10 -0.71
N LEU E 21 17.43 14.75 0.52
CA LEU E 21 18.75 14.17 0.75
C LEU E 21 18.71 12.64 0.70
N PHE E 22 19.89 12.05 0.54
CA PHE E 22 20.05 10.60 0.52
C PHE E 22 20.34 10.07 1.91
N CYS E 23 19.76 8.91 2.22
CA CYS E 23 20.26 8.08 3.30
C CYS E 23 21.56 7.43 2.83
N ALA E 24 22.47 7.16 3.77
CA ALA E 24 23.70 6.44 3.47
C ALA E 24 24.20 5.73 4.71
N SER E 25 24.30 4.40 4.64
CA SER E 25 24.52 3.56 5.79
C SER E 25 25.49 2.45 5.47
N ASP E 26 25.71 1.59 6.46
CA ASP E 26 26.46 0.36 6.25
C ASP E 26 25.65 -0.60 5.38
N ALA E 27 26.30 -1.69 4.95
CA ALA E 27 25.65 -2.63 4.05
C ALA E 27 24.73 -3.59 4.80
N LYS E 28 25.22 -4.21 5.88
CA LYS E 28 24.47 -5.26 6.59
C LYS E 28 24.75 -5.10 8.09
N ALA E 29 23.90 -4.32 8.76
CA ALA E 29 23.99 -4.13 10.20
C ALA E 29 25.36 -3.57 10.57
N TYR E 30 26.04 -4.14 11.59
CA TYR E 30 27.44 -3.83 11.83
C TYR E 30 28.34 -4.69 10.96
N GLU E 31 28.06 -4.74 9.66
CA GLU E 31 28.68 -5.69 8.73
C GLU E 31 28.62 -7.10 9.29
N LYS E 32 27.45 -7.46 9.82
CA LYS E 32 27.17 -8.78 10.37
C LYS E 32 25.85 -9.27 9.81
N GLU E 33 25.76 -10.59 9.64
CA GLU E 33 24.63 -11.22 8.93
C GLU E 33 23.37 -11.25 9.81
N VAL E 34 22.80 -10.06 10.02
CA VAL E 34 21.55 -9.90 10.76
C VAL E 34 20.76 -8.76 10.14
N HIS E 35 19.46 -8.77 10.39
CA HIS E 35 18.59 -7.67 9.98
C HIS E 35 18.68 -6.52 10.98
N ASN E 36 18.86 -5.31 10.46
CA ASN E 36 18.88 -4.09 11.26
C ASN E 36 17.83 -3.14 10.70
N ILE E 37 17.09 -2.48 11.59
CA ILE E 37 15.91 -1.73 11.17
C ILE E 37 16.31 -0.52 10.34
N TRP E 38 17.49 0.05 10.58
CA TRP E 38 17.94 1.21 9.81
C TRP E 38 18.69 0.82 8.54
N ALA E 39 19.80 0.10 8.69
CA ALA E 39 20.70 -0.16 7.56
C ALA E 39 20.03 -0.96 6.46
N THR E 40 19.27 -2.01 6.83
CA THR E 40 18.81 -2.98 5.85
C THR E 40 17.86 -2.38 4.82
N HIS E 41 17.21 -1.26 5.12
CA HIS E 41 16.25 -0.66 4.20
C HIS E 41 17.00 0.20 3.19
N ALA E 42 17.62 -0.49 2.23
CA ALA E 42 18.35 0.14 1.13
C ALA E 42 19.42 1.09 1.66
N CYS E 43 19.23 2.41 1.50
CA CYS E 43 20.15 3.41 2.06
C CYS E 43 21.57 3.24 1.51
N VAL E 44 21.69 2.70 0.29
CA VAL E 44 22.92 2.68 -0.53
C VAL E 44 24.05 1.96 0.20
N PRO E 45 25.24 1.77 -0.38
CA PRO E 45 26.26 0.97 0.31
C PRO E 45 27.09 1.78 1.29
N THR E 46 28.06 1.09 1.90
CA THR E 46 28.93 1.68 2.92
C THR E 46 29.96 2.61 2.29
N ASP E 47 29.57 3.87 2.07
CA ASP E 47 30.48 4.85 1.51
C ASP E 47 31.61 5.12 2.51
N PRO E 48 32.86 4.73 2.23
CA PRO E 48 33.89 4.79 3.29
C PRO E 48 34.58 6.14 3.43
N ASN E 49 34.72 6.91 2.34
CA ASN E 49 35.64 8.05 2.31
C ASN E 49 34.78 9.30 2.22
N PRO E 50 34.79 10.16 3.25
CA PRO E 50 34.24 11.52 3.05
C PRO E 50 35.18 12.37 2.21
N GLN E 51 34.66 12.90 1.10
CA GLN E 51 35.43 13.75 0.18
C GLN E 51 35.57 15.18 0.67
N GLU E 52 36.20 15.39 1.81
CA GLU E 52 36.36 16.74 2.36
C GLU E 52 37.23 17.59 1.45
N MET E 53 36.79 18.83 1.22
CA MET E 53 37.56 19.83 0.51
C MET E 53 37.44 21.16 1.25
N VAL E 54 38.58 21.78 1.56
CA VAL E 54 38.63 23.02 2.32
C VAL E 54 38.74 24.18 1.35
N LEU E 55 38.08 25.29 1.67
CA LEU E 55 37.92 26.42 0.76
C LEU E 55 38.66 27.62 1.32
N LYS E 56 39.58 28.17 0.53
CA LYS E 56 40.22 29.43 0.88
C LYS E 56 39.20 30.55 0.81
N ASN E 57 39.27 31.47 1.79
CA ASN E 57 38.61 32.78 1.72
C ASN E 57 37.13 32.67 1.38
N VAL E 58 36.39 31.92 2.19
CA VAL E 58 34.94 31.82 2.07
C VAL E 58 34.31 32.19 3.41
N THR E 59 33.41 33.16 3.37
CA THR E 59 32.56 33.50 4.51
C THR E 59 31.11 33.23 4.11
N GLU E 60 30.39 32.53 4.97
CA GLU E 60 29.06 32.03 4.63
C GLU E 60 28.19 32.07 5.88
N ASN E 61 26.89 32.30 5.65
CA ASN E 61 25.91 32.32 6.70
C ASN E 61 25.23 30.96 6.85
N PHE E 62 25.24 30.43 8.07
CA PHE E 62 24.38 29.31 8.45
C PHE E 62 23.44 29.72 9.57
N ASN E 63 22.27 29.05 9.57
CA ASN E 63 21.20 29.26 10.54
C ASN E 63 20.71 27.86 10.91
N MET E 64 21.33 27.27 11.94
CA MET E 64 21.02 25.88 12.24
C MET E 64 19.66 25.74 12.89
N TRP E 65 19.12 26.82 13.48
CA TRP E 65 17.78 26.74 14.03
C TRP E 65 16.74 26.59 12.93
N LYS E 66 16.95 27.29 11.81
CA LYS E 66 16.05 27.22 10.66
C LYS E 66 16.55 26.27 9.57
N ASN E 67 17.67 25.57 9.76
CA ASN E 67 18.24 24.76 8.69
C ASN E 67 17.26 23.68 8.23
N ASP E 68 17.16 23.54 6.91
CA ASP E 68 16.05 22.78 6.32
C ASP E 68 16.22 21.27 6.46
N MET E 69 17.45 20.78 6.47
CA MET E 69 17.66 19.33 6.41
C MET E 69 17.49 18.63 7.77
N VAL E 70 17.03 19.35 8.80
CA VAL E 70 16.55 18.68 10.01
C VAL E 70 15.12 18.23 9.83
N ASP E 71 14.34 18.96 9.03
CA ASP E 71 12.96 18.56 8.76
C ASP E 71 12.94 17.20 8.08
N GLN E 72 13.79 17.00 7.09
CA GLN E 72 13.85 15.71 6.42
C GLN E 72 14.51 14.65 7.27
N MET E 73 15.41 15.04 8.18
CA MET E 73 15.87 14.10 9.18
C MET E 73 14.70 13.52 9.96
N HIS E 74 13.87 14.40 10.53
CA HIS E 74 12.75 13.92 11.33
C HIS E 74 11.77 13.13 10.48
N GLU E 75 11.48 13.61 9.28
CA GLU E 75 10.50 12.94 8.42
C GLU E 75 10.98 11.54 8.03
N ASP E 76 12.26 11.39 7.68
CA ASP E 76 12.80 10.08 7.37
C ASP E 76 12.81 9.19 8.60
N VAL E 77 13.19 9.73 9.75
CA VAL E 77 13.33 8.92 10.97
C VAL E 77 11.98 8.33 11.37
N ILE E 78 10.92 9.13 11.28
CA ILE E 78 9.58 8.61 11.59
C ILE E 78 9.20 7.51 10.62
N SER E 79 9.47 7.71 9.33
CA SER E 79 8.93 6.82 8.30
C SER E 79 9.51 5.41 8.40
N LEU E 80 10.81 5.28 8.70
CA LEU E 80 11.42 3.96 8.72
C LEU E 80 10.81 3.07 9.79
N TRP E 81 10.56 3.60 10.98
CA TRP E 81 9.85 2.82 11.99
C TRP E 81 8.45 2.48 11.51
N ASP E 82 7.77 3.46 10.91
CA ASP E 82 6.44 3.21 10.35
C ASP E 82 6.47 2.13 9.28
N GLN E 83 7.49 2.16 8.42
CA GLN E 83 7.54 1.22 7.31
C GLN E 83 7.89 -0.18 7.80
N SER E 84 8.89 -0.29 8.67
CA SER E 84 9.34 -1.59 9.15
C SER E 84 8.34 -2.24 10.09
N LEU E 85 7.58 -1.45 10.84
CA LEU E 85 6.74 -2.01 11.90
C LEU E 85 5.53 -2.76 11.36
N LYS E 86 5.01 -2.36 10.19
CA LYS E 86 3.68 -2.73 9.73
C LYS E 86 3.39 -4.23 9.72
N PRO E 87 4.23 -5.09 9.13
CA PRO E 87 3.86 -6.51 9.02
C PRO E 87 3.74 -7.24 10.36
N CYS E 88 4.31 -6.71 11.44
CA CYS E 88 4.21 -7.37 12.74
C CYS E 88 2.76 -7.34 13.24
N VAL E 89 2.39 -8.40 13.96
CA VAL E 89 1.02 -8.55 14.44
C VAL E 89 0.74 -7.54 15.56
N LYS E 90 -0.53 -7.24 15.79
CA LYS E 90 -0.97 -6.17 16.65
C LYS E 90 -1.46 -6.71 17.99
N LEU E 91 -1.55 -5.82 18.98
CA LEU E 91 -2.05 -6.13 20.32
C LEU E 91 -3.49 -5.69 20.57
N THR E 92 -4.22 -5.26 19.54
CA THR E 92 -5.63 -4.90 19.73
C THR E 92 -6.48 -5.98 20.39
N PRO E 93 -6.35 -7.28 20.09
CA PRO E 93 -7.21 -8.25 20.79
C PRO E 93 -6.96 -8.35 22.29
N LEU E 94 -5.75 -8.08 22.78
CA LEU E 94 -5.49 -8.20 24.22
C LEU E 94 -6.00 -7.00 25.01
N CYS E 95 -6.33 -5.88 24.35
CA CYS E 95 -6.70 -4.64 25.04
C CYS E 95 -7.92 -4.82 25.95
N CYS E 96 -8.74 -5.84 25.72
CA CYS E 96 -9.82 -6.16 26.64
C CYS E 96 -9.28 -6.31 28.06
N THR E 97 -10.11 -5.95 29.04
CA THR E 97 -9.61 -5.71 30.39
C THR E 97 -9.23 -7.00 31.10
N LEU E 98 -8.53 -6.85 32.23
CA LEU E 98 -7.78 -7.91 32.86
C LEU E 98 -8.15 -8.03 34.34
N ASN E 99 -7.84 -9.19 34.90
CA ASN E 99 -8.00 -9.49 36.32
C ASN E 99 -6.67 -9.99 36.87
N CYS E 100 -6.16 -9.33 37.92
CA CYS E 100 -4.85 -9.72 38.42
C CYS E 100 -4.54 -9.11 39.78
N THR E 101 -3.35 -9.47 40.28
CA THR E 101 -3.04 -9.53 41.71
C THR E 101 -1.63 -9.01 41.93
N ASN E 102 -1.10 -9.28 43.12
CA ASN E 102 0.32 -9.05 43.40
C ASN E 102 1.14 -10.29 43.01
N ALA E 103 2.23 -10.06 42.30
CA ALA E 103 3.08 -11.16 41.85
C ALA E 103 3.96 -11.67 42.98
N THR E 104 4.44 -12.91 42.83
CA THR E 104 5.35 -13.54 43.77
C THR E 104 6.55 -14.08 43.00
N ALA E 105 7.72 -13.51 43.26
CA ALA E 105 8.95 -14.02 42.67
C ALA E 105 9.35 -15.33 43.35
N SER E 106 10.28 -16.04 42.72
CA SER E 106 10.75 -17.30 43.28
C SER E 106 11.44 -17.06 44.62
N ASN E 107 11.08 -17.89 45.61
CA ASN E 107 11.60 -17.82 46.97
C ASN E 107 11.25 -16.51 47.67
N SER E 108 10.20 -15.83 47.24
CA SER E 108 9.81 -14.54 47.77
C SER E 108 8.31 -14.53 48.06
N SER E 109 7.95 -13.86 49.17
CA SER E 109 6.54 -13.69 49.51
C SER E 109 5.88 -12.59 48.70
N ILE E 110 6.65 -11.69 48.08
CA ILE E 110 6.09 -10.54 47.37
C ILE E 110 7.13 -10.00 46.41
N ILE E 111 6.66 -9.47 45.30
CA ILE E 111 7.36 -8.46 44.51
C ILE E 111 6.47 -7.24 44.31
N GLU E 112 6.81 -6.17 45.01
CA GLU E 112 6.12 -4.89 44.95
C GLU E 112 6.43 -4.10 43.68
N GLY E 113 7.54 -4.40 43.00
CA GLY E 113 7.88 -3.78 41.73
C GLY E 113 7.19 -4.37 40.52
N MET E 114 6.24 -5.27 40.70
CA MET E 114 5.70 -6.08 39.62
C MET E 114 4.19 -6.14 39.78
N LYS E 115 3.49 -6.59 38.74
CA LYS E 115 2.09 -7.00 38.83
C LYS E 115 1.86 -8.20 37.93
N ASN E 116 1.52 -9.34 38.54
CA ASN E 116 1.05 -10.51 37.79
C ASN E 116 -0.44 -10.60 38.01
N CYS E 117 -0.39 -10.56 34.61
CA CYS E 117 -1.79 -10.20 34.77
C CYS E 117 -2.64 -11.15 33.93
N SER E 118 -3.73 -11.66 34.50
CA SER E 118 -4.56 -12.65 33.85
C SER E 118 -5.55 -11.98 32.91
N PHE E 119 -5.73 -12.57 31.72
CA PHE E 119 -6.52 -11.95 30.66
C PHE E 119 -7.17 -13.02 29.80
N ASN E 120 -8.41 -12.76 29.40
CA ASN E 120 -9.06 -13.55 28.35
C ASN E 120 -8.57 -13.07 26.99
N ILE E 121 -8.09 -14.00 26.16
CA ILE E 121 -7.54 -13.68 24.85
C ILE E 121 -8.01 -14.71 23.84
N THR E 122 -8.35 -14.23 22.65
CA THR E 122 -8.63 -15.12 21.53
C THR E 122 -7.38 -15.92 21.17
N THR E 123 -7.55 -17.22 20.94
CA THR E 123 -6.47 -18.10 20.55
C THR E 123 -6.92 -18.95 19.36
N GLU E 124 -5.93 -19.38 18.58
CA GLU E 124 -6.19 -19.99 17.27
C GLU E 124 -7.04 -19.04 16.44
N LEU E 125 -8.35 -19.19 16.40
CA LEU E 125 -9.18 -18.18 15.75
C LEU E 125 -10.62 -18.26 16.24
N ARG E 126 -10.98 -17.39 17.18
CA ARG E 126 -12.34 -16.89 17.37
C ARG E 126 -13.33 -17.91 17.94
N CYS E 127 -12.92 -19.16 18.06
CA CYS E 127 -13.79 -20.24 18.52
C CYS E 127 -13.17 -21.03 19.67
N LYS E 128 -11.92 -20.72 20.04
CA LYS E 128 -11.35 -21.06 21.33
C LYS E 128 -10.80 -19.79 21.94
N ARG E 129 -11.04 -19.60 23.23
CA ARG E 129 -10.47 -18.46 23.95
C ARG E 129 -10.18 -18.92 25.37
N GLU E 130 -9.02 -18.52 25.87
CA GLU E 130 -8.44 -19.10 27.08
C GLU E 130 -8.08 -18.01 28.08
N LYS E 131 -7.98 -18.41 29.34
CA LYS E 131 -7.57 -17.52 30.42
C LYS E 131 -6.05 -17.59 30.59
N LYS E 132 -5.36 -17.15 29.54
CA LYS E 132 -3.90 -17.08 29.58
C LYS E 132 -3.45 -16.07 30.64
N ASN E 133 -2.19 -16.19 31.04
CA ASN E 133 -1.64 -15.33 32.07
C ASN E 133 -0.19 -14.99 31.75
N ALA E 134 0.22 -13.82 32.22
CA ALA E 134 1.59 -13.33 32.07
C ALA E 134 1.79 -12.28 33.17
N LEU E 135 2.82 -11.46 33.03
CA LEU E 135 2.95 -10.28 33.88
C LEU E 135 3.53 -9.15 33.05
N PHE E 136 3.03 -7.95 33.33
CA PHE E 136 3.49 -6.73 32.71
C PHE E 136 4.16 -5.93 33.82
N TYR E 137 4.50 -4.68 33.52
CA TYR E 137 4.98 -3.78 34.56
C TYR E 137 3.85 -2.79 34.82
N LYS E 138 3.90 -2.12 35.97
CA LYS E 138 2.76 -1.29 36.36
C LYS E 138 2.52 -0.15 35.38
N LEU E 139 3.53 0.30 34.65
CA LEU E 139 3.35 1.48 33.82
C LEU E 139 2.44 1.22 32.64
N ASP E 140 2.31 -0.02 32.19
CA ASP E 140 1.39 -0.38 31.12
C ASP E 140 0.05 -0.85 31.65
N ILE E 141 -0.30 -0.49 32.88
CA ILE E 141 -1.41 -1.08 33.61
C ILE E 141 -2.18 0.04 34.31
N VAL E 142 -3.50 0.10 34.08
CA VAL E 142 -4.40 0.95 34.83
C VAL E 142 -5.65 0.14 35.15
N GLN E 143 -6.47 0.68 36.06
CA GLN E 143 -7.30 -0.16 36.93
C GLN E 143 -8.80 0.08 36.78
N LEU E 144 -9.27 1.32 36.87
CA LEU E 144 -10.64 1.56 37.32
C LEU E 144 -11.62 1.56 36.15
N ASP E 145 -12.91 1.57 36.50
CA ASP E 145 -14.10 1.57 35.63
C ASP E 145 -14.58 0.15 35.37
N GLY E 146 -15.90 -0.04 35.44
CA GLY E 146 -16.53 -1.32 35.17
C GLY E 146 -16.86 -2.15 36.40
N ASN E 147 -15.85 -2.59 37.14
CA ASN E 147 -16.04 -3.56 38.21
C ASN E 147 -14.94 -3.39 39.24
N SER E 148 -15.13 -4.04 40.40
CA SER E 148 -14.24 -3.85 41.53
C SER E 148 -12.80 -4.31 41.28
N SER E 149 -12.61 -5.26 40.36
CA SER E 149 -11.30 -5.90 40.17
C SER E 149 -10.81 -5.82 38.73
N GLN E 150 -11.20 -4.80 37.97
CA GLN E 150 -10.84 -4.72 36.56
C GLN E 150 -9.47 -4.06 36.40
N TYR E 151 -8.82 -4.36 35.27
CA TYR E 151 -7.53 -3.76 34.95
C TYR E 151 -7.36 -3.71 33.44
N ARG E 152 -6.66 -2.69 32.94
CA ARG E 152 -6.59 -2.41 31.52
C ARG E 152 -5.19 -1.93 31.15
N LEU E 153 -4.84 -2.05 29.87
CA LEU E 153 -3.57 -1.52 29.38
C LEU E 153 -3.66 -0.01 29.25
N ILE E 154 -2.51 0.66 29.34
CA ILE E 154 -2.52 2.11 29.56
C ILE E 154 -2.92 2.87 28.30
N ASN E 155 -2.33 2.55 27.15
CA ASN E 155 -2.62 3.30 25.92
C ASN E 155 -3.71 2.70 25.03
N CYS E 156 -4.08 1.43 25.23
CA CYS E 156 -4.79 0.73 24.15
C CYS E 156 -6.14 1.36 23.86
N ASP E 157 -6.78 1.97 24.86
CA ASP E 157 -8.06 2.62 24.63
C ASP E 157 -7.95 3.76 23.63
N THR E 158 -6.90 4.57 23.76
CA THR E 158 -6.73 5.74 22.91
C THR E 158 -6.02 5.43 21.60
N SER E 159 -5.24 4.36 21.54
CA SER E 159 -4.32 4.17 20.42
C SER E 159 -4.10 2.70 20.17
N VAL E 160 -3.88 2.35 18.90
CA VAL E 160 -3.46 0.99 18.54
C VAL E 160 -2.04 0.76 19.06
N ILE E 161 -1.81 -0.44 19.58
CA ILE E 161 -0.50 -0.86 20.09
C ILE E 161 0.03 -1.95 19.18
N THR E 162 1.33 -1.90 18.91
CA THR E 162 2.05 -2.90 18.15
C THR E 162 3.33 -3.27 18.88
N GLN E 163 3.71 -4.55 18.83
CA GLN E 163 5.03 -4.96 19.28
C GLN E 163 5.95 -5.09 18.07
N VAL E 164 7.18 -4.60 18.21
CA VAL E 164 8.18 -4.76 17.17
C VAL E 164 8.40 -6.24 16.92
N CYS E 165 8.70 -6.59 15.67
CA CYS E 165 9.03 -7.97 15.36
C CYS E 165 10.32 -8.34 16.11
N PRO E 166 10.33 -9.43 16.89
CA PRO E 166 11.42 -9.61 17.86
C PRO E 166 12.79 -9.74 17.24
N LYS E 167 12.89 -10.15 15.98
CA LYS E 167 14.19 -10.32 15.34
C LYS E 167 14.82 -8.98 14.96
N LEU E 168 14.03 -7.93 14.84
CA LEU E 168 14.57 -6.62 14.50
C LEU E 168 15.19 -5.97 15.72
N SER E 169 16.32 -5.29 15.50
CA SER E 169 17.12 -4.71 16.57
C SER E 169 16.89 -3.20 16.64
N PHE E 170 16.86 -2.66 17.86
CA PHE E 170 16.66 -1.23 18.06
C PHE E 170 17.95 -0.44 17.99
N ASP E 171 19.10 -1.10 18.02
CA ASP E 171 20.35 -0.40 18.29
C ASP E 171 20.67 0.58 17.16
N PRO E 172 21.15 1.79 17.49
CA PRO E 172 21.46 2.74 16.42
C PRO E 172 22.79 2.42 15.75
N ILE E 173 22.94 2.94 14.54
CA ILE E 173 24.16 2.75 13.74
C ILE E 173 24.48 4.06 13.05
N PRO E 174 25.75 4.29 12.72
CA PRO E 174 26.09 5.53 12.01
C PRO E 174 25.47 5.56 10.63
N ILE E 175 24.85 6.69 10.30
CA ILE E 175 24.28 6.92 8.97
C ILE E 175 24.90 8.21 8.46
N HIS E 176 25.41 8.17 7.24
CA HIS E 176 25.87 9.37 6.55
C HIS E 176 24.72 9.89 5.70
N TYR E 177 24.76 11.18 5.40
CA TYR E 177 23.72 11.85 4.61
C TYR E 177 24.39 12.66 3.51
N CYS E 178 24.02 12.37 2.26
CA CYS E 178 24.67 12.90 1.09
C CYS E 178 23.70 13.76 0.30
N ALA E 179 24.24 14.79 -0.35
CA ALA E 179 23.43 15.61 -1.22
C ALA E 179 23.20 14.86 -2.53
N PRO E 180 22.05 15.03 -3.19
CA PRO E 180 21.87 14.43 -4.51
C PRO E 180 22.66 15.19 -5.56
N ALA E 181 22.53 14.74 -6.80
CA ALA E 181 23.28 15.35 -7.89
C ALA E 181 22.89 16.80 -8.07
N GLY E 182 23.90 17.67 -8.18
CA GLY E 182 23.69 19.08 -8.40
C GLY E 182 23.66 19.95 -7.16
N TYR E 183 24.07 19.44 -6.00
CA TYR E 183 24.04 20.19 -4.76
C TYR E 183 25.28 19.84 -3.93
N ALA E 184 25.42 20.51 -2.78
CA ALA E 184 26.60 20.35 -1.94
C ALA E 184 26.26 20.70 -0.49
N ILE E 185 27.20 20.39 0.41
CA ILE E 185 27.00 20.51 1.86
C ILE E 185 28.19 21.28 2.44
N LEU E 186 27.91 22.16 3.39
CA LEU E 186 28.91 23.04 4.02
C LEU E 186 28.94 22.77 5.53
N LYS E 187 30.01 23.22 6.22
CA LYS E 187 30.35 22.65 7.53
C LYS E 187 30.61 23.61 8.70
N CYS E 188 31.37 24.71 8.52
CA CYS E 188 32.09 25.31 9.64
C CYS E 188 33.05 24.38 10.36
N ASN E 189 34.22 24.13 9.76
CA ASN E 189 35.37 23.63 10.51
C ASN E 189 35.72 24.46 11.74
N ASN E 190 35.21 25.69 11.88
CA ASN E 190 35.38 26.48 13.08
C ASN E 190 34.95 25.71 14.32
N LYS E 191 35.78 25.75 15.35
CA LYS E 191 35.62 24.92 16.54
C LYS E 191 34.88 25.63 17.67
N THR E 192 34.44 26.88 17.48
CA THR E 192 33.71 27.62 18.51
C THR E 192 32.49 28.34 17.92
N PHE E 193 31.84 27.74 16.93
CA PHE E 193 30.76 28.42 16.24
C PHE E 193 29.51 28.49 17.13
N THR E 194 28.87 29.65 17.12
CA THR E 194 27.68 29.87 17.94
C THR E 194 26.45 29.14 17.41
N GLY E 195 26.41 28.87 16.10
CA GLY E 195 25.27 28.28 15.44
C GLY E 195 24.63 29.17 14.40
N THR E 196 24.60 30.49 14.62
CA THR E 196 23.97 31.42 13.70
C THR E 196 24.94 32.56 13.41
N GLY E 197 24.79 33.15 12.21
CA GLY E 197 25.65 34.21 11.76
C GLY E 197 26.71 33.70 10.79
N PRO E 198 27.55 34.60 10.30
CA PRO E 198 28.57 34.20 9.33
C PRO E 198 29.61 33.30 9.97
N CYS E 199 30.33 32.58 9.11
CA CYS E 199 31.29 31.56 9.53
C CYS E 199 32.59 31.77 8.77
N ASN E 200 33.68 31.94 9.51
CA ASN E 200 34.93 32.43 8.94
C ASN E 200 35.80 31.33 8.33
N ASN E 201 35.39 30.07 8.40
CA ASN E 201 36.16 28.97 7.83
C ASN E 201 35.18 27.88 7.43
N VAL E 202 35.14 27.54 6.14
CA VAL E 202 34.12 26.64 5.60
C VAL E 202 34.80 25.62 4.69
N SER E 203 34.35 24.37 4.81
CA SER E 203 34.74 23.30 3.91
C SER E 203 33.47 22.65 3.39
N THR E 204 33.61 21.82 2.35
CA THR E 204 32.48 21.15 1.73
C THR E 204 32.77 19.65 1.58
N VAL E 205 31.68 18.87 1.57
CA VAL E 205 31.76 17.42 1.55
C VAL E 205 30.52 16.89 0.86
N GLN E 206 30.67 15.77 0.16
CA GLN E 206 29.50 15.13 -0.44
C GLN E 206 28.58 14.54 0.62
N CYS E 207 29.13 13.81 1.58
CA CYS E 207 28.37 13.15 2.63
C CYS E 207 28.86 13.59 4.00
N THR E 208 27.91 13.86 4.90
CA THR E 208 28.24 14.17 6.28
C THR E 208 28.89 12.97 6.94
N HIS E 209 29.52 13.20 8.09
CA HIS E 209 30.05 12.07 8.84
C HIS E 209 28.89 11.24 9.39
N GLY E 210 29.21 10.00 9.77
CA GLY E 210 28.19 9.12 10.28
C GLY E 210 27.56 9.68 11.54
N ILE E 211 26.23 9.67 11.58
CA ILE E 211 25.44 10.14 12.71
C ILE E 211 24.58 9.00 13.22
N LYS E 212 24.35 8.98 14.53
CA LYS E 212 23.72 7.84 15.20
C LYS E 212 22.35 8.25 15.69
N PRO E 213 21.24 7.74 15.11
CA PRO E 213 19.90 8.16 15.58
C PRO E 213 19.57 7.65 16.98
N VAL E 214 20.30 8.14 17.99
CA VAL E 214 20.09 7.70 19.36
C VAL E 214 18.82 8.37 19.88
N LEU E 215 17.86 7.55 20.32
CA LEU E 215 16.70 8.06 21.03
C LEU E 215 17.09 8.36 22.47
N SER E 216 16.99 9.63 22.87
CA SER E 216 17.33 9.99 24.23
C SER E 216 16.71 11.32 24.58
N THR E 217 16.29 11.43 25.84
CA THR E 217 15.90 12.70 26.44
C THR E 217 16.85 12.96 27.60
N GLN E 218 16.99 14.24 27.95
CA GLN E 218 17.62 14.72 29.18
C GLN E 218 19.15 14.62 29.14
N LEU E 219 19.71 13.95 28.14
CA LEU E 219 21.15 13.72 28.01
C LEU E 219 21.44 13.28 26.59
N LEU E 220 22.41 13.95 25.96
CA LEU E 220 22.90 13.52 24.66
C LEU E 220 23.97 12.46 24.86
N LEU E 221 23.67 11.22 24.47
CA LEU E 221 24.57 10.10 24.69
C LEU E 221 24.80 9.36 23.37
N ASN E 222 25.93 8.67 23.29
CA ASN E 222 26.38 8.01 22.07
C ASN E 222 26.43 9.01 20.91
N GLY E 223 26.92 10.21 21.21
CA GLY E 223 27.00 11.29 20.24
C GLY E 223 28.42 11.75 19.98
N SER E 224 28.53 12.95 19.43
CA SER E 224 29.80 13.57 19.10
C SER E 224 30.26 14.50 20.23
N LEU E 225 31.41 15.13 20.03
CA LEU E 225 32.00 16.06 20.98
C LEU E 225 32.47 17.31 20.27
N ALA E 226 32.38 18.44 20.96
CA ALA E 226 32.95 19.68 20.45
C ALA E 226 34.46 19.64 20.56
N GLU E 227 35.13 20.22 19.56
CA GLU E 227 36.58 20.20 19.50
C GLU E 227 37.23 21.30 20.33
N GLY E 228 36.54 22.41 20.56
CA GLY E 228 37.06 23.50 21.37
C GLY E 228 36.52 23.48 22.78
N GLU E 229 36.30 24.65 23.36
CA GLU E 229 35.67 24.73 24.67
C GLU E 229 34.20 24.29 24.57
N ILE E 230 33.56 24.18 25.73
CA ILE E 230 32.15 23.78 25.75
C ILE E 230 31.31 24.89 25.15
N ILE E 231 30.36 24.50 24.30
CA ILE E 231 29.55 25.43 23.52
C ILE E 231 28.12 25.35 24.03
N ILE E 232 27.54 26.50 24.34
CA ILE E 232 26.14 26.62 24.74
C ILE E 232 25.43 27.40 23.63
N ARG E 233 24.40 26.78 23.05
CA ARG E 233 23.68 27.31 21.90
C ARG E 233 22.23 27.56 22.26
N SER E 234 21.70 28.72 21.88
CA SER E 234 20.37 29.13 22.28
C SER E 234 19.75 30.03 21.23
N GLU E 235 18.42 30.14 21.29
CA GLU E 235 17.71 31.10 20.46
C GLU E 235 18.27 32.50 20.69
N ASN E 236 18.45 33.22 19.58
CA ASN E 236 19.17 34.48 19.58
C ASN E 236 18.28 35.71 19.69
N ILE E 237 16.96 35.55 19.73
CA ILE E 237 16.08 36.72 19.71
C ILE E 237 16.06 37.39 21.08
N THR E 238 15.90 36.61 22.15
CA THR E 238 15.63 37.14 23.48
C THR E 238 16.44 36.38 24.52
N LYS E 239 16.54 36.99 25.71
CA LYS E 239 17.21 36.33 26.83
C LYS E 239 16.51 35.03 27.20
N ASN E 240 15.21 35.07 27.42
CA ASN E 240 14.44 33.85 27.53
C ASN E 240 14.38 33.16 26.18
N VAL E 241 14.60 31.84 26.19
CA VAL E 241 14.85 31.08 24.96
C VAL E 241 14.03 29.80 24.99
N LYS E 242 13.84 29.23 23.81
CA LYS E 242 13.01 28.03 23.66
C LYS E 242 13.73 26.81 24.22
N THR E 243 15.02 26.67 23.91
CA THR E 243 15.84 25.57 24.39
C THR E 243 17.29 26.00 24.35
N ILE E 244 18.10 25.44 25.25
CA ILE E 244 19.54 25.65 25.26
C ILE E 244 20.23 24.30 25.13
N ILE E 245 21.23 24.23 24.26
CA ILE E 245 22.01 23.02 24.00
C ILE E 245 23.44 23.25 24.50
N VAL E 246 23.86 22.46 25.48
CA VAL E 246 25.23 22.46 25.98
C VAL E 246 25.90 21.20 25.45
N HIS E 247 27.09 21.36 24.87
CA HIS E 247 27.77 20.29 24.16
C HIS E 247 29.20 20.20 24.66
N LEU E 248 29.49 19.15 25.42
CA LEU E 248 30.78 18.98 26.10
C LEU E 248 31.89 18.75 25.09
N ASN E 249 33.12 19.00 25.55
CA ASN E 249 34.33 18.64 24.81
C ASN E 249 35.04 17.42 25.38
N GLU E 250 34.48 16.80 26.42
CA GLU E 250 35.02 15.56 26.97
C GLU E 250 33.86 14.69 27.42
N SER E 251 33.87 13.42 27.02
CA SER E 251 32.78 12.52 27.34
C SER E 251 32.98 11.90 28.72
N VAL E 252 31.86 11.65 29.39
CA VAL E 252 31.83 11.01 30.70
C VAL E 252 31.07 9.69 30.58
N LYS E 253 31.67 8.63 31.10
CA LYS E 253 31.12 7.30 30.91
C LYS E 253 29.84 7.14 31.71
N ILE E 254 28.85 6.45 31.14
CA ILE E 254 27.68 5.97 31.86
C ILE E 254 27.56 4.48 31.61
N GLU E 255 27.45 3.72 32.69
CA GLU E 255 27.12 2.30 32.64
C GLU E 255 25.72 2.11 33.21
N CYS E 256 25.04 1.07 32.76
CA CYS E 256 23.72 0.74 33.26
C CYS E 256 23.52 -0.76 33.20
N THR E 257 22.63 -1.27 34.05
CA THR E 257 22.31 -2.69 34.08
C THR E 257 20.94 -2.91 34.70
N ARG E 258 20.32 -4.03 34.32
CA ARG E 258 19.08 -4.51 34.92
C ARG E 258 19.31 -5.93 35.42
N PRO E 259 19.73 -6.15 36.67
CA PRO E 259 20.29 -7.46 37.05
C PRO E 259 19.30 -8.61 37.03
N ASN E 260 18.00 -8.36 37.07
CA ASN E 260 17.03 -9.45 37.12
C ASN E 260 17.12 -10.31 35.86
N ASN E 261 17.15 -11.62 36.06
CA ASN E 261 17.20 -12.58 34.96
C ASN E 261 15.77 -12.84 34.49
N LYS E 262 15.45 -12.35 33.30
CA LYS E 262 14.13 -12.54 32.73
C LYS E 262 14.09 -13.81 31.88
N THR E 263 12.98 -14.55 31.99
CA THR E 263 12.68 -15.66 31.09
C THR E 263 11.36 -15.34 30.39
N ARG E 264 11.16 -15.96 29.22
CA ARG E 264 10.17 -15.48 28.27
C ARG E 264 9.04 -16.48 28.09
N THR E 265 7.84 -15.95 27.88
CA THR E 265 6.63 -16.76 27.66
C THR E 265 5.89 -16.22 26.45
N SER E 266 5.36 -17.13 25.63
CA SER E 266 4.73 -16.80 24.37
C SER E 266 3.24 -17.15 24.41
N ILE E 267 2.42 -16.34 23.76
CA ILE E 267 0.99 -16.57 23.61
C ILE E 267 0.64 -16.35 22.14
N ARG E 268 -0.09 -17.31 21.57
CA ARG E 268 -0.48 -17.28 20.16
C ARG E 268 -1.87 -16.66 20.07
N ILE E 269 -1.96 -15.51 19.40
CA ILE E 269 -3.24 -14.84 19.20
C ILE E 269 -4.08 -15.67 18.24
N GLY E 270 -1.18 -15.21 16.49
CA GLY E 270 -2.10 -15.26 15.37
C GLY E 270 -1.82 -16.43 14.45
N PRO E 271 -2.62 -16.58 13.39
CA PRO E 271 -2.38 -17.66 12.44
C PRO E 271 -1.11 -17.42 11.63
N GLY E 272 0.04 -17.68 12.26
CA GLY E 272 1.34 -17.41 11.68
C GLY E 272 2.11 -16.33 12.42
N GLN E 273 1.57 -15.84 13.55
CA GLN E 273 2.21 -14.83 14.35
C GLN E 273 2.13 -15.23 15.81
N ALA E 274 2.97 -14.59 16.62
CA ALA E 274 3.00 -14.83 18.05
C ALA E 274 3.14 -13.52 18.80
N PHE E 275 2.29 -13.31 19.81
CA PHE E 275 2.61 -12.33 20.84
C PHE E 275 3.60 -12.93 21.83
N TYR E 276 4.59 -12.11 22.19
CA TYR E 276 5.71 -12.53 23.01
C TYR E 276 5.58 -11.81 24.35
N ALA E 277 5.33 -12.56 25.42
CA ALA E 277 4.93 -12.00 26.70
C ALA E 277 6.04 -12.14 27.72
N THR E 278 5.93 -11.37 28.80
CA THR E 278 6.90 -11.39 29.89
C THR E 278 6.37 -12.27 31.01
N GLY E 279 7.16 -13.29 31.38
CA GLY E 279 6.71 -14.34 32.26
C GLY E 279 7.39 -14.37 33.61
N GLN E 280 7.93 -15.53 33.98
CA GLN E 280 8.49 -15.74 35.31
C GLN E 280 9.70 -14.83 35.53
N VAL E 281 9.95 -14.50 36.79
CA VAL E 281 11.12 -13.73 37.19
C VAL E 281 12.14 -14.67 37.83
N ILE E 282 13.42 -14.43 37.56
CA ILE E 282 14.51 -15.26 38.07
C ILE E 282 15.62 -14.34 38.58
N GLY E 283 16.26 -14.76 39.67
CA GLY E 283 17.39 -14.06 40.25
C GLY E 283 17.00 -13.15 41.39
N ASP E 284 18.01 -12.66 42.09
CA ASP E 284 17.79 -11.68 43.16
C ASP E 284 17.29 -10.39 42.54
N ILE E 285 16.20 -9.86 43.09
CA ILE E 285 15.50 -8.74 42.45
C ILE E 285 16.14 -7.43 42.85
N ARG E 286 16.36 -6.57 41.86
CA ARG E 286 16.73 -5.18 42.08
C ARG E 286 16.12 -4.33 40.96
N GLU E 287 16.07 -3.03 41.19
CA GLU E 287 15.75 -2.12 40.11
C GLU E 287 16.96 -1.98 39.19
N ALA E 288 16.72 -1.44 38.00
CA ALA E 288 17.83 -1.07 37.14
C ALA E 288 18.48 0.21 37.69
N TYR E 289 19.75 0.38 37.37
CA TYR E 289 20.49 1.52 37.91
C TYR E 289 21.67 1.80 37.01
N CYS E 290 22.19 3.03 37.12
CA CYS E 290 23.31 3.48 36.31
C CYS E 290 24.34 4.13 37.22
N ASN E 291 25.59 4.17 36.73
CA ASN E 291 26.74 4.61 37.50
C ASN E 291 27.50 5.69 36.73
N ILE E 292 27.85 6.77 37.44
CA ILE E 292 28.58 7.90 36.87
C ILE E 292 29.76 8.20 37.80
N ASN E 293 30.89 8.57 37.22
CA ASN E 293 32.00 9.06 38.02
C ASN E 293 31.63 10.38 38.68
N GLU E 294 31.93 10.50 39.97
CA GLU E 294 31.44 11.63 40.75
C GLU E 294 32.30 12.87 40.50
N SER E 295 33.62 12.76 40.72
CA SER E 295 34.47 13.94 40.69
C SER E 295 34.54 14.55 39.28
N LYS E 296 34.63 13.70 38.24
CA LYS E 296 34.56 14.22 36.88
C LYS E 296 33.26 14.96 36.64
N TRP E 297 32.17 14.49 37.24
CA TRP E 297 30.90 15.18 37.09
C TRP E 297 30.92 16.54 37.78
N ASN E 298 31.60 16.62 38.93
CA ASN E 298 31.75 17.91 39.60
C ASN E 298 32.50 18.89 38.72
N GLU E 299 33.59 18.43 38.10
CA GLU E 299 34.35 19.29 37.18
C GLU E 299 33.49 19.66 35.97
N THR E 300 32.71 18.70 35.47
CA THR E 300 31.86 18.97 34.32
C THR E 300 30.84 20.06 34.65
N LEU E 301 30.22 19.98 35.83
CA LEU E 301 29.22 20.97 36.20
C LEU E 301 29.85 22.31 36.54
N GLN E 302 31.09 22.31 37.05
CA GLN E 302 31.81 23.56 37.23
C GLN E 302 32.10 24.22 35.90
N ARG E 303 32.47 23.43 34.90
CA ARG E 303 32.89 23.98 33.62
C ARG E 303 31.71 24.56 32.85
N VAL E 304 30.58 23.84 32.81
CA VAL E 304 29.41 24.34 32.10
C VAL E 304 28.87 25.60 32.79
N SER E 305 28.95 25.63 34.12
CA SER E 305 28.59 26.85 34.84
C SER E 305 29.53 28.00 34.48
N LYS E 306 30.82 27.70 34.36
CA LYS E 306 31.79 28.75 34.08
C LYS E 306 31.53 29.40 32.72
N LYS E 307 31.10 28.62 31.74
CA LYS E 307 30.71 29.18 30.45
C LYS E 307 29.35 29.86 30.53
N LEU E 308 28.40 29.26 31.25
CA LEU E 308 27.06 29.84 31.34
C LEU E 308 27.08 31.20 32.00
N LYS E 309 28.06 31.44 32.89
CA LYS E 309 28.11 32.70 33.61
C LYS E 309 28.50 33.87 32.71
N GLU E 310 29.19 33.61 31.61
CA GLU E 310 29.54 34.69 30.68
C GLU E 310 28.29 35.35 30.12
N TYR E 311 27.26 34.57 29.84
CA TYR E 311 25.98 35.12 29.40
C TYR E 311 25.23 35.85 30.52
N PHE E 312 25.34 35.36 31.76
CA PHE E 312 24.48 35.80 32.86
C PHE E 312 25.38 36.11 34.05
N PRO E 313 25.99 37.29 34.08
CA PRO E 313 27.12 37.51 35.00
C PRO E 313 26.76 37.69 36.47
N HIS E 314 25.49 37.60 36.88
CA HIS E 314 25.16 37.78 38.29
C HIS E 314 25.44 36.48 39.04
N LYS E 315 25.28 36.50 40.36
CA LYS E 315 25.94 35.54 41.23
C LYS E 315 25.37 34.12 41.17
N ASN E 316 24.05 33.97 41.21
CA ASN E 316 23.42 32.68 41.40
C ASN E 316 23.14 31.96 40.09
N ILE E 317 23.23 30.64 40.11
CA ILE E 317 22.56 29.76 39.15
C ILE E 317 21.98 28.59 39.94
N THR E 318 20.69 28.32 39.73
CA THR E 318 19.98 27.27 40.47
C THR E 318 19.42 26.26 39.49
N PHE E 319 21.78 23.89 39.53
CA PHE E 319 20.73 23.26 38.74
C PHE E 319 19.70 22.60 39.63
N GLN E 320 18.58 22.20 39.03
CA GLN E 320 17.43 21.68 39.76
C GLN E 320 16.99 20.37 39.11
N PRO E 321 16.19 19.56 39.81
CA PRO E 321 15.66 18.33 39.18
C PRO E 321 14.59 18.66 38.16
N SER E 322 13.91 17.62 37.66
CA SER E 322 12.91 17.77 36.61
C SER E 322 11.85 18.79 36.97
N SER E 323 11.17 19.31 35.94
CA SER E 323 10.09 20.26 36.12
C SER E 323 8.81 19.62 36.65
N GLY E 324 8.74 18.29 36.71
CA GLY E 324 7.50 17.61 37.01
C GLY E 324 6.66 17.44 35.75
N GLY E 325 5.51 16.81 35.94
CA GLY E 325 4.63 16.42 34.86
C GLY E 325 4.59 14.93 34.68
N ASP E 326 4.38 14.51 33.43
CA ASP E 326 4.35 13.09 33.10
C ASP E 326 5.76 12.57 32.84
N LEU E 327 5.87 11.24 32.77
CA LEU E 327 7.18 10.58 32.88
C LEU E 327 8.08 10.88 31.69
N GLU E 328 7.51 11.25 30.55
CA GLU E 328 8.31 11.36 29.32
C GLU E 328 9.35 12.48 29.41
N ILE E 329 9.19 13.41 30.36
CA ILE E 329 10.14 14.49 30.57
C ILE E 329 10.86 14.34 31.91
N THR E 330 10.15 13.87 32.92
CA THR E 330 10.69 13.92 34.28
C THR E 330 11.75 12.92 34.55
N THR E 331 12.01 11.99 33.64
CA THR E 331 13.03 10.97 33.83
C THR E 331 13.91 10.91 32.60
N HIS E 332 15.20 10.76 32.82
CA HIS E 332 16.12 10.60 31.69
C HIS E 332 15.85 9.28 31.00
N SER E 333 15.64 9.35 29.69
CA SER E 333 15.13 8.23 28.92
C SER E 333 16.12 7.83 27.84
N PHE E 334 16.22 6.53 27.62
CA PHE E 334 17.02 5.97 26.54
C PHE E 334 16.68 4.50 26.43
N ASN E 335 17.39 3.79 25.57
CA ASN E 335 17.21 2.37 25.39
C ASN E 335 18.56 1.70 25.16
N CYS E 336 18.67 0.46 25.60
CA CYS E 336 19.92 -0.26 25.48
C CYS E 336 19.66 -1.76 25.61
N GLY E 337 20.26 -2.52 24.72
CA GLY E 337 20.07 -3.95 24.65
C GLY E 337 18.79 -4.28 23.92
N GLY E 338 17.65 -4.20 24.62
CA GLY E 338 16.37 -4.25 23.94
C GLY E 338 15.21 -3.52 24.59
N GLU E 339 15.46 -2.75 25.66
CA GLU E 339 14.40 -2.14 26.45
C GLU E 339 14.75 -0.68 26.78
N PHE E 340 13.70 0.10 27.04
CA PHE E 340 13.76 1.56 26.99
C PHE E 340 13.78 2.18 28.37
N PHE E 341 14.95 2.63 28.81
CA PHE E 341 15.18 3.00 30.20
C PHE E 341 14.53 4.34 30.50
N TYR E 342 14.16 4.53 31.77
CA TYR E 342 13.69 5.80 32.30
C TYR E 342 14.29 5.97 33.68
N CYS E 343 15.01 7.07 33.89
CA CYS E 343 15.86 7.24 35.06
C CYS E 343 15.45 8.49 35.83
N ASN E 344 15.31 8.36 37.16
CA ASN E 344 15.12 9.55 37.99
C ASN E 344 16.43 10.32 38.09
N THR E 345 16.54 11.39 37.31
CA THR E 345 17.80 12.13 37.22
C THR E 345 18.05 13.06 38.39
N SER E 346 17.09 13.18 39.32
CA SER E 346 17.07 14.27 40.30
C SER E 346 18.33 14.35 41.15
N SER E 347 18.86 13.21 41.59
CA SER E 347 20.06 13.21 42.42
C SER E 347 21.27 13.79 41.71
N LEU E 348 21.28 13.74 40.38
CA LEU E 348 22.44 14.12 39.59
C LEU E 348 22.51 15.62 39.29
N PHE E 349 21.40 16.36 39.47
CA PHE E 349 21.26 17.80 39.23
C PHE E 349 20.69 18.54 40.44
N ASN E 350 21.19 18.24 41.65
CA ASN E 350 20.83 18.99 42.85
C ASN E 350 21.79 20.13 43.16
N ARG E 351 22.85 20.32 42.36
CA ARG E 351 23.90 21.27 42.70
C ARG E 351 23.42 22.70 42.49
N THR E 352 24.05 23.62 43.22
CA THR E 352 23.76 25.04 43.10
C THR E 352 25.04 25.82 43.39
N TYR E 353 25.35 26.77 42.50
CA TYR E 353 26.62 27.47 42.46
C TYR E 353 26.40 28.97 42.65
N MET E 354 27.47 29.66 43.05
CA MET E 354 27.47 31.09 43.29
C MET E 354 28.75 31.69 42.72
N ALA E 355 28.65 32.89 42.16
CA ALA E 355 29.82 33.55 41.58
C ALA E 355 30.62 34.28 42.66
N ASN E 356 31.86 34.58 42.33
CA ASN E 356 32.70 35.46 43.14
C ASN E 356 32.91 34.92 44.55
N ASN E 361 39.80 9.69 40.94
CA ASN E 361 38.78 10.10 40.00
C ASN E 361 38.10 8.90 39.32
N SER E 362 38.11 7.75 40.00
CA SER E 362 37.33 6.58 39.56
C SER E 362 36.73 5.91 40.79
N THR E 363 36.19 6.73 41.70
CA THR E 363 35.69 6.24 42.97
C THR E 363 34.59 7.17 43.46
N ARG E 364 34.00 6.80 44.60
CA ARG E 364 32.85 7.51 45.18
C ARG E 364 31.73 7.62 44.17
N THR E 365 31.49 6.53 43.44
CA THR E 365 30.59 6.55 42.31
C THR E 365 29.16 6.88 42.72
N ILE E 366 28.56 7.85 42.04
CA ILE E 366 27.14 8.14 42.23
C ILE E 366 26.32 7.10 41.48
N THR E 367 25.16 6.76 42.03
CA THR E 367 24.23 5.83 41.41
C THR E 367 22.84 6.45 41.40
N ILE E 368 22.09 6.16 40.34
CA ILE E 368 20.75 6.66 40.14
C ILE E 368 19.81 5.48 39.96
N HIS E 369 18.72 5.46 40.73
CA HIS E 369 17.67 4.50 40.48
C HIS E 369 17.12 4.71 39.08
N CYS E 370 16.90 3.61 38.36
CA CYS E 370 16.40 3.67 36.99
C CYS E 370 15.38 2.56 36.79
N ARG E 371 14.26 2.92 36.18
CA ARG E 371 13.07 2.10 36.13
C ARG E 371 12.45 2.08 34.74
N ILE E 372 11.95 0.90 34.36
CA ILE E 372 11.87 0.45 32.97
C ILE E 372 10.43 0.13 32.58
N LYS E 373 10.12 0.35 31.29
CA LYS E 373 8.77 0.30 30.74
C LYS E 373 8.79 -0.49 29.43
N GLN E 374 7.61 -0.99 29.04
CA GLN E 374 7.45 -1.80 27.82
C GLN E 374 6.58 -1.16 26.75
N ILE E 375 5.58 -0.34 27.11
CA ILE E 375 4.75 0.38 26.14
C ILE E 375 5.16 1.85 26.14
N ILE E 376 5.26 2.44 24.95
CA ILE E 376 5.95 3.71 24.75
C ILE E 376 5.08 4.60 23.87
N ASN E 377 5.08 5.90 24.17
CA ASN E 377 4.50 6.91 23.27
C ASN E 377 5.63 7.50 22.42
N MET E 378 6.12 6.68 21.49
CA MET E 378 7.36 7.01 20.81
C MET E 378 7.14 8.16 19.83
N TRP E 379 8.09 9.10 19.84
CA TRP E 379 8.01 10.37 19.12
C TRP E 379 6.80 11.19 19.51
N GLN E 380 6.22 10.92 20.69
CA GLN E 380 5.02 11.58 21.22
C GLN E 380 3.95 11.79 20.15
N GLU E 381 3.78 10.79 19.29
CA GLU E 381 2.83 10.90 18.20
C GLU E 381 1.41 10.81 18.73
N VAL E 382 0.50 11.57 18.11
CA VAL E 382 -0.89 11.54 18.54
C VAL E 382 -1.49 10.17 18.26
N GLY E 383 -1.97 9.52 19.32
CA GLY E 383 -2.73 8.29 19.17
C GLY E 383 -1.98 7.14 18.54
N ARG E 384 -0.81 6.77 19.05
CA ARG E 384 -0.11 5.58 18.60
C ARG E 384 0.93 5.19 19.65
N ALA E 385 1.15 3.89 19.79
CA ALA E 385 2.07 3.36 20.79
C ALA E 385 2.80 2.14 20.23
N MET E 386 3.93 1.83 20.87
CA MET E 386 4.75 0.67 20.56
C MET E 386 4.86 -0.19 21.81
N TYR E 387 4.97 -1.50 21.61
CA TYR E 387 5.26 -2.46 22.66
C TYR E 387 6.64 -3.04 22.39
N ALA E 388 7.38 -3.37 23.46
CA ALA E 388 8.71 -3.94 23.35
C ALA E 388 8.75 -5.31 24.00
N PRO E 389 9.23 -6.37 23.34
CA PRO E 389 9.26 -7.67 24.02
C PRO E 389 10.38 -7.72 25.02
N PRO E 390 10.29 -8.59 26.03
CA PRO E 390 11.42 -8.74 26.95
C PRO E 390 12.57 -9.50 26.30
N ILE E 391 13.71 -9.50 27.01
CA ILE E 391 14.93 -10.15 26.56
C ILE E 391 15.43 -11.05 27.66
N ALA E 392 15.87 -12.26 27.30
CA ALA E 392 16.22 -13.27 28.28
C ALA E 392 17.44 -12.82 29.09
N GLY E 393 17.38 -13.07 30.39
CA GLY E 393 18.51 -12.83 31.27
C GLY E 393 18.78 -11.36 31.52
N ASN E 394 19.88 -11.11 32.21
CA ASN E 394 20.29 -9.76 32.54
C ASN E 394 20.91 -9.07 31.34
N ILE E 395 20.86 -7.74 31.34
CA ILE E 395 21.44 -6.90 30.30
C ILE E 395 22.34 -5.88 30.98
N THR E 396 23.54 -5.70 30.42
CA THR E 396 24.48 -4.68 30.85
C THR E 396 24.60 -3.64 29.74
N CYS E 397 25.10 -2.45 30.08
CA CYS E 397 25.12 -1.36 29.13
C CYS E 397 26.24 -0.38 29.45
N ILE E 398 26.77 0.25 28.40
CA ILE E 398 27.76 1.31 28.50
C ILE E 398 27.45 2.33 27.41
N SER E 399 27.71 3.61 27.70
CA SER E 399 27.55 4.66 26.71
C SER E 399 28.35 5.88 27.14
N ASN E 400 28.53 6.80 26.20
CA ASN E 400 29.25 8.04 26.46
C ASN E 400 28.27 9.22 26.49
N ILE E 401 28.11 9.85 27.65
CA ILE E 401 27.34 11.08 27.73
C ILE E 401 28.14 12.20 27.09
N THR E 402 27.44 13.04 26.31
CA THR E 402 28.09 14.11 25.54
C THR E 402 27.53 15.50 25.80
N GLY E 403 26.34 15.63 26.37
CA GLY E 403 25.77 16.96 26.58
C GLY E 403 24.44 16.86 27.26
N LEU E 404 23.83 18.03 27.45
CA LEU E 404 22.55 18.17 28.14
C LEU E 404 21.60 18.99 27.27
N LEU E 405 20.32 18.71 27.39
CA LEU E 405 19.27 19.56 26.85
C LEU E 405 18.56 20.20 28.03
N LEU E 406 18.81 21.50 28.24
CA LEU E 406 18.38 22.21 29.42
C LEU E 406 17.42 23.34 29.06
N THR E 407 16.65 23.77 30.06
CA THR E 407 15.67 24.83 29.92
C THR E 407 15.72 25.72 31.16
N ARG E 408 15.47 27.01 30.97
CA ARG E 408 15.57 28.00 32.03
C ARG E 408 14.15 28.50 32.33
N ASP E 409 13.89 28.80 33.60
CA ASP E 409 12.56 29.24 34.02
C ASP E 409 12.45 30.77 33.91
N TYR E 410 11.23 31.26 34.12
CA TYR E 410 11.02 32.70 34.19
C TYR E 410 11.88 33.29 35.31
N GLY E 411 12.60 34.36 34.99
CA GLY E 411 13.59 34.88 35.91
C GLY E 411 12.96 35.44 37.18
N LYS E 412 13.74 35.37 38.26
CA LYS E 412 13.36 35.95 39.54
C LYS E 412 14.54 36.77 40.06
N ASN E 413 14.36 37.37 41.22
CA ASN E 413 15.37 38.25 41.80
C ASN E 413 16.69 37.51 42.01
N ASN E 414 17.77 38.11 41.50
CA ASN E 414 19.18 37.72 41.74
C ASN E 414 19.39 36.20 41.76
N THR E 415 18.67 35.46 40.92
CA THR E 415 18.73 34.00 40.93
C THR E 415 18.22 33.47 39.61
N GLU E 416 19.06 32.73 38.90
CA GLU E 416 18.62 31.91 37.77
C GLU E 416 18.22 30.54 38.26
N THR E 417 17.31 29.91 37.52
CA THR E 417 16.89 28.54 37.78
C THR E 417 16.99 27.77 36.47
N PHE E 418 18.00 26.90 36.38
CA PHE E 418 18.22 26.04 35.22
C PHE E 418 17.91 24.61 35.60
N ARG E 419 17.07 23.96 34.81
CA ARG E 419 16.78 22.55 34.98
C ARG E 419 16.66 21.91 33.61
N PRO E 420 16.72 20.58 33.52
CA PRO E 420 16.47 19.92 32.25
C PRO E 420 15.05 20.16 31.75
N GLY E 421 14.89 20.03 30.44
CA GLY E 421 13.56 20.07 29.84
C GLY E 421 13.65 20.04 28.33
N GLY E 422 12.76 20.78 27.69
CA GLY E 422 12.69 20.74 26.25
C GLY E 422 12.18 19.39 25.81
N GLY E 423 13.07 18.57 25.24
CA GLY E 423 12.69 17.23 24.85
C GLY E 423 11.90 17.14 23.57
N ASN E 424 11.64 18.27 22.91
CA ASN E 424 11.12 18.24 21.55
C ASN E 424 12.15 17.49 20.71
N MET E 425 11.74 16.36 20.11
CA MET E 425 12.70 15.40 19.58
C MET E 425 13.62 16.00 18.51
N LYS E 426 13.18 17.07 17.86
CA LYS E 426 14.02 17.71 16.86
C LYS E 426 15.24 18.38 17.50
N ASP E 427 15.16 18.74 18.78
CA ASP E 427 16.33 19.27 19.47
C ASP E 427 17.46 18.25 19.55
N ASN E 428 17.13 16.96 19.56
CA ASN E 428 18.17 15.94 19.58
C ASN E 428 19.04 16.03 18.34
N TRP E 429 18.43 16.21 17.17
CA TRP E 429 19.19 16.28 15.94
C TRP E 429 19.75 17.68 15.70
N ARG E 430 19.03 18.71 16.15
CA ARG E 430 19.57 20.06 16.04
C ARG E 430 20.85 20.22 16.85
N SER E 431 21.05 19.39 17.87
CA SER E 431 22.26 19.43 18.67
C SER E 431 23.48 18.84 17.98
N GLU E 432 23.30 18.15 16.86
CA GLU E 432 24.37 17.47 16.14
C GLU E 432 24.48 17.89 14.69
N LEU E 433 23.37 18.33 14.09
CA LEU E 433 23.33 18.83 12.72
C LEU E 433 23.60 20.33 12.62
N TYR E 434 24.05 20.98 13.70
CA TYR E 434 24.30 22.42 13.66
C TYR E 434 25.37 22.79 12.64
N LYS E 435 26.33 21.89 12.39
CA LYS E 435 27.39 22.20 11.45
C LYS E 435 26.86 22.35 10.03
N TYR E 436 25.91 21.53 9.64
CA TYR E 436 25.64 21.29 8.23
C TYR E 436 24.55 22.18 7.66
N LYS E 437 24.53 22.22 6.32
CA LYS E 437 23.55 22.94 5.52
C LYS E 437 23.65 22.39 4.11
N VAL E 438 22.66 22.67 3.28
CA VAL E 438 22.61 22.21 1.89
C VAL E 438 22.32 23.40 0.99
N VAL E 439 22.89 23.37 -0.21
CA VAL E 439 22.88 24.52 -1.12
C VAL E 439 22.91 24.00 -2.55
N LYS E 440 22.30 24.77 -3.46
CA LYS E 440 22.22 24.38 -4.86
C LYS E 440 23.27 25.09 -5.71
N ILE E 441 23.75 24.39 -6.72
CA ILE E 441 24.68 24.94 -7.70
C ILE E 441 23.90 25.53 -8.87
N GLU E 442 24.37 26.67 -9.37
CA GLU E 442 23.87 27.27 -10.60
C GLU E 442 25.00 27.31 -11.62
N PRO E 443 25.16 26.27 -12.45
CA PRO E 443 26.42 26.14 -13.22
C PRO E 443 26.62 27.16 -14.32
N LEU E 444 25.69 28.08 -14.56
CA LEU E 444 25.72 28.97 -15.71
C LEU E 444 26.06 30.39 -15.26
N GLY E 445 26.88 31.07 -16.05
CA GLY E 445 27.25 32.45 -15.78
C GLY E 445 27.71 33.14 -17.05
N VAL E 446 27.68 34.47 -17.01
CA VAL E 446 27.98 35.31 -18.17
C VAL E 446 28.87 36.47 -17.74
N ALA E 447 29.74 36.90 -18.66
CA ALA E 447 30.78 37.87 -18.34
C ALA E 447 31.09 38.69 -19.58
N PRO E 448 31.70 39.88 -19.42
CA PRO E 448 32.31 40.55 -20.58
C PRO E 448 33.71 40.03 -20.86
N THR E 449 34.24 40.41 -22.02
CA THR E 449 35.62 40.09 -22.38
C THR E 449 36.01 40.82 -23.67
N ARG E 450 37.30 40.67 -24.02
CA ARG E 450 37.84 41.19 -25.28
C ARG E 450 37.71 40.19 -26.43
N CYS E 451 37.43 38.93 -26.12
CA CYS E 451 37.16 37.88 -27.11
C CYS E 451 35.97 38.18 -28.02
N LYS E 452 35.86 37.35 -29.08
CA LYS E 452 34.73 37.29 -29.99
C LYS E 452 34.94 36.14 -30.96
N ARG E 453 33.88 35.51 -31.46
CA ARG E 453 34.09 34.48 -32.48
C ARG E 453 34.41 35.14 -33.82
N ARG E 454 34.71 34.29 -34.81
CA ARG E 454 34.64 34.68 -36.22
C ARG E 454 33.20 34.54 -36.70
N VAL E 455 32.66 35.58 -37.34
CA VAL E 455 31.24 35.58 -37.69
C VAL E 455 30.92 34.45 -38.67
N VAL E 456 31.79 34.20 -39.66
CA VAL E 456 31.62 33.08 -40.59
C VAL E 456 32.95 32.41 -40.84
N VAL F 1 42.18 11.38 -9.70
CA VAL F 1 42.08 12.80 -9.26
C VAL F 1 40.60 13.18 -9.14
N PHE F 2 40.27 13.93 -8.10
CA PHE F 2 38.89 14.26 -7.79
C PHE F 2 38.85 15.45 -6.85
N LEU F 3 38.03 16.44 -7.20
CA LEU F 3 37.93 17.68 -6.44
C LEU F 3 36.47 18.09 -6.22
N GLY F 4 35.59 17.13 -5.94
CA GLY F 4 34.25 17.37 -5.44
C GLY F 4 33.44 18.44 -6.15
N PHE F 5 33.11 19.50 -5.41
CA PHE F 5 32.47 20.68 -5.97
C PHE F 5 33.21 21.91 -5.47
N LEU F 6 33.18 22.96 -6.28
CA LEU F 6 33.58 24.30 -5.87
C LEU F 6 35.06 24.37 -5.51
N GLY F 7 35.95 23.99 -6.44
CA GLY F 7 37.38 24.07 -6.17
C GLY F 7 37.84 25.47 -5.82
N ALA F 8 37.21 26.48 -6.42
CA ALA F 8 37.43 27.86 -6.04
C ALA F 8 36.36 28.72 -6.71
N ALA F 9 35.69 29.60 -5.97
CA ALA F 9 35.64 29.97 -4.56
C ALA F 9 36.94 30.58 -4.01
N GLY F 10 36.82 31.78 -3.45
CA GLY F 10 37.93 32.40 -2.74
C GLY F 10 39.01 32.94 -3.64
N SER F 11 39.71 32.04 -4.33
CA SER F 11 40.67 32.46 -5.33
C SER F 11 39.97 33.22 -6.45
N THR F 12 40.77 33.84 -7.30
CA THR F 12 40.24 34.69 -8.36
C THR F 12 39.58 33.82 -9.43
N MET F 13 39.11 34.47 -10.50
CA MET F 13 38.42 33.76 -11.56
C MET F 13 39.30 32.74 -12.24
N GLY F 14 40.56 33.08 -12.52
CA GLY F 14 41.29 32.48 -13.60
C GLY F 14 42.72 31.99 -13.40
N ALA F 15 43.10 31.28 -12.32
CA ALA F 15 42.40 30.64 -11.22
C ALA F 15 41.09 29.97 -11.69
N ALA F 16 39.99 30.10 -10.94
CA ALA F 16 38.90 29.12 -10.93
C ALA F 16 38.49 28.61 -12.31
N SER F 17 38.63 29.43 -13.35
CA SER F 17 38.09 29.05 -14.66
C SER F 17 38.87 27.90 -15.29
N MET F 18 40.12 27.67 -14.89
CA MET F 18 40.85 26.50 -15.36
C MET F 18 40.49 25.24 -14.57
N THR F 19 39.60 25.33 -13.59
CA THR F 19 39.18 24.21 -12.76
C THR F 19 37.77 23.73 -13.07
N LEU F 20 37.18 24.16 -14.19
CA LEU F 20 35.74 24.02 -14.36
C LEU F 20 35.32 22.56 -14.58
N THR F 21 36.22 21.75 -15.14
CA THR F 21 35.85 20.43 -15.63
C THR F 21 35.38 19.50 -14.52
N VAL F 22 36.05 19.54 -13.37
CA VAL F 22 35.67 18.65 -12.28
C VAL F 22 34.26 18.95 -11.83
N GLN F 23 33.91 20.23 -11.69
CA GLN F 23 32.54 20.59 -11.36
C GLN F 23 31.58 20.13 -12.45
N ALA F 24 31.91 20.41 -13.71
CA ALA F 24 31.01 20.10 -14.82
C ALA F 24 30.69 18.62 -14.89
N ARG F 25 31.70 17.77 -14.66
CA ARG F 25 31.47 16.33 -14.68
C ARG F 25 30.60 15.87 -13.51
N ASN F 26 30.69 16.57 -12.38
CA ASN F 26 30.13 16.06 -11.13
C ASN F 26 28.66 16.46 -10.96
N LEU F 27 28.07 17.20 -11.90
CA LEU F 27 26.65 17.54 -11.78
C LEU F 27 25.72 16.35 -11.88
N LEU F 28 26.19 15.17 -12.33
CA LEU F 28 25.38 13.96 -12.37
C LEU F 28 26.01 12.88 -11.52
N SER F 29 25.18 12.21 -10.73
CA SER F 29 25.59 11.05 -9.93
C SER F 29 24.34 10.30 -9.53
N GLY F 30 24.53 9.05 -9.11
CA GLY F 30 23.42 8.19 -8.72
C GLY F 30 23.71 7.34 -7.51
N THR F 31 24.61 7.79 -6.65
CA THR F 31 24.96 7.06 -5.44
C THR F 31 25.60 7.98 -4.41
N VAL F 32 6.54 3.43 0.32
CA VAL F 32 6.74 4.17 -0.91
C VAL F 32 7.82 5.24 -0.73
N TRP F 33 8.69 5.07 0.27
CA TRP F 33 9.72 6.08 0.52
C TRP F 33 10.85 6.01 -0.49
N GLY F 34 10.88 4.98 -1.34
CA GLY F 34 11.84 4.95 -2.44
C GLY F 34 11.57 5.99 -3.50
N ILE F 35 10.36 6.57 -3.52
CA ILE F 35 10.02 7.59 -4.51
C ILE F 35 10.87 8.85 -4.33
N LYS F 36 11.45 9.04 -3.14
CA LYS F 36 12.30 10.20 -2.90
C LYS F 36 13.48 10.24 -3.86
N GLN F 37 14.16 9.09 -4.02
CA GLN F 37 15.36 9.06 -4.87
C GLN F 37 15.00 9.31 -6.32
N LEU F 38 13.95 8.66 -6.83
CA LEU F 38 13.55 8.85 -8.21
C LEU F 38 13.12 10.29 -8.46
N GLN F 39 12.43 10.90 -7.50
CA GLN F 39 12.06 12.30 -7.64
C GLN F 39 13.30 13.18 -7.73
N ALA F 40 14.28 12.96 -6.85
CA ALA F 40 15.45 13.83 -6.80
C ALA F 40 16.29 13.68 -8.06
N ARG F 41 16.57 12.44 -8.46
CA ARG F 41 17.48 12.21 -9.59
C ARG F 41 16.91 12.74 -10.89
N VAL F 42 15.60 12.58 -11.09
CA VAL F 42 14.98 13.07 -12.32
C VAL F 42 15.06 14.60 -12.38
N LEU F 43 14.85 15.27 -11.24
CA LEU F 43 14.99 16.73 -11.21
C LEU F 43 16.43 17.14 -11.53
N ALA F 44 17.41 16.40 -11.01
CA ALA F 44 18.80 16.68 -11.36
C ALA F 44 19.02 16.54 -12.86
N VAL F 45 18.42 15.50 -13.46
CA VAL F 45 18.48 15.35 -14.91
C VAL F 45 17.82 16.55 -15.59
N GLU F 46 16.65 16.95 -15.11
CA GLU F 46 15.92 18.07 -15.72
C GLU F 46 16.75 19.35 -15.64
N ARG F 47 17.43 19.58 -14.53
CA ARG F 47 18.25 20.77 -14.38
C ARG F 47 19.40 20.78 -15.38
N TYR F 48 20.02 19.63 -15.61
CA TYR F 48 21.16 19.57 -16.51
C TYR F 48 20.74 19.83 -17.96
N LEU F 49 19.68 19.17 -18.42
CA LEU F 49 19.27 19.32 -19.81
C LEU F 49 18.81 20.73 -20.12
N ARG F 50 18.11 21.38 -19.18
CA ARG F 50 17.72 22.77 -19.40
C ARG F 50 18.95 23.65 -19.58
N ASP F 51 19.97 23.44 -18.75
CA ASP F 51 21.21 24.19 -18.92
C ASP F 51 21.96 23.75 -20.17
N GLN F 52 21.98 22.44 -20.44
CA GLN F 52 22.67 21.93 -21.62
C GLN F 52 22.07 22.50 -22.90
N GLN F 53 20.74 22.54 -22.97
CA GLN F 53 20.08 23.12 -24.14
C GLN F 53 20.38 24.60 -24.26
N LEU F 54 20.35 25.34 -23.14
CA LEU F 54 20.40 26.79 -23.20
C LEU F 54 21.71 27.27 -23.81
N LEU F 55 22.79 26.52 -23.60
CA LEU F 55 24.02 26.79 -24.33
C LEU F 55 23.86 26.51 -25.82
N GLY F 56 23.12 25.46 -26.15
CA GLY F 56 22.87 25.15 -27.55
C GLY F 56 22.09 26.25 -28.25
N ILE F 57 21.16 26.88 -27.54
CA ILE F 57 20.41 27.99 -28.12
C ILE F 57 21.31 29.15 -28.46
N TRP F 58 22.35 29.39 -27.66
CA TRP F 58 23.30 30.48 -27.88
C TRP F 58 24.47 30.08 -28.78
N GLY F 59 24.37 28.95 -29.48
CA GLY F 59 25.40 28.53 -30.40
C GLY F 59 26.53 27.74 -29.78
N CYS F 60 26.68 27.75 -28.47
CA CYS F 60 27.69 26.96 -27.79
C CYS F 60 27.18 25.52 -27.74
N SER F 61 27.55 24.74 -28.76
CA SER F 61 27.05 23.37 -28.86
C SER F 61 27.41 22.55 -27.63
N GLY F 62 28.68 22.55 -27.25
CA GLY F 62 29.05 22.22 -25.89
C GLY F 62 30.49 22.59 -25.64
N LYS F 63 30.71 23.42 -24.62
CA LYS F 63 32.03 23.92 -24.24
C LYS F 63 31.93 24.42 -22.81
N LEU F 64 33.09 24.65 -22.20
CA LEU F 64 33.16 25.23 -20.87
C LEU F 64 33.64 26.67 -20.89
N ILE F 65 34.31 27.07 -21.97
CA ILE F 65 34.56 28.47 -22.30
C ILE F 65 33.83 28.72 -23.60
N CYS F 66 33.00 29.77 -23.65
CA CYS F 66 32.29 30.08 -24.87
C CYS F 66 32.07 31.57 -24.98
N CYS F 67 32.26 32.06 -26.21
CA CYS F 67 32.49 33.45 -26.52
C CYS F 67 31.50 33.87 -27.58
N THR F 68 30.75 34.95 -27.31
CA THR F 68 29.47 35.15 -28.00
C THR F 68 29.33 36.57 -28.52
N ASN F 69 28.45 36.70 -29.52
CA ASN F 69 28.29 37.91 -30.33
C ASN F 69 27.16 38.77 -29.75
N VAL F 70 27.54 39.71 -28.89
CA VAL F 70 26.65 40.73 -28.31
C VAL F 70 27.48 41.71 -27.49
N PRO F 71 27.19 43.02 -27.49
CA PRO F 71 28.04 43.95 -26.74
C PRO F 71 27.63 44.13 -25.29
N TRP F 72 28.60 44.06 -24.39
CA TRP F 72 28.39 44.59 -23.05
C TRP F 72 28.19 46.09 -23.13
N ASN F 73 27.51 46.63 -22.11
CA ASN F 73 26.98 47.98 -22.21
C ASN F 73 26.78 48.54 -20.81
N SER F 74 26.52 49.84 -20.75
CA SER F 74 26.21 50.51 -19.50
C SER F 74 24.76 50.32 -19.08
N SER F 75 23.90 49.79 -19.95
CA SER F 75 22.53 49.48 -19.54
C SER F 75 22.53 48.42 -18.44
N TRP F 76 23.42 47.42 -18.57
CA TRP F 76 23.69 46.50 -17.47
C TRP F 76 24.69 47.15 -16.51
N SER F 77 25.04 46.44 -15.45
CA SER F 77 26.11 46.89 -14.58
C SER F 77 27.43 46.87 -15.33
N ASN F 78 28.29 47.85 -15.06
CA ASN F 78 29.57 47.98 -15.74
C ASN F 78 30.65 48.38 -14.74
N ARG F 79 31.89 48.03 -15.08
CA ARG F 79 33.03 48.30 -14.21
C ARG F 79 34.24 48.64 -15.08
N ASN F 80 35.35 48.95 -14.41
CA ASN F 80 36.58 49.31 -15.12
C ASN F 80 37.27 48.10 -15.73
N LEU F 81 37.09 46.92 -15.15
CA LEU F 81 37.70 45.66 -15.58
C LEU F 81 39.24 45.64 -15.49
N SER F 82 39.85 46.66 -14.90
CA SER F 82 41.31 46.69 -14.80
C SER F 82 41.80 45.54 -13.93
N GLU F 83 41.52 45.60 -12.62
CA GLU F 83 41.55 44.43 -11.76
C GLU F 83 40.14 43.86 -11.58
N ILE F 84 39.12 44.69 -11.82
CA ILE F 84 37.74 44.29 -11.58
C ILE F 84 37.36 43.10 -12.46
N TRP F 85 38.05 42.93 -13.59
CA TRP F 85 37.80 41.74 -14.40
C TRP F 85 38.17 40.49 -13.62
N ASP F 86 39.32 40.50 -12.94
CA ASP F 86 39.87 39.32 -12.27
C ASP F 86 39.94 39.45 -10.76
N ASN F 87 39.14 40.33 -10.14
CA ASN F 87 38.94 40.23 -8.68
C ASN F 87 37.59 40.86 -8.27
N MET F 88 36.60 39.98 -8.05
CA MET F 88 35.38 40.39 -7.36
C MET F 88 35.04 39.62 -6.09
N THR F 89 34.88 38.28 -6.13
CA THR F 89 35.04 37.27 -7.17
C THR F 89 33.60 36.74 -7.34
N TRP F 90 33.43 35.55 -7.93
CA TRP F 90 32.20 35.15 -8.64
C TRP F 90 30.94 35.41 -7.81
N LEU F 91 30.98 35.11 -6.51
CA LEU F 91 29.77 35.20 -5.68
C LEU F 91 29.24 36.63 -5.62
N GLN F 92 30.11 37.58 -5.28
CA GLN F 92 29.68 38.99 -5.26
C GLN F 92 29.24 39.42 -6.65
N TRP F 93 29.99 39.00 -7.66
CA TRP F 93 29.67 39.33 -9.05
C TRP F 93 28.35 38.71 -9.48
N ASP F 94 28.09 37.45 -9.10
CA ASP F 94 26.86 36.80 -9.53
C ASP F 94 25.64 37.54 -8.99
N LYS F 95 25.72 38.00 -7.74
CA LYS F 95 24.63 38.78 -7.16
C LYS F 95 24.47 40.12 -7.88
N GLU F 96 25.57 40.64 -8.43
CA GLU F 96 25.51 41.92 -9.14
C GLU F 96 24.73 41.79 -10.44
N ILE F 97 24.96 40.71 -11.18
CA ILE F 97 24.32 40.52 -12.49
C ILE F 97 22.93 39.91 -12.37
N SER F 98 22.49 39.55 -11.16
CA SER F 98 21.27 38.78 -10.98
C SER F 98 20.04 39.47 -11.54
N ASN F 99 20.04 40.81 -11.62
CA ASN F 99 18.91 41.53 -12.18
C ASN F 99 18.84 41.43 -13.70
N TYR F 100 19.99 41.35 -14.38
CA TYR F 100 20.04 41.47 -15.83
C TYR F 100 20.11 40.14 -16.56
N THR F 101 19.87 39.02 -15.87
CA THR F 101 20.06 37.71 -16.50
C THR F 101 19.11 37.50 -17.68
N GLN F 102 17.84 37.89 -17.51
CA GLN F 102 16.86 37.65 -18.55
C GLN F 102 17.12 38.50 -19.78
N ILE F 103 17.60 39.74 -19.60
CA ILE F 103 17.92 40.59 -20.75
C ILE F 103 19.07 39.98 -21.54
N ILE F 104 20.09 39.47 -20.84
CA ILE F 104 21.25 38.88 -21.50
C ILE F 104 20.83 37.66 -22.32
N TYR F 105 20.07 36.76 -21.70
CA TYR F 105 19.73 35.50 -22.34
C TYR F 105 18.93 35.73 -23.62
N GLY F 106 17.99 36.68 -23.59
CA GLY F 106 17.22 36.97 -24.79
C GLY F 106 18.07 37.55 -25.90
N LEU F 107 18.97 38.47 -25.55
CA LEU F 107 19.78 39.12 -26.58
C LEU F 107 20.86 38.18 -27.11
N LEU F 108 21.32 37.24 -26.28
CA LEU F 108 22.10 36.11 -26.78
C LEU F 108 21.27 35.28 -27.75
N GLU F 109 20.01 35.02 -27.39
CA GLU F 109 19.10 34.29 -28.27
C GLU F 109 18.89 35.01 -29.59
N GLU F 110 18.66 36.32 -29.54
CA GLU F 110 18.36 37.05 -30.77
C GLU F 110 19.60 37.16 -31.67
N SER F 111 20.76 37.38 -31.07
CA SER F 111 21.98 37.50 -31.86
C SER F 111 22.31 36.20 -32.58
N GLN F 112 22.11 35.07 -31.90
CA GLN F 112 22.40 33.78 -32.51
C GLN F 112 21.52 33.52 -33.73
N ASN F 113 20.25 33.94 -33.66
CA ASN F 113 19.36 33.75 -34.79
C ASN F 113 19.83 34.50 -36.02
N GLN F 114 20.31 35.74 -35.83
CA GLN F 114 20.80 36.52 -36.96
C GLN F 114 22.04 35.88 -37.58
N GLN F 115 22.96 35.36 -36.75
CA GLN F 115 24.09 34.62 -37.29
C GLN F 115 23.61 33.39 -38.03
N GLU F 116 22.60 32.71 -37.47
CA GLU F 116 22.05 31.52 -38.12
C GLU F 116 21.44 31.87 -39.48
N LYS F 117 20.71 32.98 -39.56
CA LYS F 117 20.17 33.42 -40.84
C LYS F 117 21.28 33.84 -41.79
N ASN F 118 22.28 34.55 -41.28
CA ASN F 118 23.42 34.94 -42.11
C ASN F 118 24.17 33.72 -42.62
N GLU F 119 24.28 32.68 -41.79
CA GLU F 119 24.97 31.47 -42.20
C GLU F 119 24.24 30.81 -43.37
N GLN F 120 22.90 30.82 -43.31
CA GLN F 120 22.09 30.25 -44.38
C GLN F 120 22.33 30.98 -45.70
N ASP F 121 22.36 32.31 -45.66
CA ASP F 121 22.47 33.08 -46.89
C ASP F 121 23.84 32.90 -47.54
N LEU F 122 24.91 32.91 -46.73
CA LEU F 122 26.26 32.81 -47.27
C LEU F 122 26.47 31.46 -47.96
N LEU F 123 25.98 30.38 -47.38
CA LEU F 123 26.14 29.07 -47.99
C LEU F 123 25.41 29.00 -49.32
N ALA F 124 24.26 29.66 -49.43
CA ALA F 124 23.50 29.66 -50.67
C ALA F 124 24.11 30.58 -51.72
N LEU F 125 24.60 31.75 -51.31
CA LEU F 125 24.99 32.79 -52.26
C LEU F 125 26.32 32.50 -52.94
N ASP F 126 27.24 31.80 -52.28
CA ASP F 126 28.56 31.53 -52.84
C ASP F 126 28.44 30.68 -54.10
N GLN G 1 5.97 31.07 43.10
CA GLN G 1 4.51 30.76 43.23
C GLN G 1 3.95 30.25 41.90
N VAL G 2 2.76 29.65 41.96
CA VAL G 2 2.10 29.06 40.80
C VAL G 2 0.74 29.73 40.67
N GLN G 3 0.39 30.13 39.45
CA GLN G 3 -0.89 30.77 39.19
C GLN G 3 -1.34 30.47 37.77
N LEU G 4 -2.65 30.38 37.59
CA LEU G 4 -3.29 30.31 36.28
C LEU G 4 -4.26 31.48 36.17
N VAL G 5 -4.13 32.26 35.10
CA VAL G 5 -4.93 33.46 34.87
C VAL G 5 -5.86 33.20 33.68
N GLN G 6 -7.11 33.63 33.81
CA GLN G 6 -8.17 33.32 32.87
C GLN G 6 -8.66 34.57 32.15
N SER G 7 -9.48 34.35 31.12
CA SER G 7 -10.08 35.45 30.37
C SER G 7 -11.13 36.17 31.19
N GLY G 8 -11.70 37.24 30.63
CA GLY G 8 -12.76 37.94 31.32
C GLY G 8 -14.06 37.17 31.30
N ALA G 9 -15.02 37.65 32.10
CA ALA G 9 -16.31 37.00 32.18
C ALA G 9 -17.05 37.15 30.85
N GLU G 10 -18.00 36.23 30.62
CA GLU G 10 -18.71 36.12 29.37
C GLU G 10 -20.22 36.01 29.61
N VAL G 11 -20.98 36.72 28.79
CA VAL G 11 -22.42 36.49 28.64
C VAL G 11 -22.70 36.41 27.15
N LYS G 12 -23.17 35.25 26.69
CA LYS G 12 -23.20 34.94 25.26
C LYS G 12 -24.58 34.43 24.88
N LYS G 13 -24.80 34.36 23.57
CA LYS G 13 -26.14 34.13 23.03
C LYS G 13 -26.50 32.64 23.14
N PRO G 14 -27.79 32.28 23.28
CA PRO G 14 -28.16 30.87 23.16
C PRO G 14 -27.92 30.36 21.75
N GLY G 15 -27.46 29.12 21.65
CA GLY G 15 -27.14 28.52 20.37
C GLY G 15 -25.82 28.94 19.78
N ALA G 16 -25.17 29.97 20.32
CA ALA G 16 -23.88 30.44 19.83
C ALA G 16 -22.77 29.66 20.54
N SER G 17 -21.52 30.13 20.42
CA SER G 17 -20.36 29.48 21.03
C SER G 17 -19.70 30.41 22.04
N VAL G 18 -19.07 29.80 23.04
CA VAL G 18 -18.29 30.50 24.06
C VAL G 18 -16.87 29.97 24.03
N LYS G 19 -15.89 30.87 24.09
CA LYS G 19 -14.48 30.52 24.02
C LYS G 19 -13.77 31.14 25.22
N VAL G 20 -12.88 30.35 25.84
CA VAL G 20 -12.21 30.74 27.08
C VAL G 20 -10.73 30.40 26.95
N SER G 21 -9.90 31.22 27.60
CA SER G 21 -8.45 31.04 27.62
C SER G 21 -7.98 30.93 29.07
N CYS G 22 -6.79 30.37 29.24
CA CYS G 22 -6.22 30.14 30.58
C CYS G 22 -4.71 30.24 30.48
N GLN G 23 -4.16 31.40 30.82
CA GLN G 23 -2.73 31.68 30.72
C GLN G 23 -2.07 31.45 32.06
N ALA G 24 -0.88 30.85 32.05
CA ALA G 24 -0.21 30.37 33.25
C ALA G 24 1.10 31.12 33.49
N SER G 25 1.65 30.89 34.68
CA SER G 25 2.93 31.48 35.06
C SER G 25 3.54 30.64 36.19
N GLY G 26 4.83 30.85 36.43
CA GLY G 26 5.53 30.19 37.50
C GLY G 26 6.08 28.81 37.18
N TYR G 27 5.88 28.33 35.94
CA TYR G 27 6.35 27.00 35.56
C TYR G 27 6.36 26.91 34.04
N ARG G 28 6.91 25.80 33.54
CA ARG G 28 6.99 25.57 32.10
C ARG G 28 5.66 24.99 31.62
N PHE G 29 4.96 25.76 30.77
CA PHE G 29 3.60 25.40 30.40
C PHE G 29 3.57 24.11 29.56
N SER G 30 4.64 23.82 28.83
CA SER G 30 4.60 22.71 27.88
C SER G 30 4.79 21.35 28.53
N ASN G 31 4.65 21.24 29.86
CA ASN G 31 5.16 20.10 30.60
C ASN G 31 4.18 19.60 31.67
N PHE G 32 2.93 20.05 31.63
CA PHE G 32 1.91 19.62 32.58
C PHE G 32 0.56 19.56 31.90
N VAL G 33 -0.11 18.41 32.04
CA VAL G 33 -1.46 18.28 31.50
C VAL G 33 -2.38 19.27 32.21
N ILE G 34 -3.47 19.65 31.54
CA ILE G 34 -4.38 20.69 32.00
C ILE G 34 -5.80 20.15 31.93
N HIS G 35 -6.60 20.43 32.95
CA HIS G 35 -8.00 20.06 32.97
C HIS G 35 -8.89 21.27 32.73
N TRP G 36 -10.16 20.99 32.46
CA TRP G 36 -11.22 22.00 32.40
C TRP G 36 -12.39 21.49 33.21
N VAL G 37 -12.93 22.35 34.07
CA VAL G 37 -13.94 21.96 35.05
C VAL G 37 -14.99 23.07 35.15
N ARG G 38 -16.26 22.67 35.29
CA ARG G 38 -17.39 23.57 35.36
C ARG G 38 -18.18 23.29 36.62
N GLN G 39 -18.88 24.31 37.13
CA GLN G 39 -19.81 24.15 38.25
C GLN G 39 -21.02 25.05 38.03
N ALA G 40 -22.20 24.45 37.91
CA ALA G 40 -23.43 25.21 37.90
C ALA G 40 -23.78 25.66 39.31
N PRO G 41 -24.65 26.66 39.46
CA PRO G 41 -24.95 27.17 40.82
C PRO G 41 -25.53 26.09 41.72
N GLY G 42 -24.79 25.80 42.80
CA GLY G 42 -25.24 24.84 43.79
C GLY G 42 -25.07 23.39 43.42
N GLN G 43 -24.46 23.09 42.27
CA GLN G 43 -24.35 21.74 41.76
C GLN G 43 -22.92 21.21 41.92
N ARG G 44 -22.74 19.96 41.51
CA ARG G 44 -21.42 19.35 41.50
C ARG G 44 -20.52 20.04 40.50
N PHE G 45 -19.21 19.84 40.66
CA PHE G 45 -18.32 20.01 39.51
C PHE G 45 -18.53 18.85 38.56
N GLU G 46 -18.44 19.12 37.26
CA GLU G 46 -18.54 18.10 36.23
C GLU G 46 -17.30 18.15 35.36
N TRP G 47 -16.50 17.08 35.43
CA TRP G 47 -15.28 17.00 34.64
C TRP G 47 -15.60 17.02 33.15
N MET G 48 -14.75 17.71 32.39
CA MET G 48 -14.92 17.88 30.95
C MET G 48 -13.90 17.13 30.13
N GLY G 49 -12.63 17.16 30.50
CA GLY G 49 -11.61 16.52 29.71
C GLY G 49 -10.23 16.91 30.21
N TRP G 50 -9.22 16.53 29.42
CA TRP G 50 -7.86 16.98 29.68
C TRP G 50 -7.11 17.07 28.36
N ILE G 51 -6.05 17.88 28.39
CA ILE G 51 -5.17 18.09 27.25
C ILE G 51 -3.73 18.14 27.75
N ASN G 52 -2.82 17.61 26.94
CA ASN G 52 -1.39 17.57 27.24
C ASN G 52 -0.67 18.54 26.31
N PRO G 53 -0.21 19.71 26.80
CA PRO G 53 0.46 20.65 25.88
C PRO G 53 1.73 20.11 25.25
N TYR G 54 2.34 19.08 25.86
CA TYR G 54 3.55 18.50 25.29
C TYR G 54 3.31 17.90 23.91
N ASN G 55 2.18 17.20 23.71
CA ASN G 55 1.93 16.45 22.49
C ASN G 55 0.55 16.75 21.90
N GLY G 56 -0.31 17.41 22.67
CA GLY G 56 -1.65 17.69 22.19
C GLY G 56 -2.63 16.55 22.28
N ASN G 57 -2.28 15.47 22.99
CA ASN G 57 -3.25 14.39 23.17
C ASN G 57 -4.45 14.89 23.97
N LYS G 58 -5.60 14.28 23.71
CA LYS G 58 -6.87 14.75 24.24
C LYS G 58 -7.70 13.56 24.72
N GLU G 59 -8.55 13.83 25.70
CA GLU G 59 -9.58 12.90 26.11
C GLU G 59 -10.71 13.68 26.73
N PHE G 60 -11.94 13.36 26.33
CA PHE G 60 -13.12 14.09 26.77
C PHE G 60 -14.04 13.13 27.50
N SER G 61 -14.92 13.69 28.31
CA SER G 61 -16.10 12.94 28.73
C SER G 61 -17.02 12.80 27.54
N ALA G 62 -17.50 11.58 27.28
CA ALA G 62 -18.31 11.33 26.08
C ALA G 62 -19.62 12.12 26.13
N LYS G 63 -20.05 12.54 27.31
CA LYS G 63 -21.23 13.39 27.42
C LYS G 63 -21.05 14.70 26.66
N PHE G 64 -19.82 15.21 26.58
CA PHE G 64 -19.56 16.55 26.05
C PHE G 64 -18.77 16.56 24.74
N GLN G 65 -18.34 15.40 24.22
CA GLN G 65 -17.37 15.39 23.12
C GLN G 65 -17.92 16.09 21.89
N ASP G 66 -19.22 15.93 21.62
CA ASP G 66 -19.84 16.65 20.50
C ASP G 66 -19.87 18.15 20.74
N ARG G 67 -19.70 18.58 21.99
CA ARG G 67 -19.93 19.97 22.38
C ARG G 67 -18.66 20.76 22.67
N VAL G 68 -17.56 20.10 23.05
CA VAL G 68 -16.38 20.79 23.57
C VAL G 68 -15.17 20.47 22.72
N THR G 69 -14.23 21.42 22.68
CA THR G 69 -12.95 21.24 22.01
C THR G 69 -11.88 22.02 22.76
N PHE G 70 -10.67 21.45 22.84
CA PHE G 70 -9.53 22.09 23.50
C PHE G 70 -8.42 22.32 22.49
N THR G 71 -7.46 23.16 22.91
CA THR G 71 -6.19 23.33 22.23
C THR G 71 -5.27 24.14 23.14
N ALA G 72 -3.97 24.04 22.88
CA ALA G 72 -2.98 24.73 23.69
C ALA G 72 -1.79 25.11 22.82
N ASP G 73 -1.08 26.15 23.25
CA ASP G 73 0.07 26.68 22.51
C ASP G 73 1.24 26.84 23.48
N THR G 74 2.38 26.25 23.12
CA THR G 74 3.56 26.36 23.97
C THR G 74 4.14 27.77 23.98
N SER G 75 4.07 28.49 22.87
CA SER G 75 4.63 29.84 22.81
C SER G 75 3.79 30.86 23.55
N ALA G 76 2.50 30.58 23.78
CA ALA G 76 1.61 31.51 24.45
C ALA G 76 1.51 31.27 25.96
N ASN G 77 1.95 30.10 26.45
CA ASN G 77 1.74 29.72 27.84
C ASN G 77 0.25 29.77 28.20
N THR G 78 -0.61 29.35 27.27
CA THR G 78 -2.04 29.51 27.41
C THR G 78 -2.75 28.32 26.79
N ALA G 79 -3.85 27.90 27.42
CA ALA G 79 -4.72 26.85 26.90
C ALA G 79 -6.09 27.44 26.57
N TYR G 80 -6.66 26.98 25.46
CA TYR G 80 -7.94 27.47 24.97
C TYR G 80 -8.96 26.34 25.01
N MET G 81 -10.22 26.69 25.24
CA MET G 81 -11.33 25.75 25.21
C MET G 81 -12.45 26.36 24.40
N GLU G 82 -13.29 25.50 23.81
CA GLU G 82 -14.36 25.92 22.93
C GLU G 82 -15.57 25.06 23.28
N LEU G 83 -16.69 25.69 23.63
CA LEU G 83 -17.93 24.97 23.89
C LEU G 83 -18.98 25.51 22.94
N ARG G 84 -19.48 24.63 22.07
CA ARG G 84 -20.39 24.98 20.98
C ARG G 84 -21.81 24.57 21.35
N SER G 85 -22.78 25.26 20.75
CA SER G 85 -24.21 25.00 20.97
C SER G 85 -24.59 25.22 22.43
N LEU G 86 -24.43 26.48 22.86
CA LEU G 86 -24.77 26.85 24.23
C LEU G 86 -26.25 26.61 24.52
N ARG G 87 -26.52 26.22 25.75
CA ARG G 87 -27.87 26.05 26.28
C ARG G 87 -27.93 26.73 27.64
N SER G 88 -29.15 26.91 28.15
CA SER G 88 -29.32 27.59 29.43
C SER G 88 -28.64 26.84 30.56
N ALA G 89 -28.53 25.52 30.44
CA ALA G 89 -27.85 24.72 31.46
C ALA G 89 -26.36 25.02 31.52
N ASP G 90 -25.77 25.57 30.46
CA ASP G 90 -24.34 25.88 30.46
C ASP G 90 -23.99 27.06 31.34
N THR G 91 -24.97 27.80 31.87
CA THR G 91 -24.68 28.89 32.79
C THR G 91 -23.98 28.35 34.03
N ALA G 92 -22.70 28.68 34.18
CA ALA G 92 -21.88 28.07 35.22
C ALA G 92 -20.55 28.80 35.29
N VAL G 93 -19.83 28.55 36.38
CA VAL G 93 -18.45 29.00 36.50
C VAL G 93 -17.53 27.93 35.94
N TYR G 94 -16.54 28.35 35.16
CA TYR G 94 -15.62 27.45 34.49
C TYR G 94 -14.22 27.66 35.01
N TYR G 95 -13.43 26.58 35.06
CA TYR G 95 -12.09 26.59 35.62
C TYR G 95 -11.13 25.85 34.71
N CYS G 96 -9.86 26.21 34.85
CA CYS G 96 -8.74 25.48 34.27
C CYS G 96 -7.81 25.08 35.41
N ALA G 97 -7.10 23.96 35.24
CA ALA G 97 -6.41 23.35 36.36
C ALA G 97 -5.12 22.68 35.92
N ARG G 98 -4.33 22.27 36.92
CA ARG G 98 -3.03 21.66 36.74
C ARG G 98 -2.94 20.40 37.58
N VAL G 99 -2.06 19.48 37.15
CA VAL G 99 -1.81 18.26 37.92
C VAL G 99 -0.51 18.42 38.70
N GLY G 100 -0.30 17.56 39.70
CA GLY G 100 0.91 17.56 40.46
C GLY G 100 2.03 16.82 39.76
N PRO G 101 3.23 16.84 40.35
CA PRO G 101 4.38 16.19 39.70
C PRO G 101 4.34 14.68 39.88
N TYR G 102 4.85 13.96 38.88
CA TYR G 102 4.92 12.51 38.93
C TYR G 102 6.22 12.08 39.57
N SER G 103 6.15 11.51 40.78
CA SER G 103 7.31 10.83 41.34
C SER G 103 7.48 9.48 40.68
N TRP G 104 8.73 9.08 40.47
CA TRP G 104 9.01 7.79 39.84
C TRP G 104 8.45 6.62 40.64
N ASP G 105 8.23 6.80 41.94
CA ASP G 105 7.59 5.77 42.76
C ASP G 105 6.10 5.62 42.48
N ASP G 106 5.47 6.62 41.86
CA ASP G 106 4.04 6.56 41.62
C ASP G 106 3.73 5.60 40.47
N SER G 107 2.46 5.18 40.42
CA SER G 107 1.89 4.42 39.31
C SER G 107 1.24 5.38 38.32
N PRO G 108 0.86 4.91 37.13
CA PRO G 108 0.38 5.84 36.09
C PRO G 108 -0.84 6.64 36.50
N GLN G 109 -0.81 7.92 36.13
CA GLN G 109 -1.94 8.82 36.25
C GLN G 109 -2.41 9.00 37.69
N ASP G 110 -1.55 8.69 38.66
CA ASP G 110 -1.89 8.99 40.06
C ASP G 110 -1.86 10.48 40.32
N ASN G 111 -1.08 11.24 39.55
CA ASN G 111 -0.92 12.67 39.79
C ASN G 111 -2.07 13.50 39.23
N TYR G 112 -3.03 12.90 38.53
CA TYR G 112 -4.06 13.66 37.83
C TYR G 112 -5.06 14.36 38.76
N TYR G 113 -4.88 14.28 40.07
CA TYR G 113 -5.63 15.14 40.97
C TYR G 113 -5.35 16.61 40.65
N MET G 114 -6.24 17.47 41.13
CA MET G 114 -6.08 18.91 40.92
C MET G 114 -5.02 19.43 41.87
N ASP G 115 -3.87 19.82 41.32
CA ASP G 115 -2.84 20.46 42.13
C ASP G 115 -3.10 21.96 42.25
N VAL G 116 -3.34 22.65 41.14
CA VAL G 116 -3.60 24.08 41.16
C VAL G 116 -4.71 24.41 40.16
N TRP G 117 -5.39 25.51 40.44
CA TRP G 117 -6.52 26.04 39.69
C TRP G 117 -6.29 27.50 39.31
N GLY G 118 -7.21 28.00 38.48
CA GLY G 118 -7.38 29.42 38.31
C GLY G 118 -8.52 29.95 39.16
N LYS G 119 -8.64 31.27 39.16
CA LYS G 119 -9.70 31.99 39.87
C LYS G 119 -11.08 31.76 39.27
N GLY G 120 -11.19 31.18 38.09
CA GLY G 120 -12.48 30.87 37.50
C GLY G 120 -13.03 32.01 36.66
N THR G 121 -14.05 31.71 35.86
CA THR G 121 -14.70 32.69 35.00
C THR G 121 -16.19 32.40 34.94
N THR G 122 -16.99 33.45 35.02
CA THR G 122 -18.44 33.29 34.94
C THR G 122 -18.90 33.28 33.49
N VAL G 123 -19.77 32.33 33.15
CA VAL G 123 -20.37 32.23 31.82
C VAL G 123 -21.88 32.11 32.01
N ILE G 124 -22.63 32.96 31.32
CA ILE G 124 -24.09 32.99 31.37
C ILE G 124 -24.62 32.95 29.95
N VAL G 125 -25.66 32.15 29.74
CA VAL G 125 -26.30 31.99 28.44
C VAL G 125 -27.56 32.87 28.44
N SER G 126 -27.52 33.97 27.70
CA SER G 126 -28.64 34.90 27.67
C SER G 126 -28.60 35.69 26.37
N SER G 127 -29.74 36.25 26.00
CA SER G 127 -29.86 37.04 24.79
C SER G 127 -29.32 38.45 25.00
N GLU H 1 -19.58 5.22 35.40
CA GLU H 1 -19.47 6.51 36.14
C GLU H 1 -19.80 6.31 37.62
N ILE H 2 -18.96 6.86 38.49
CA ILE H 2 -19.10 6.66 39.93
C ILE H 2 -19.73 7.89 40.56
N VAL H 3 -20.55 7.66 41.58
CA VAL H 3 -21.29 8.71 42.28
C VAL H 3 -20.84 8.74 43.73
N LEU H 4 -20.68 9.96 44.27
CA LEU H 4 -20.21 10.19 45.62
C LEU H 4 -21.28 10.91 46.43
N THR H 5 -21.31 10.64 47.74
CA THR H 5 -22.20 11.32 48.66
C THR H 5 -21.43 11.68 49.93
N GLN H 6 -21.42 12.96 50.27
CA GLN H 6 -20.74 13.46 51.46
C GLN H 6 -21.72 13.60 52.62
N SER H 7 -21.21 13.39 53.83
CA SER H 7 -21.96 13.63 55.05
C SER H 7 -20.98 14.04 56.13
N PRO H 8 -21.38 14.92 57.07
CA PRO H 8 -22.66 15.63 57.20
C PRO H 8 -22.76 16.78 56.21
N GLY H 9 -23.98 17.24 55.90
CA GLY H 9 -24.12 18.38 55.00
C GLY H 9 -23.49 19.64 55.58
N THR H 10 -23.57 19.81 56.90
CA THR H 10 -22.98 20.94 57.59
C THR H 10 -22.48 20.50 58.96
N LEU H 11 -21.28 20.96 59.32
CA LEU H 11 -20.72 20.78 60.65
C LEU H 11 -20.39 22.16 61.21
N SER H 12 -20.93 22.45 62.39
CA SER H 12 -20.75 23.74 63.06
C SER H 12 -19.78 23.56 64.21
N LEU H 13 -18.70 24.33 64.19
CA LEU H 13 -17.66 24.22 65.20
C LEU H 13 -17.02 25.59 65.42
N SER H 14 -16.69 25.86 66.69
CA SER H 14 -15.90 27.02 67.06
C SER H 14 -14.42 26.66 67.03
N PRO H 15 -13.52 27.66 67.04
CA PRO H 15 -12.09 27.35 66.98
C PRO H 15 -11.65 26.47 68.15
N GLY H 16 -10.82 25.47 67.82
CA GLY H 16 -10.26 24.57 68.80
C GLY H 16 -10.96 23.23 68.92
N GLU H 17 -11.96 22.96 68.09
CA GLU H 17 -12.73 21.72 68.17
C GLU H 17 -12.31 20.75 67.07
N ARG H 18 -12.56 19.46 67.29
CA ARG H 18 -12.22 18.44 66.31
C ARG H 18 -13.32 18.29 65.28
N ALA H 19 -12.92 18.05 64.02
CA ALA H 19 -13.85 17.90 62.91
C ALA H 19 -13.52 16.61 62.16
N THR H 20 -14.57 15.88 61.78
CA THR H 20 -14.43 14.67 60.99
C THR H 20 -15.51 14.63 59.92
N PHE H 21 -15.11 14.32 58.69
CA PHE H 21 -15.98 14.29 57.53
C PHE H 21 -15.90 12.92 56.87
N SER H 22 -16.95 12.58 56.13
CA SER H 22 -17.04 11.29 55.43
C SER H 22 -17.57 11.51 54.03
N CYS H 23 -17.08 10.69 53.09
CA CYS H 23 -17.52 10.70 51.70
C CYS H 23 -17.76 9.27 51.25
N ARG H 24 -19.01 8.96 50.90
CA ARG H 24 -19.38 7.64 50.42
C ARG H 24 -19.16 7.55 48.91
N SER H 25 -19.21 6.33 48.39
CA SER H 25 -19.03 6.08 46.97
C SER H 25 -19.88 4.88 46.55
N SER H 26 -20.43 4.98 45.34
CA SER H 26 -21.27 3.91 44.81
C SER H 26 -20.46 2.68 44.41
N HIS H 27 -19.19 2.85 44.06
CA HIS H 27 -18.31 1.75 43.67
C HIS H 27 -17.07 1.78 44.55
N SER H 28 -16.53 0.60 44.85
CA SER H 28 -15.37 0.48 45.71
C SER H 28 -14.14 0.96 44.95
N ILE H 29 -13.47 1.98 45.49
CA ILE H 29 -12.24 2.48 44.89
C ILE H 29 -11.08 1.72 45.53
N ARG H 30 -10.76 0.57 44.96
CA ARG H 30 -9.68 -0.27 45.48
C ARG H 30 -8.31 0.39 45.31
N SER H 31 -8.21 1.42 44.47
CA SER H 31 -6.93 1.96 44.04
C SER H 31 -6.44 3.13 44.87
N ARG H 32 -7.23 3.63 45.84
CA ARG H 32 -6.87 4.79 46.63
C ARG H 32 -6.71 6.05 45.78
N ARG H 33 -7.37 6.11 44.63
CA ARG H 33 -7.27 7.25 43.73
C ARG H 33 -8.27 8.31 44.15
N VAL H 34 -8.05 8.92 45.31
CA VAL H 34 -9.01 9.80 45.96
C VAL H 34 -8.33 11.14 46.23
N ALA H 35 -9.14 12.18 46.38
CA ALA H 35 -8.62 13.49 46.71
C ALA H 35 -9.69 14.33 47.40
N TRP H 36 -9.24 15.20 48.30
CA TRP H 36 -10.09 16.13 49.04
C TRP H 36 -9.63 17.54 48.74
N TYR H 37 -10.59 18.48 48.66
CA TYR H 37 -10.27 19.84 48.27
C TYR H 37 -11.11 20.81 49.10
N GLN H 38 -10.73 22.09 49.03
CA GLN H 38 -11.33 23.17 49.78
C GLN H 38 -11.79 24.25 48.81
N HIS H 39 -12.85 24.97 49.17
CA HIS H 39 -13.31 26.11 48.37
C HIS H 39 -13.95 27.17 49.23
N LYS H 40 -13.54 28.43 49.02
CA LYS H 40 -14.20 29.60 49.52
C LYS H 40 -14.76 30.40 48.36
N PRO H 41 -15.94 31.04 48.48
CA PRO H 41 -16.42 31.86 47.37
C PRO H 41 -15.51 33.06 47.13
N GLY H 42 -15.37 33.43 45.86
CA GLY H 42 -14.53 34.56 45.48
C GLY H 42 -13.05 34.26 45.41
N GLN H 43 -12.64 33.02 45.68
CA GLN H 43 -11.24 32.61 45.64
C GLN H 43 -11.14 31.31 44.84
N ALA H 44 -10.00 31.12 44.18
CA ALA H 44 -9.77 29.87 43.47
C ALA H 44 -9.81 28.74 44.49
N PRO H 45 -10.43 27.59 44.19
CA PRO H 45 -10.49 26.53 45.20
C PRO H 45 -9.08 26.04 45.52
N ARG H 46 -8.99 25.08 46.45
CA ARG H 46 -7.70 24.70 47.01
C ARG H 46 -7.64 23.21 47.31
N LEU H 47 -6.50 22.60 47.03
CA LEU H 47 -6.28 21.19 47.32
C LEU H 47 -6.01 20.98 48.80
N VAL H 48 -6.39 19.80 49.30
CA VAL H 48 -6.09 19.37 50.66
C VAL H 48 -5.36 18.03 50.68
N ILE H 49 -6.03 16.95 50.27
CA ILE H 49 -5.49 15.60 50.30
C ILE H 49 -5.60 15.03 48.89
N HIS H 50 -4.61 14.22 48.52
CA HIS H 50 -4.70 13.39 47.33
C HIS H 50 -4.12 12.02 47.65
N GLY H 51 -4.65 11.00 46.98
CA GLY H 51 -4.25 9.64 47.28
C GLY H 51 -4.64 9.17 48.66
N VAL H 52 -5.74 9.70 49.20
CA VAL H 52 -6.33 9.33 50.48
C VAL H 52 -5.57 9.89 51.68
N SER H 53 -4.22 9.85 51.65
CA SER H 53 -3.40 10.21 52.80
C SER H 53 -2.33 11.25 52.53
N ASN H 54 -1.84 11.41 51.31
CA ASN H 54 -0.72 12.33 51.05
C ASN H 54 -1.24 13.76 51.08
N ARG H 55 -0.72 14.55 52.01
CA ARG H 55 -1.15 15.93 52.17
C ARG H 55 -0.56 16.81 51.08
N ALA H 56 -1.30 17.84 50.69
CA ALA H 56 -0.83 18.73 49.65
C ALA H 56 0.32 19.59 50.17
N SER H 57 1.13 20.09 49.23
CA SER H 57 2.28 20.91 49.59
C SER H 57 1.83 22.23 50.20
N GLY H 58 2.46 22.62 51.30
CA GLY H 58 2.19 23.90 51.93
C GLY H 58 0.95 23.96 52.80
N ILE H 59 0.21 22.86 52.94
CA ILE H 59 -1.01 22.84 53.74
C ILE H 59 -0.65 22.46 55.17
N SER H 60 -1.39 23.01 56.12
CA SER H 60 -1.09 22.81 57.54
C SER H 60 -1.23 21.34 57.93
N ASP H 61 -0.52 20.96 58.99
CA ASP H 61 -0.57 19.59 59.50
C ASP H 61 -1.90 19.25 60.15
N ARG H 62 -2.77 20.23 60.39
CA ARG H 62 -4.04 19.95 61.05
C ARG H 62 -4.93 19.05 60.20
N PHE H 63 -4.80 19.11 58.88
CA PHE H 63 -5.61 18.27 58.00
C PHE H 63 -5.02 16.87 57.90
N SER H 64 -5.89 15.87 57.83
CA SER H 64 -5.47 14.48 57.62
C SER H 64 -6.69 13.69 57.21
N GLY H 65 -6.44 12.57 56.53
CA GLY H 65 -7.52 11.75 56.01
C GLY H 65 -7.15 10.28 55.98
N SER H 66 -8.17 9.45 55.75
CA SER H 66 -8.00 8.01 55.73
C SER H 66 -9.22 7.38 55.09
N GLY H 67 -9.10 6.11 54.75
CA GLY H 67 -10.21 5.37 54.19
C GLY H 67 -9.75 4.17 53.40
N SER H 68 -10.73 3.34 53.03
CA SER H 68 -10.50 2.15 52.22
C SER H 68 -11.84 1.68 51.69
N GLY H 69 -11.78 0.83 50.66
CA GLY H 69 -12.99 0.30 50.07
C GLY H 69 -13.84 1.36 49.40
N THR H 70 -14.98 1.69 50.03
CA THR H 70 -15.89 2.71 49.52
C THR H 70 -16.26 3.75 50.57
N ASP H 71 -15.54 3.81 51.69
CA ASP H 71 -15.78 4.78 52.75
C ASP H 71 -14.49 5.54 53.02
N PHE H 72 -14.51 6.85 52.70
CA PHE H 72 -13.32 7.68 52.73
C PHE H 72 -13.57 8.90 53.60
N THR H 73 -12.55 9.27 54.38
CA THR H 73 -12.71 10.17 55.51
C THR H 73 -11.71 11.31 55.45
N LEU H 74 -12.10 12.45 56.02
CA LEU H 74 -11.23 13.60 56.23
C LEU H 74 -11.45 14.08 57.66
N THR H 75 -10.41 14.64 58.27
CA THR H 75 -10.54 15.12 59.65
C THR H 75 -9.59 16.29 59.90
N ILE H 76 -9.91 17.04 60.96
CA ILE H 76 -9.13 18.19 61.39
C ILE H 76 -8.86 18.02 62.88
N THR H 77 -7.59 18.17 63.28
CA THR H 77 -7.26 17.96 64.68
C THR H 77 -7.84 19.08 65.57
N ARG H 78 -7.74 20.33 65.12
CA ARG H 78 -8.36 21.46 65.80
C ARG H 78 -8.68 22.51 64.74
N VAL H 79 -9.91 23.01 64.75
CA VAL H 79 -10.32 23.97 63.73
C VAL H 79 -9.84 25.36 64.13
N GLU H 80 -9.46 26.16 63.14
CA GLU H 80 -9.07 27.55 63.30
C GLU H 80 -9.88 28.40 62.35
N PRO H 81 -9.99 29.72 62.61
CA PRO H 81 -10.99 30.53 61.87
C PRO H 81 -10.82 30.54 60.36
N GLU H 82 -9.63 30.25 59.84
CA GLU H 82 -9.43 30.32 58.39
C GLU H 82 -10.11 29.17 57.65
N ASP H 83 -10.47 28.08 58.34
CA ASP H 83 -10.95 26.90 57.64
C ASP H 83 -12.43 26.97 57.27
N PHE H 84 -13.14 28.02 57.72
CA PHE H 84 -14.57 28.11 57.45
C PHE H 84 -14.79 28.20 55.95
N ALA H 85 -15.22 27.10 55.35
CA ALA H 85 -15.24 26.96 53.90
C ALA H 85 -15.89 25.63 53.55
N LEU H 86 -16.09 25.42 52.26
CA LEU H 86 -16.65 24.17 51.76
C LEU H 86 -15.54 23.18 51.45
N TYR H 87 -15.81 21.90 51.69
CA TYR H 87 -14.85 20.82 51.48
C TYR H 87 -15.48 19.70 50.68
N TYR H 88 -14.72 19.19 49.70
CA TYR H 88 -15.24 18.41 48.59
C TYR H 88 -14.39 17.16 48.40
N CYS H 89 -15.03 16.03 48.09
CA CYS H 89 -14.32 14.78 47.82
C CYS H 89 -14.42 14.43 46.33
N GLN H 90 -13.47 13.63 45.86
CA GLN H 90 -13.35 13.31 44.44
C GLN H 90 -12.77 11.93 44.23
N VAL H 91 -13.23 11.27 43.17
CA VAL H 91 -12.52 10.18 42.52
C VAL H 91 -12.07 10.70 41.17
N TYR H 92 -10.84 10.34 40.77
CA TYR H 92 -10.22 10.92 39.59
C TYR H 92 -9.38 9.88 38.87
N GLY H 93 -9.22 10.08 37.57
CA GLY H 93 -8.29 9.32 36.77
C GLY H 93 -8.98 8.24 35.94
N ALA H 94 -8.38 7.98 34.77
CA ALA H 94 -8.81 6.92 33.87
C ALA H 94 -10.27 7.08 33.47
N SER H 95 -10.62 8.31 33.08
CA SER H 95 -11.95 8.63 32.57
C SER H 95 -13.04 8.37 33.61
N SER H 96 -12.70 8.44 34.90
CA SER H 96 -13.63 8.16 35.99
C SER H 96 -13.81 9.35 36.93
N TYR H 97 -13.65 10.58 36.43
CA TYR H 97 -13.72 11.75 37.28
C TYR H 97 -15.14 11.98 37.78
N THR H 98 -15.26 12.36 39.06
CA THR H 98 -16.55 12.64 39.67
C THR H 98 -16.33 13.35 41.00
N PHE H 99 -17.37 14.05 41.45
CA PHE H 99 -17.30 14.90 42.64
C PHE H 99 -18.50 14.63 43.53
N GLY H 100 -18.38 15.05 44.79
CA GLY H 100 -19.48 14.96 45.73
C GLY H 100 -20.37 16.19 45.69
N GLN H 101 -21.25 16.29 46.68
CA GLN H 101 -22.11 17.46 46.81
C GLN H 101 -21.45 18.56 47.63
N GLY H 102 -20.71 18.21 48.66
CA GLY H 102 -20.01 19.16 49.51
C GLY H 102 -20.54 19.18 50.92
N THR H 103 -19.67 19.61 51.84
CA THR H 103 -20.00 19.79 53.25
C THR H 103 -19.50 21.16 53.69
N LYS H 104 -20.34 21.87 54.44
CA LYS H 104 -20.07 23.24 54.88
C LYS H 104 -19.49 23.23 56.29
N LEU H 105 -18.32 23.84 56.45
CA LEU H 105 -17.66 23.99 57.74
C LEU H 105 -17.78 25.46 58.14
N GLU H 106 -18.44 25.73 59.27
CA GLU H 106 -18.83 27.10 59.60
C GLU H 106 -18.80 27.29 61.11
N ARG H 107 -18.80 28.55 61.52
CA ARG H 107 -18.67 28.89 62.94
C ARG H 107 -19.92 28.50 63.72
N LYS H 108 -19.72 27.93 64.90
CA LYS H 108 -20.84 27.51 65.74
C LYS H 108 -21.58 28.72 66.30
N GLU I 1 56.76 8.27 -32.93
CA GLU I 1 56.35 9.65 -33.28
C GLU I 1 55.07 9.68 -34.09
N ASN I 2 54.29 10.74 -33.91
CA ASN I 2 53.09 10.99 -34.70
C ASN I 2 52.07 9.86 -34.55
N LEU I 3 52.00 9.28 -33.34
CA LEU I 3 50.92 8.37 -32.96
C LEU I 3 50.11 8.96 -31.81
N TRP I 4 48.80 8.99 -32.01
CA TRP I 4 47.93 10.05 -31.55
C TRP I 4 46.53 9.49 -31.31
N VAL I 5 45.88 9.98 -30.26
CA VAL I 5 44.66 9.35 -29.76
C VAL I 5 43.47 9.73 -30.65
N THR I 6 42.56 8.77 -30.85
CA THR I 6 41.19 9.02 -31.28
C THR I 6 40.23 8.29 -30.34
N VAL I 7 39.00 8.81 -30.26
CA VAL I 7 37.97 8.29 -29.36
C VAL I 7 36.71 7.96 -30.16
N TYR I 8 36.07 6.84 -29.80
CA TYR I 8 34.90 6.32 -30.49
C TYR I 8 33.72 6.27 -29.52
N TYR I 9 32.51 6.44 -30.07
CA TYR I 9 31.27 6.40 -29.29
C TYR I 9 30.26 5.46 -29.92
N GLY I 10 29.62 4.65 -29.08
CA GLY I 10 28.74 3.60 -29.51
C GLY I 10 29.44 2.27 -29.74
N VAL I 11 30.52 2.03 -29.00
CA VAL I 11 31.42 0.92 -29.32
C VAL I 11 30.77 -0.40 -28.89
N PRO I 12 30.67 -1.42 -29.76
CA PRO I 12 30.22 -2.76 -29.34
C PRO I 12 31.29 -3.59 -28.64
N VAL I 13 31.57 -3.23 -27.40
CA VAL I 13 32.15 -4.15 -26.43
C VAL I 13 31.29 -4.07 -25.18
N TRP I 14 31.45 -5.06 -24.30
CA TRP I 14 30.55 -5.27 -23.18
C TRP I 14 31.24 -5.89 -21.98
N LYS I 15 30.50 -5.94 -20.88
CA LYS I 15 30.95 -6.49 -19.60
C LYS I 15 29.76 -7.10 -18.87
N GLU I 16 30.05 -7.82 -17.78
CA GLU I 16 29.04 -8.55 -17.03
C GLU I 16 28.42 -7.67 -15.95
N ALA I 17 27.10 -7.76 -15.78
CA ALA I 17 26.41 -7.01 -14.74
C ALA I 17 24.97 -7.48 -14.61
N LYS I 18 24.40 -7.26 -13.43
CA LYS I 18 22.99 -7.50 -13.19
C LYS I 18 22.15 -6.36 -13.76
N THR I 19 20.90 -6.68 -14.15
CA THR I 19 20.02 -5.72 -14.77
C THR I 19 18.58 -6.05 -14.42
N THR I 20 17.73 -5.02 -14.40
CA THR I 20 16.29 -5.20 -14.20
C THR I 20 15.63 -5.44 -15.56
N LEU I 21 15.15 -6.66 -15.78
CA LEU I 21 14.58 -7.01 -17.08
C LEU I 21 13.12 -6.59 -17.17
N PHE I 22 12.63 -6.51 -18.41
CA PHE I 22 11.24 -6.20 -18.69
C PHE I 22 10.39 -7.46 -18.81
N CYS I 23 9.18 -7.40 -18.26
CA CYS I 23 8.15 -8.34 -18.64
C CYS I 23 7.70 -8.03 -20.06
N ALA I 24 7.28 -9.05 -20.80
CA ALA I 24 6.68 -8.86 -22.12
C ALA I 24 5.76 -10.03 -22.42
N SER I 25 4.51 -9.72 -22.77
CA SER I 25 3.47 -10.73 -22.86
C SER I 25 2.44 -10.31 -23.90
N ASP I 26 1.42 -11.15 -24.06
CA ASP I 26 0.29 -10.81 -24.93
C ASP I 26 -0.49 -9.64 -24.36
N ALA I 27 -1.37 -9.07 -25.18
CA ALA I 27 -2.11 -7.88 -24.78
C ALA I 27 -3.27 -8.22 -23.85
N LYS I 28 -4.09 -9.19 -24.22
CA LYS I 28 -5.31 -9.52 -23.47
C LYS I 28 -5.48 -11.04 -23.49
N ALA I 29 -4.93 -11.71 -22.48
CA ALA I 29 -5.06 -13.15 -22.33
C ALA I 29 -4.52 -13.86 -23.57
N TYR I 30 -5.25 -14.84 -24.11
CA TYR I 30 -4.92 -15.39 -25.43
C TYR I 30 -5.53 -14.51 -26.52
N GLU I 31 -5.31 -13.20 -26.46
CA GLU I 31 -5.99 -12.23 -27.30
C GLU I 31 -7.50 -12.45 -27.27
N LYS I 32 -8.02 -12.69 -26.07
CA LYS I 32 -9.44 -12.88 -25.82
C LYS I 32 -9.87 -11.99 -24.66
N GLU I 33 -11.12 -11.54 -24.71
CA GLU I 33 -11.62 -10.52 -23.77
C GLU I 33 -11.91 -11.14 -22.40
N VAL I 34 -10.83 -11.50 -21.70
CA VAL I 34 -10.90 -12.02 -20.34
C VAL I 34 -9.68 -11.54 -19.56
N HIS I 35 -9.81 -11.58 -18.24
CA HIS I 35 -8.69 -11.24 -17.36
C HIS I 35 -7.77 -12.44 -17.21
N ASN I 36 -6.46 -12.20 -17.29
CA ASN I 36 -5.44 -13.22 -17.06
C ASN I 36 -4.47 -12.70 -16.02
N ILE I 37 -4.05 -13.58 -15.13
CA ILE I 37 -3.29 -13.15 -13.95
C ILE I 37 -1.89 -12.69 -14.34
N TRP I 38 -1.33 -13.23 -15.44
CA TRP I 38 -0.02 -12.79 -15.91
C TRP I 38 -0.12 -11.63 -16.90
N ALA I 39 -0.82 -11.84 -18.02
CA ALA I 39 -0.77 -10.88 -19.12
C ALA I 39 -1.36 -9.53 -18.73
N THR I 40 -2.49 -9.52 -18.02
CA THR I 40 -3.24 -8.29 -17.82
C THR I 40 -2.46 -7.23 -17.04
N HIS I 41 -1.47 -7.63 -16.25
CA HIS I 41 -0.71 -6.69 -15.43
C HIS I 41 0.36 -6.02 -16.29
N ALA I 42 -0.10 -5.08 -17.13
CA ALA I 42 0.77 -4.26 -17.96
C ALA I 42 1.64 -5.13 -18.85
N CYS I 43 2.96 -5.19 -18.59
CA CYS I 43 3.86 -6.11 -19.30
C CYS I 43 3.89 -5.85 -20.81
N VAL I 44 3.60 -4.61 -21.22
CA VAL I 44 3.86 -4.03 -22.55
C VAL I 44 3.24 -4.94 -23.62
N PRO I 45 3.51 -4.77 -24.93
CA PRO I 45 2.60 -5.37 -25.91
C PRO I 45 2.91 -6.79 -26.41
N THR I 46 2.08 -7.26 -27.34
CA THR I 46 2.32 -8.54 -27.98
C THR I 46 3.44 -8.39 -29.00
N ASP I 47 4.67 -8.24 -28.51
CA ASP I 47 5.83 -7.99 -29.37
C ASP I 47 6.00 -9.18 -30.33
N PRO I 48 5.70 -9.02 -31.64
CA PRO I 48 5.62 -10.22 -32.50
C PRO I 48 6.96 -10.70 -33.01
N ASN I 49 7.94 -9.82 -33.16
CA ASN I 49 9.17 -10.13 -33.89
C ASN I 49 10.35 -10.18 -32.92
N PRO I 50 10.99 -11.33 -32.77
CA PRO I 50 12.33 -11.34 -32.12
C PRO I 50 13.39 -10.94 -33.14
N GLN I 51 14.17 -9.90 -32.81
CA GLN I 51 15.20 -9.39 -33.71
C GLN I 51 16.47 -10.24 -33.68
N GLU I 52 16.44 -11.45 -34.24
CA GLU I 52 17.60 -12.31 -34.19
C GLU I 52 18.71 -11.81 -35.10
N MET I 53 19.93 -11.86 -34.59
CA MET I 53 21.11 -11.31 -35.25
C MET I 53 22.30 -12.17 -34.81
N VAL I 54 22.97 -12.77 -35.78
CA VAL I 54 23.97 -13.81 -35.54
C VAL I 54 25.35 -13.19 -35.68
N LEU I 55 26.30 -13.68 -34.87
CA LEU I 55 27.64 -13.11 -34.78
C LEU I 55 28.66 -14.04 -35.43
N LYS I 56 29.43 -13.50 -36.38
CA LYS I 56 30.63 -14.17 -36.84
C LYS I 56 31.72 -14.10 -35.77
N ASN I 57 32.37 -15.23 -35.53
CA ASN I 57 33.60 -15.28 -34.73
C ASN I 57 33.39 -14.69 -33.34
N VAL I 58 32.56 -15.36 -32.54
CA VAL I 58 32.36 -15.00 -31.14
C VAL I 58 32.28 -16.29 -30.32
N THR I 59 33.29 -16.50 -29.48
CA THR I 59 33.33 -17.57 -28.50
C THR I 59 33.14 -16.92 -27.14
N GLU I 60 32.31 -17.51 -26.28
CA GLU I 60 32.07 -16.80 -25.04
C GLU I 60 31.55 -17.70 -23.93
N ASN I 61 31.95 -17.33 -22.71
CA ASN I 61 31.59 -18.01 -21.47
C ASN I 61 30.11 -17.86 -21.17
N PHE I 62 29.60 -18.82 -20.39
CA PHE I 62 28.21 -18.88 -19.99
C PHE I 62 28.14 -19.68 -18.70
N ASN I 63 27.36 -19.19 -17.74
CA ASN I 63 27.20 -19.85 -16.44
C ASN I 63 25.71 -19.77 -16.11
N MET I 64 24.96 -20.77 -16.60
CA MET I 64 23.53 -20.80 -16.37
C MET I 64 23.19 -21.15 -14.93
N TRP I 65 24.12 -21.78 -14.20
CA TRP I 65 23.88 -22.06 -12.80
C TRP I 65 23.89 -20.77 -11.97
N LYS I 66 24.81 -19.86 -12.27
CA LYS I 66 24.97 -18.61 -11.54
C LYS I 66 24.31 -17.42 -12.25
N ASN I 67 23.64 -17.62 -13.38
CA ASN I 67 23.14 -16.50 -14.17
C ASN I 67 22.13 -15.68 -13.36
N ASP I 68 22.26 -14.36 -13.47
CA ASP I 68 21.52 -13.47 -12.58
C ASP I 68 20.03 -13.45 -12.88
N MET I 69 19.65 -13.59 -14.15
CA MET I 69 18.28 -13.27 -14.54
C MET I 69 17.28 -14.39 -14.24
N VAL I 70 17.72 -15.50 -13.63
CA VAL I 70 16.77 -16.46 -13.07
C VAL I 70 16.21 -15.94 -11.75
N ASP I 71 17.02 -15.22 -10.98
CA ASP I 71 16.54 -14.65 -9.73
C ASP I 71 15.40 -13.68 -9.98
N GLN I 72 15.53 -12.86 -11.02
CA GLN I 72 14.48 -11.92 -11.36
C GLN I 72 13.25 -12.63 -11.91
N MET I 73 13.44 -13.73 -12.67
CA MET I 73 12.32 -14.57 -13.06
C MET I 73 11.52 -14.98 -11.83
N HIS I 74 12.21 -15.55 -10.84
CA HIS I 74 11.51 -16.07 -9.67
C HIS I 74 10.87 -14.95 -8.86
N GLU I 75 11.57 -13.83 -8.72
CA GLU I 75 11.02 -12.71 -7.95
C GLU I 75 9.77 -12.14 -8.61
N ASP I 76 9.80 -12.02 -9.94
CA ASP I 76 8.60 -11.53 -10.63
C ASP I 76 7.46 -12.53 -10.52
N VAL I 77 7.75 -13.82 -10.57
CA VAL I 77 6.69 -14.82 -10.46
C VAL I 77 6.03 -14.76 -9.09
N ILE I 78 6.84 -14.67 -8.04
CA ILE I 78 6.29 -14.61 -6.69
C ILE I 78 5.47 -13.34 -6.49
N SER I 79 5.98 -12.21 -6.98
CA SER I 79 5.32 -10.94 -6.76
C SER I 79 3.95 -10.89 -7.42
N LEU I 80 3.83 -11.44 -8.63
CA LEU I 80 2.57 -11.35 -9.37
C LEU I 80 1.44 -12.04 -8.63
N TRP I 81 1.69 -13.23 -8.07
CA TRP I 81 0.64 -13.92 -7.33
C TRP I 81 0.23 -13.12 -6.10
N ASP I 82 1.22 -12.69 -5.30
CA ASP I 82 0.89 -11.90 -4.11
C ASP I 82 0.26 -10.56 -4.47
N GLN I 83 0.66 -9.98 -5.60
CA GLN I 83 0.06 -8.72 -6.03
C GLN I 83 -1.42 -8.90 -6.37
N SER I 84 -1.73 -9.89 -7.21
CA SER I 84 -3.09 -10.08 -7.69
C SER I 84 -4.02 -10.69 -6.66
N LEU I 85 -3.47 -11.43 -5.68
CA LEU I 85 -4.32 -12.19 -4.77
C LEU I 85 -4.84 -11.37 -3.60
N LYS I 86 -4.29 -10.17 -3.39
CA LYS I 86 -4.60 -9.38 -2.20
C LYS I 86 -6.09 -9.04 -2.07
N PRO I 87 -6.74 -8.43 -3.09
CA PRO I 87 -8.13 -7.99 -2.87
C PRO I 87 -9.13 -9.12 -2.63
N CYS I 88 -8.80 -10.35 -2.99
CA CYS I 88 -9.73 -11.45 -2.79
C CYS I 88 -9.92 -11.75 -1.31
N VAL I 89 -11.11 -12.24 -0.97
CA VAL I 89 -11.46 -12.47 0.43
C VAL I 89 -10.68 -13.66 0.97
N LYS I 90 -10.38 -13.60 2.26
CA LYS I 90 -9.58 -14.61 2.95
C LYS I 90 -10.48 -15.64 3.60
N LEU I 91 -9.96 -16.86 3.77
CA LEU I 91 -10.60 -17.91 4.56
C LEU I 91 -10.25 -17.83 6.05
N THR I 92 -9.87 -16.65 6.51
CA THR I 92 -9.62 -16.46 7.95
C THR I 92 -10.81 -16.87 8.82
N PRO I 93 -12.06 -16.49 8.53
CA PRO I 93 -13.16 -16.89 9.44
C PRO I 93 -13.38 -18.39 9.55
N LEU I 94 -13.12 -19.16 8.50
CA LEU I 94 -13.49 -20.57 8.46
C LEU I 94 -12.59 -21.48 9.29
N CYS I 95 -11.46 -20.97 9.81
CA CYS I 95 -10.48 -21.86 10.43
C CYS I 95 -10.99 -22.52 11.71
N CYS I 96 -12.08 -22.04 12.31
CA CYS I 96 -12.65 -22.75 13.44
C CYS I 96 -12.95 -24.19 13.09
N THR I 97 -12.87 -25.05 14.11
CA THR I 97 -12.84 -26.49 13.88
C THR I 97 -14.16 -26.97 13.29
N LEU I 98 -14.10 -28.09 12.58
CA LEU I 98 -15.22 -28.61 11.81
C LEU I 98 -15.67 -29.96 12.39
N ASN I 99 -16.97 -30.20 12.30
CA ASN I 99 -17.60 -31.45 12.73
C ASN I 99 -18.25 -32.11 11.52
N CYS I 100 -17.88 -33.36 11.24
CA CYS I 100 -18.37 -33.99 10.02
C CYS I 100 -18.08 -35.49 9.99
N THR I 101 -18.47 -36.09 8.86
CA THR I 101 -18.84 -37.50 8.77
C THR I 101 -18.31 -38.05 7.45
N ASN I 102 -18.81 -39.24 7.09
CA ASN I 102 -18.53 -39.80 5.78
C ASN I 102 -19.58 -39.31 4.77
N ALA I 103 -19.12 -38.84 3.61
CA ALA I 103 -20.01 -38.31 2.60
C ALA I 103 -20.70 -39.44 1.84
N THR I 104 -21.91 -39.16 1.37
CA THR I 104 -22.71 -40.08 0.57
C THR I 104 -23.01 -39.42 -0.77
N ALA I 105 -22.53 -40.01 -1.86
CA ALA I 105 -22.86 -39.53 -3.19
C ALA I 105 -24.24 -40.01 -3.61
N SER I 106 -24.73 -39.44 -4.71
CA SER I 106 -26.03 -39.84 -5.23
C SER I 106 -26.02 -41.30 -5.65
N ASN I 107 -27.05 -42.04 -5.21
CA ASN I 107 -27.23 -43.46 -5.49
C ASN I 107 -26.10 -44.32 -4.93
N SER I 108 -25.36 -43.81 -3.95
CA SER I 108 -24.20 -44.50 -3.37
C SER I 108 -24.30 -44.47 -1.85
N SER I 109 -23.78 -45.53 -1.22
CA SER I 109 -23.77 -45.62 0.22
C SER I 109 -22.54 -44.96 0.85
N ILE I 110 -21.52 -44.64 0.05
CA ILE I 110 -20.25 -44.17 0.60
C ILE I 110 -19.43 -43.57 -0.52
N ILE I 111 -18.60 -42.59 -0.17
CA ILE I 111 -17.41 -42.22 -0.94
C ILE I 111 -16.27 -42.10 0.07
N GLU I 112 -15.13 -42.73 -0.25
CA GLU I 112 -14.10 -43.00 0.74
C GLU I 112 -12.98 -41.97 0.75
N GLY I 113 -12.69 -41.35 -0.38
CA GLY I 113 -11.69 -40.31 -0.45
C GLY I 113 -12.20 -38.91 -0.17
N MET I 114 -13.39 -38.80 0.42
CA MET I 114 -14.10 -37.54 0.54
C MET I 114 -14.62 -37.43 1.97
N LYS I 115 -14.85 -36.21 2.43
CA LYS I 115 -15.40 -35.96 3.76
C LYS I 115 -16.43 -34.85 3.71
N ASN I 116 -17.69 -35.20 3.93
CA ASN I 116 -18.79 -34.24 4.10
C ASN I 116 -19.17 -34.26 5.57
N CYS I 117 -18.45 -30.92 4.99
CA CYS I 117 -18.04 -31.00 6.37
C CYS I 117 -18.63 -29.81 7.12
N SER I 118 -19.42 -30.07 8.17
CA SER I 118 -20.21 -29.03 8.83
C SER I 118 -19.31 -28.10 9.63
N PHE I 119 -19.65 -26.81 9.64
CA PHE I 119 -18.86 -25.80 10.33
C PHE I 119 -19.75 -24.65 10.76
N ASN I 120 -19.39 -24.04 11.89
CA ASN I 120 -19.96 -22.76 12.29
C ASN I 120 -19.18 -21.64 11.62
N ILE I 121 -19.89 -20.71 10.99
CA ILE I 121 -19.28 -19.59 10.26
C ILE I 121 -20.12 -18.34 10.48
N THR I 122 -19.42 -17.20 10.57
CA THR I 122 -20.11 -15.92 10.59
C THR I 122 -20.92 -15.73 9.32
N THR I 123 -22.13 -15.21 9.48
CA THR I 123 -23.05 -14.97 8.38
C THR I 123 -23.43 -13.49 8.36
N GLU I 124 -23.81 -13.01 7.18
CA GLU I 124 -24.14 -11.60 6.99
C GLU I 124 -22.95 -10.73 7.40
N LEU I 125 -22.83 -10.43 8.70
CA LEU I 125 -21.65 -9.73 9.18
C LEU I 125 -21.59 -9.81 10.71
N ARG I 126 -20.40 -10.15 11.20
CA ARG I 126 -20.06 -10.26 12.63
C ARG I 126 -21.14 -10.89 13.52
N CYS I 127 -22.16 -10.12 13.91
CA CYS I 127 -22.96 -10.44 15.09
C CYS I 127 -23.89 -11.64 14.91
N LYS I 128 -23.82 -12.46 13.86
CA LYS I 128 -24.65 -13.64 13.75
C LYS I 128 -23.92 -14.70 12.94
N ARG I 129 -24.24 -15.96 13.23
CA ARG I 129 -23.52 -17.09 12.67
C ARG I 129 -24.49 -18.25 12.45
N GLU I 130 -24.10 -19.15 11.54
CA GLU I 130 -24.97 -20.25 11.11
C GLU I 130 -24.14 -21.51 10.95
N LYS I 131 -24.85 -22.64 10.91
CA LYS I 131 -24.25 -23.96 10.74
C LYS I 131 -24.36 -24.37 9.26
N LYS I 132 -23.53 -23.73 8.44
CA LYS I 132 -23.46 -24.08 7.03
C LYS I 132 -22.72 -25.40 6.85
N ASN I 133 -22.78 -25.93 5.63
CA ASN I 133 -22.13 -27.19 5.32
C ASN I 133 -21.65 -27.22 3.88
N ALA I 134 -20.62 -28.02 3.65
CA ALA I 134 -19.97 -28.20 2.36
C ALA I 134 -19.32 -29.57 2.39
N LEU I 135 -18.39 -29.83 1.49
CA LEU I 135 -17.53 -30.99 1.61
C LEU I 135 -16.16 -30.67 1.02
N PHE I 136 -15.14 -31.36 1.55
CA PHE I 136 -13.76 -31.11 1.16
C PHE I 136 -13.05 -32.41 0.82
N TYR I 137 -11.94 -32.23 0.11
CA TYR I 137 -11.02 -33.29 -0.21
C TYR I 137 -10.23 -33.62 1.05
N LYS I 138 -9.87 -34.90 1.23
CA LYS I 138 -9.30 -35.32 2.51
C LYS I 138 -7.99 -34.61 2.82
N LEU I 139 -7.31 -34.09 1.80
CA LEU I 139 -6.01 -33.47 2.03
C LEU I 139 -6.11 -32.06 2.53
N ASP I 140 -7.26 -31.41 2.35
CA ASP I 140 -7.53 -30.12 2.97
C ASP I 140 -7.93 -30.24 4.43
N ILE I 141 -8.12 -31.46 4.94
CA ILE I 141 -8.67 -31.70 6.27
C ILE I 141 -7.68 -32.53 7.06
N VAL I 142 -7.41 -32.10 8.29
CA VAL I 142 -6.71 -32.90 9.29
C VAL I 142 -7.67 -33.12 10.45
N GLN I 143 -7.77 -34.36 10.88
CA GLN I 143 -8.64 -34.73 11.99
C GLN I 143 -7.91 -34.48 13.30
N LEU I 144 -8.51 -33.65 14.16
CA LEU I 144 -8.06 -33.58 15.54
C LEU I 144 -8.77 -34.69 16.31
N ASP I 145 -8.25 -35.07 17.47
CA ASP I 145 -8.76 -36.23 18.20
C ASP I 145 -9.67 -35.83 19.37
N GLY I 146 -9.18 -35.03 20.33
CA GLY I 146 -10.02 -34.23 21.22
C GLY I 146 -11.26 -34.82 21.85
N ASN I 147 -11.36 -36.15 21.93
CA ASN I 147 -12.57 -36.83 22.43
C ASN I 147 -13.84 -36.36 21.71
N SER I 148 -13.74 -35.99 20.44
CA SER I 148 -14.91 -35.50 19.73
C SER I 148 -14.60 -35.46 18.24
N SER I 149 -15.65 -35.22 17.46
CA SER I 149 -15.54 -35.16 16.00
C SER I 149 -15.01 -33.79 15.57
N GLN I 150 -13.74 -33.55 15.89
CA GLN I 150 -13.10 -32.27 15.65
C GLN I 150 -12.15 -32.40 14.46
N TYR I 151 -12.41 -31.61 13.42
CA TYR I 151 -11.57 -31.57 12.22
C TYR I 151 -11.18 -30.12 11.97
N ARG I 152 -10.13 -29.93 11.17
CA ARG I 152 -9.59 -28.61 10.93
C ARG I 152 -8.97 -28.56 9.55
N LEU I 153 -8.96 -27.36 8.96
CA LEU I 153 -8.26 -27.16 7.71
C LEU I 153 -6.75 -27.27 7.95
N ILE I 154 -6.04 -27.87 6.99
CA ILE I 154 -4.67 -28.33 7.24
C ILE I 154 -3.73 -27.19 7.57
N ASN I 155 -3.86 -26.05 6.90
CA ASN I 155 -2.88 -24.97 7.03
C ASN I 155 -3.33 -23.79 7.89
N CYS I 156 -4.63 -23.65 8.20
CA CYS I 156 -5.09 -22.36 8.68
C CYS I 156 -4.52 -22.01 10.05
N ASP I 157 -4.14 -23.01 10.84
CA ASP I 157 -3.50 -22.74 12.12
C ASP I 157 -2.15 -22.08 11.93
N THR I 158 -1.34 -22.60 11.00
CA THR I 158 -0.01 -22.08 10.79
C THR I 158 0.00 -20.78 9.99
N SER I 159 -0.94 -20.60 9.05
CA SER I 159 -0.86 -19.48 8.14
C SER I 159 -2.24 -19.12 7.62
N VAL I 160 -2.35 -17.90 7.11
CA VAL I 160 -3.58 -17.45 6.47
C VAL I 160 -3.81 -18.20 5.17
N ILE I 161 -5.06 -18.54 4.88
CA ILE I 161 -5.47 -19.15 3.62
C ILE I 161 -6.36 -18.16 2.88
N THR I 162 -6.13 -18.02 1.58
CA THR I 162 -6.92 -17.14 0.73
C THR I 162 -7.30 -17.91 -0.53
N GLN I 163 -8.52 -17.69 -1.02
CA GLN I 163 -8.94 -18.29 -2.28
C GLN I 163 -8.80 -17.26 -3.39
N VAL I 164 -8.24 -17.70 -4.52
CA VAL I 164 -8.12 -16.85 -5.69
C VAL I 164 -9.52 -16.39 -6.10
N CYS I 165 -9.59 -15.17 -6.61
CA CYS I 165 -10.84 -14.64 -7.11
C CYS I 165 -11.30 -15.52 -8.29
N PRO I 166 -12.55 -15.99 -8.31
CA PRO I 166 -12.88 -17.10 -9.22
C PRO I 166 -12.76 -16.76 -10.69
N LYS I 167 -12.76 -15.49 -11.05
CA LYS I 167 -12.68 -15.11 -12.45
C LYS I 167 -11.26 -15.14 -12.99
N LEU I 168 -10.24 -15.11 -12.12
CA LEU I 168 -8.85 -15.04 -12.55
C LEU I 168 -8.38 -16.45 -12.91
N SER I 169 -7.95 -16.63 -14.16
CA SER I 169 -7.54 -17.94 -14.64
C SER I 169 -6.10 -18.24 -14.23
N PHE I 170 -5.81 -19.53 -14.04
CA PHE I 170 -4.48 -19.96 -13.64
C PHE I 170 -3.57 -20.29 -14.82
N ASP I 171 -4.13 -20.39 -16.03
CA ASP I 171 -3.42 -21.04 -17.12
C ASP I 171 -2.19 -20.23 -17.50
N PRO I 172 -1.06 -20.87 -17.82
CA PRO I 172 0.11 -20.11 -18.21
C PRO I 172 0.02 -19.64 -19.65
N ILE I 173 0.83 -18.64 -19.98
CA ILE I 173 0.87 -18.05 -21.32
C ILE I 173 2.31 -17.73 -21.66
N PRO I 174 2.64 -17.66 -22.95
CA PRO I 174 4.01 -17.29 -23.30
C PRO I 174 4.31 -15.85 -22.90
N ILE I 175 5.43 -15.67 -22.23
CA ILE I 175 5.92 -14.35 -21.81
C ILE I 175 7.34 -14.19 -22.30
N HIS I 176 7.63 -13.05 -22.89
CA HIS I 176 8.96 -12.73 -23.36
C HIS I 176 9.64 -11.79 -22.35
N TYR I 177 10.96 -11.80 -22.36
CA TYR I 177 11.79 -11.00 -21.45
C TYR I 177 12.85 -10.24 -22.23
N CYS I 178 12.81 -8.91 -22.11
CA CYS I 178 13.60 -8.00 -22.91
C CYS I 178 14.58 -7.26 -22.02
N ALA I 179 15.77 -6.99 -22.55
CA ALA I 179 16.72 -6.16 -21.83
C ALA I 179 16.28 -4.70 -21.90
N PRO I 180 16.50 -3.90 -20.85
CA PRO I 180 16.21 -2.47 -20.96
C PRO I 180 17.26 -1.77 -21.81
N ALA I 181 17.09 -0.46 -21.93
CA ALA I 181 18.00 0.33 -22.78
C ALA I 181 19.42 0.25 -22.26
N GLY I 182 20.37 0.07 -23.19
CA GLY I 182 21.78 -0.01 -22.85
C GLY I 182 22.29 -1.40 -22.55
N TYR I 183 21.48 -2.43 -22.77
CA TYR I 183 21.84 -3.80 -22.44
C TYR I 183 21.34 -4.74 -23.53
N ALA I 184 21.80 -5.99 -23.49
CA ALA I 184 21.50 -6.97 -24.54
C ALA I 184 21.40 -8.37 -23.92
N ILE I 185 21.14 -9.36 -24.78
CA ILE I 185 20.94 -10.75 -24.39
C ILE I 185 21.66 -11.65 -25.40
N LEU I 186 22.26 -12.74 -24.90
CA LEU I 186 23.01 -13.70 -25.70
C LEU I 186 22.39 -15.09 -25.53
N LYS I 187 22.66 -16.02 -26.47
CA LYS I 187 21.81 -17.21 -26.62
C LYS I 187 22.49 -18.58 -26.58
N CYS I 188 23.65 -18.79 -27.22
CA CYS I 188 24.05 -20.15 -27.64
C CYS I 188 23.07 -20.83 -28.59
N ASN I 189 23.08 -20.44 -29.86
CA ASN I 189 22.50 -21.25 -30.92
C ASN I 189 23.04 -22.69 -30.98
N ASN I 190 24.16 -22.99 -30.32
CA ASN I 190 24.68 -24.35 -30.26
C ASN I 190 23.62 -25.31 -29.74
N LYS I 191 23.51 -26.46 -30.41
CA LYS I 191 22.44 -27.42 -30.15
C LYS I 191 22.84 -28.52 -29.17
N THR I 192 24.06 -28.50 -28.64
CA THR I 192 24.52 -29.50 -27.69
C THR I 192 25.26 -28.88 -26.51
N PHE I 193 24.89 -27.67 -26.10
CA PHE I 193 25.63 -26.97 -25.06
C PHE I 193 25.41 -27.65 -23.70
N THR I 194 26.50 -27.77 -22.94
CA THR I 194 26.43 -28.40 -21.63
C THR I 194 25.76 -27.54 -20.58
N GLY I 195 25.81 -26.21 -20.74
CA GLY I 195 25.30 -25.25 -19.78
C GLY I 195 26.36 -24.36 -19.17
N THR I 196 27.60 -24.84 -19.06
CA THR I 196 28.69 -24.06 -18.51
C THR I 196 29.89 -24.17 -19.43
N GLY I 197 30.74 -23.14 -19.41
CA GLY I 197 31.92 -23.08 -20.23
C GLY I 197 31.71 -22.22 -21.46
N PRO I 198 32.75 -22.10 -22.29
CA PRO I 198 32.63 -21.28 -23.49
C PRO I 198 31.65 -21.86 -24.49
N CYS I 199 31.06 -20.97 -25.28
CA CYS I 199 30.04 -21.31 -26.26
C CYS I 199 30.50 -20.84 -27.63
N ASN I 200 30.60 -21.78 -28.58
CA ASN I 200 31.31 -21.52 -29.84
C ASN I 200 30.45 -20.85 -30.90
N ASN I 201 29.17 -20.63 -30.67
CA ASN I 201 28.30 -19.98 -31.65
C ASN I 201 27.25 -19.20 -30.87
N VAL I 202 27.22 -17.89 -31.06
CA VAL I 202 26.44 -16.98 -30.22
C VAL I 202 25.66 -16.02 -31.10
N SER I 203 24.42 -15.76 -30.71
CA SER I 203 23.56 -14.78 -31.36
C SER I 203 22.86 -13.97 -30.28
N THR I 204 22.43 -12.76 -30.63
CA THR I 204 21.86 -11.82 -29.68
C THR I 204 20.48 -11.35 -30.13
N VAL I 205 19.60 -11.18 -29.14
CA VAL I 205 18.21 -10.80 -29.37
C VAL I 205 17.83 -9.78 -28.31
N GLN I 206 16.88 -8.89 -28.65
CA GLN I 206 16.34 -7.99 -27.65
C GLN I 206 15.48 -8.72 -26.63
N CYS I 207 14.47 -9.48 -27.10
CA CYS I 207 13.54 -10.19 -26.24
C CYS I 207 13.64 -11.69 -26.48
N THR I 208 13.83 -12.44 -25.40
CA THR I 208 13.87 -13.90 -25.46
C THR I 208 12.57 -14.44 -26.06
N HIS I 209 12.61 -15.69 -26.51
CA HIS I 209 11.38 -16.28 -27.01
C HIS I 209 10.39 -16.47 -25.87
N GLY I 210 9.13 -16.69 -26.24
CA GLY I 210 8.11 -16.89 -25.22
C GLY I 210 8.42 -18.11 -24.37
N ILE I 211 8.39 -17.91 -23.05
CA ILE I 211 8.54 -18.97 -22.07
C ILE I 211 7.26 -19.05 -21.26
N LYS I 212 6.89 -20.27 -20.86
CA LYS I 212 5.59 -20.53 -20.26
C LYS I 212 5.77 -20.85 -18.78
N PRO I 213 5.35 -19.97 -17.84
CA PRO I 213 5.56 -20.28 -16.42
C PRO I 213 4.70 -21.45 -15.94
N VAL I 214 4.99 -22.65 -16.42
CA VAL I 214 4.26 -23.83 -15.98
C VAL I 214 4.66 -24.13 -14.55
N LEU I 215 3.69 -24.17 -13.64
CA LEU I 215 3.94 -24.72 -12.31
C LEU I 215 3.93 -26.24 -12.42
N SER I 216 5.07 -26.85 -12.12
CA SER I 216 5.16 -28.29 -12.16
C SER I 216 6.34 -28.73 -11.32
N THR I 217 6.18 -29.90 -10.73
CA THR I 217 7.28 -30.70 -10.22
C THR I 217 7.34 -31.96 -11.06
N GLN I 218 8.48 -32.64 -10.98
CA GLN I 218 8.66 -34.05 -11.30
C GLN I 218 8.75 -34.31 -12.80
N LEU I 219 8.36 -33.33 -13.63
CA LEU I 219 8.24 -33.48 -15.07
C LEU I 219 8.12 -32.09 -15.68
N LEU I 220 8.98 -31.78 -16.63
CA LEU I 220 8.87 -30.53 -17.38
C LEU I 220 7.87 -30.74 -18.52
N LEU I 221 6.73 -30.04 -18.44
CA LEU I 221 5.64 -30.22 -19.39
C LEU I 221 5.23 -28.85 -19.93
N ASN I 222 4.65 -28.89 -21.14
CA ASN I 222 4.27 -27.66 -21.86
C ASN I 222 5.47 -26.73 -22.00
N GLY I 223 6.65 -27.31 -22.24
CA GLY I 223 7.88 -26.56 -22.35
C GLY I 223 8.50 -26.64 -23.73
N SER I 224 9.79 -26.32 -23.79
CA SER I 224 10.55 -26.38 -25.02
C SER I 224 11.20 -27.76 -25.18
N LEU I 225 11.92 -27.92 -26.30
CA LEU I 225 12.62 -29.15 -26.61
C LEU I 225 14.06 -28.84 -27.02
N ALA I 226 14.97 -29.73 -26.68
CA ALA I 226 16.34 -29.63 -27.17
C ALA I 226 16.37 -29.95 -28.66
N GLU I 227 17.08 -29.13 -29.42
CA GLU I 227 17.08 -29.24 -30.88
C GLU I 227 17.90 -30.42 -31.39
N GLY I 228 19.06 -30.69 -30.79
CA GLY I 228 19.88 -31.81 -31.20
C GLY I 228 19.49 -33.09 -30.48
N GLU I 229 20.48 -33.84 -30.01
CA GLU I 229 20.18 -34.93 -29.11
C GLU I 229 19.60 -34.39 -27.81
N ILE I 230 18.98 -35.30 -27.04
CA ILE I 230 18.48 -34.93 -25.74
C ILE I 230 19.68 -34.49 -24.91
N ILE I 231 19.48 -33.56 -23.98
CA ILE I 231 20.59 -32.96 -23.24
C ILE I 231 20.43 -33.26 -21.75
N ILE I 232 21.56 -33.54 -21.10
CA ILE I 232 21.62 -33.83 -19.66
C ILE I 232 22.56 -32.80 -19.04
N ARG I 233 22.06 -32.07 -18.05
CA ARG I 233 22.79 -30.95 -17.44
C ARG I 233 22.81 -31.10 -15.93
N SER I 234 23.93 -30.76 -15.31
CA SER I 234 24.10 -30.94 -13.87
C SER I 234 25.22 -30.04 -13.36
N GLU I 235 25.31 -29.93 -12.04
CA GLU I 235 26.41 -29.22 -11.42
C GLU I 235 27.74 -29.87 -11.81
N ASN I 236 28.76 -29.03 -11.99
CA ASN I 236 30.02 -29.43 -12.60
C ASN I 236 31.15 -29.64 -11.61
N ILE I 237 30.96 -29.35 -10.33
CA ILE I 237 32.08 -29.43 -9.39
C ILE I 237 32.47 -30.88 -9.13
N THR I 238 31.48 -31.73 -8.81
CA THR I 238 31.73 -33.07 -8.31
C THR I 238 30.81 -34.07 -8.99
N LYS I 239 31.15 -35.35 -8.83
CA LYS I 239 30.31 -36.42 -9.35
C LYS I 239 28.92 -36.37 -8.72
N ASN I 240 28.87 -36.33 -7.39
CA ASN I 240 27.60 -36.08 -6.72
C ASN I 240 27.20 -34.63 -6.95
N VAL I 241 25.93 -34.42 -7.32
CA VAL I 241 25.47 -33.14 -7.83
C VAL I 241 24.17 -32.76 -7.13
N LYS I 242 23.87 -31.46 -7.17
CA LYS I 242 22.68 -30.94 -6.49
C LYS I 242 21.42 -31.36 -7.23
N THR I 243 21.44 -31.29 -8.55
CA THR I 243 20.32 -31.69 -9.38
C THR I 243 20.83 -32.02 -10.77
N ILE I 244 20.05 -32.80 -11.51
CA ILE I 244 20.32 -33.10 -12.91
C ILE I 244 19.06 -32.80 -13.72
N ILE I 245 19.24 -32.10 -14.83
CA ILE I 245 18.15 -31.76 -15.75
C ILE I 245 18.34 -32.56 -17.03
N VAL I 246 17.31 -33.29 -17.43
CA VAL I 246 17.30 -34.00 -18.71
C VAL I 246 16.23 -33.34 -19.57
N HIS I 247 16.59 -33.02 -20.81
CA HIS I 247 15.73 -32.26 -21.72
C HIS I 247 15.51 -33.08 -22.98
N LEU I 248 14.26 -33.42 -23.26
CA LEU I 248 13.96 -34.26 -24.41
C LEU I 248 13.99 -33.47 -25.72
N ASN I 249 14.12 -34.22 -26.81
CA ASN I 249 14.11 -33.70 -28.17
C ASN I 249 12.87 -34.12 -28.95
N GLU I 250 12.16 -35.14 -28.46
CA GLU I 250 10.84 -35.51 -28.94
C GLU I 250 9.93 -35.56 -27.72
N SER I 251 8.82 -34.84 -27.79
CA SER I 251 7.94 -34.71 -26.65
C SER I 251 6.84 -35.76 -26.70
N VAL I 252 6.48 -36.29 -25.54
CA VAL I 252 5.53 -37.39 -25.42
C VAL I 252 4.22 -36.83 -24.86
N LYS I 253 3.11 -37.26 -25.45
CA LYS I 253 1.81 -36.73 -25.07
C LYS I 253 1.40 -37.24 -23.68
N ILE I 254 0.80 -36.35 -22.89
CA ILE I 254 0.11 -36.70 -21.65
C ILE I 254 -1.28 -36.10 -21.69
N GLU I 255 -2.27 -36.92 -21.37
CA GLU I 255 -3.65 -36.46 -21.17
C GLU I 255 -4.07 -36.82 -19.76
N CYS I 256 -4.99 -36.03 -19.20
CA CYS I 256 -5.53 -36.28 -17.87
C CYS I 256 -6.99 -35.86 -17.85
N THR I 257 -7.72 -36.34 -16.85
CA THR I 257 -9.12 -36.00 -16.72
C THR I 257 -9.55 -36.17 -15.26
N ARG I 258 -10.47 -35.30 -14.84
CA ARG I 258 -11.20 -35.46 -13.59
C ARG I 258 -12.65 -35.79 -13.97
N PRO I 259 -13.07 -37.07 -13.96
CA PRO I 259 -14.36 -37.40 -14.59
C PRO I 259 -15.59 -37.01 -13.80
N ASN I 260 -15.51 -36.89 -12.47
CA ASN I 260 -16.71 -36.59 -11.70
C ASN I 260 -17.23 -35.19 -12.01
N ASN I 261 -18.55 -35.05 -12.00
CA ASN I 261 -19.20 -33.78 -12.32
C ASN I 261 -19.37 -32.99 -11.02
N LYS I 262 -18.63 -31.89 -10.91
CA LYS I 262 -18.67 -31.07 -9.71
C LYS I 262 -19.71 -29.97 -9.84
N THR I 263 -20.29 -29.57 -8.71
CA THR I 263 -21.22 -28.45 -8.65
C THR I 263 -20.75 -27.49 -7.57
N ARG I 264 -20.98 -26.20 -7.78
CA ARG I 264 -20.46 -25.17 -6.90
C ARG I 264 -21.55 -24.73 -5.92
N THR I 265 -21.14 -24.48 -4.68
CA THR I 265 -22.03 -24.01 -3.63
C THR I 265 -21.43 -22.78 -2.97
N SER I 266 -22.22 -21.72 -2.84
CA SER I 266 -21.75 -20.43 -2.41
C SER I 266 -22.13 -20.16 -0.96
N ILE I 267 -21.17 -19.68 -0.18
CA ILE I 267 -21.37 -19.26 1.20
C ILE I 267 -20.85 -17.83 1.32
N ARG I 268 -21.68 -16.94 1.85
CA ARG I 268 -21.34 -15.53 2.02
C ARG I 268 -20.76 -15.32 3.41
N ILE I 269 -19.53 -14.84 3.46
CA ILE I 269 -18.86 -14.58 4.73
C ILE I 269 -19.45 -13.29 5.33
N GLY I 270 -18.76 -12.08 2.48
CA GLY I 270 -18.59 -10.79 3.13
C GLY I 270 -19.46 -9.71 2.52
N PRO I 271 -19.22 -8.44 2.91
CA PRO I 271 -20.00 -7.35 2.32
C PRO I 271 -19.68 -7.09 0.85
N GLY I 272 -20.02 -8.06 0.00
CA GLY I 272 -19.69 -8.01 -1.41
C GLY I 272 -18.90 -9.23 -1.85
N GLN I 273 -18.08 -9.76 -0.94
CA GLN I 273 -17.28 -10.93 -1.25
C GLN I 273 -18.11 -12.20 -1.09
N ALA I 274 -17.49 -13.34 -1.40
CA ALA I 274 -18.16 -14.63 -1.29
C ALA I 274 -17.13 -15.75 -1.33
N PHE I 275 -17.21 -16.65 -0.34
CA PHE I 275 -16.49 -17.91 -0.41
C PHE I 275 -17.28 -18.92 -1.21
N TYR I 276 -16.59 -19.62 -2.11
CA TYR I 276 -17.20 -20.64 -2.95
C TYR I 276 -16.78 -22.01 -2.43
N ALA I 277 -17.77 -22.85 -2.10
CA ALA I 277 -17.55 -24.13 -1.47
C ALA I 277 -17.89 -25.26 -2.42
N THR I 278 -17.30 -26.43 -2.16
CA THR I 278 -17.53 -27.62 -2.97
C THR I 278 -18.74 -28.36 -2.45
N GLY I 279 -19.71 -28.63 -3.33
CA GLY I 279 -21.00 -29.17 -2.95
C GLY I 279 -21.29 -30.58 -3.43
N GLN I 280 -22.52 -30.78 -3.90
CA GLN I 280 -23.00 -32.12 -4.23
C GLN I 280 -22.20 -32.73 -5.38
N VAL I 281 -21.82 -33.99 -5.20
CA VAL I 281 -21.10 -34.72 -6.25
C VAL I 281 -22.10 -35.33 -7.21
N ILE I 282 -21.74 -35.37 -8.49
CA ILE I 282 -22.60 -35.91 -9.55
C ILE I 282 -21.76 -36.78 -10.46
N GLY I 283 -22.37 -37.88 -10.91
CA GLY I 283 -21.74 -38.79 -11.86
C GLY I 283 -21.07 -39.97 -11.19
N ASP I 284 -20.79 -40.98 -12.00
CA ASP I 284 -20.10 -42.17 -11.52
C ASP I 284 -18.70 -41.78 -11.07
N ILE I 285 -18.37 -42.10 -9.81
CA ILE I 285 -17.17 -41.54 -9.21
C ILE I 285 -15.94 -42.34 -9.65
N ARG I 286 -14.89 -41.64 -10.03
CA ARG I 286 -13.58 -42.23 -10.26
C ARG I 286 -12.53 -41.23 -9.78
N GLU I 287 -11.35 -41.76 -9.47
CA GLU I 287 -10.22 -40.87 -9.24
C GLU I 287 -9.77 -40.29 -10.58
N ALA I 288 -9.06 -39.17 -10.50
CA ALA I 288 -8.43 -38.63 -11.70
C ALA I 288 -7.32 -39.57 -12.15
N TYR I 289 -7.04 -39.56 -13.44
CA TYR I 289 -5.98 -40.41 -13.97
C TYR I 289 -5.43 -39.81 -15.25
N CYS I 290 -4.19 -40.21 -15.56
CA CYS I 290 -3.49 -39.74 -16.75
C CYS I 290 -2.97 -40.93 -17.53
N ASN I 291 -2.77 -40.73 -18.82
CA ASN I 291 -2.44 -41.78 -19.76
C ASN I 291 -1.22 -41.40 -20.60
N ILE I 292 -0.30 -42.33 -20.76
CA ILE I 292 0.96 -42.12 -21.47
C ILE I 292 1.17 -43.27 -22.45
N ASN I 293 1.69 -42.95 -23.63
CA ASN I 293 2.05 -43.99 -24.59
C ASN I 293 3.15 -44.85 -24.00
N GLU I 294 2.97 -46.17 -24.08
CA GLU I 294 3.86 -47.09 -23.37
C GLU I 294 5.18 -47.28 -24.12
N SER I 295 5.09 -47.79 -25.36
CA SER I 295 6.30 -48.15 -26.09
C SER I 295 7.16 -46.93 -26.41
N LYS I 296 6.53 -45.80 -26.75
CA LYS I 296 7.30 -44.57 -26.89
C LYS I 296 8.02 -44.22 -25.60
N TRP I 297 7.40 -44.48 -24.45
CA TRP I 297 8.06 -44.20 -23.19
C TRP I 297 9.22 -45.16 -22.95
N ASN I 298 9.08 -46.42 -23.39
CA ASN I 298 10.17 -47.37 -23.28
C ASN I 298 11.40 -46.89 -24.06
N GLU I 299 11.18 -46.40 -25.27
CA GLU I 299 12.27 -45.84 -26.06
C GLU I 299 12.85 -44.61 -25.38
N THR I 300 11.99 -43.80 -24.77
CA THR I 300 12.46 -42.60 -24.09
C THR I 300 13.40 -42.95 -22.95
N LEU I 301 13.05 -43.97 -22.16
CA LEU I 301 13.92 -44.38 -21.06
C LEU I 301 15.20 -45.02 -21.57
N GLN I 302 15.13 -45.71 -22.71
CA GLN I 302 16.36 -46.25 -23.31
C GLN I 302 17.26 -45.12 -23.77
N ARG I 303 16.69 -44.05 -24.32
CA ARG I 303 17.49 -42.96 -24.85
C ARG I 303 18.18 -42.18 -23.73
N VAL I 304 17.43 -41.83 -22.68
CA VAL I 304 18.03 -41.09 -21.57
C VAL I 304 19.08 -41.94 -20.87
N SER I 305 18.81 -43.25 -20.76
CA SER I 305 19.77 -44.16 -20.13
C SER I 305 21.07 -44.24 -20.93
N LYS I 306 20.97 -44.18 -22.25
CA LYS I 306 22.11 -44.48 -23.10
C LYS I 306 23.27 -43.51 -22.91
N LYS I 307 23.03 -42.32 -22.36
CA LYS I 307 24.09 -41.32 -22.18
C LYS I 307 24.40 -41.09 -20.71
N LEU I 308 23.44 -41.37 -19.81
CA LEU I 308 23.79 -41.47 -18.40
C LEU I 308 24.88 -42.52 -18.19
N LYS I 309 24.95 -43.49 -19.10
CA LYS I 309 26.07 -44.43 -19.13
C LYS I 309 27.37 -43.77 -19.59
N GLU I 310 27.31 -42.81 -20.52
CA GLU I 310 28.54 -42.15 -20.96
C GLU I 310 29.24 -41.44 -19.81
N TYR I 311 28.48 -40.77 -18.95
CA TYR I 311 29.02 -40.23 -17.71
C TYR I 311 29.46 -41.33 -16.76
N PHE I 312 28.70 -42.43 -16.68
CA PHE I 312 28.79 -43.39 -15.58
C PHE I 312 28.88 -44.78 -16.20
N PRO I 313 30.06 -45.15 -16.72
CA PRO I 313 30.14 -46.27 -17.68
C PRO I 313 30.02 -47.67 -17.08
N HIS I 314 29.81 -47.84 -15.79
CA HIS I 314 29.72 -49.19 -15.24
C HIS I 314 28.33 -49.76 -15.50
N LYS I 315 28.06 -50.95 -14.98
CA LYS I 315 26.96 -51.79 -15.43
C LYS I 315 25.57 -51.24 -15.15
N ASN I 316 25.21 -51.04 -13.88
CA ASN I 316 23.82 -50.85 -13.49
C ASN I 316 23.46 -49.38 -13.38
N ILE I 317 22.18 -49.08 -13.67
CA ILE I 317 21.53 -47.84 -13.25
C ILE I 317 20.16 -48.23 -12.70
N THR I 318 19.90 -47.88 -11.44
CA THR I 318 18.65 -48.23 -10.76
C THR I 318 17.79 -46.99 -10.57
N PHE I 319 15.49 -46.86 -12.89
CA PHE I 319 15.03 -45.77 -12.05
C PHE I 319 14.12 -46.28 -10.94
N GLN I 320 13.82 -45.41 -9.97
CA GLN I 320 13.09 -45.78 -8.76
C GLN I 320 11.98 -44.77 -8.54
N PRO I 321 10.96 -45.11 -7.75
CA PRO I 321 9.92 -44.13 -7.42
C PRO I 321 10.44 -43.09 -6.44
N SER I 322 9.53 -42.25 -5.98
CA SER I 322 9.88 -41.20 -5.02
C SER I 322 10.46 -41.79 -3.74
N SER I 323 11.23 -40.97 -3.02
CA SER I 323 11.85 -41.43 -1.79
C SER I 323 10.84 -41.47 -0.65
N GLY I 324 10.28 -40.32 -0.31
CA GLY I 324 9.29 -40.26 0.76
C GLY I 324 9.24 -38.86 1.35
N GLY I 325 8.43 -38.72 2.40
CA GLY I 325 8.12 -37.42 2.97
C GLY I 325 6.75 -36.97 2.50
N ASP I 326 6.53 -35.66 2.59
CA ASP I 326 5.21 -35.11 2.29
C ASP I 326 4.96 -35.17 0.77
N LEU I 327 3.70 -34.92 0.40
CA LEU I 327 3.26 -35.19 -0.96
C LEU I 327 3.93 -34.28 -1.99
N GLU I 328 4.46 -33.14 -1.57
CA GLU I 328 4.87 -32.11 -2.52
C GLU I 328 5.98 -32.61 -3.44
N ILE I 329 6.71 -33.64 -3.03
CA ILE I 329 7.70 -34.26 -3.91
C ILE I 329 7.21 -35.62 -4.41
N THR I 330 6.52 -36.36 -3.55
CA THR I 330 6.35 -37.79 -3.80
C THR I 330 5.31 -38.09 -4.84
N THR I 331 4.67 -37.06 -5.42
CA THR I 331 3.72 -37.23 -6.49
C THR I 331 4.04 -36.19 -7.56
N HIS I 332 3.76 -36.54 -8.81
CA HIS I 332 3.95 -35.58 -9.89
C HIS I 332 2.85 -34.53 -9.85
N SER I 333 3.27 -33.26 -9.87
CA SER I 333 2.38 -32.14 -9.59
C SER I 333 2.26 -31.24 -10.82
N PHE I 334 1.04 -30.77 -11.06
CA PHE I 334 0.76 -29.81 -12.12
C PHE I 334 -0.67 -29.33 -11.92
N ASN I 335 -1.10 -28.41 -12.78
CA ASN I 335 -2.47 -27.93 -12.79
C ASN I 335 -2.93 -27.75 -14.23
N CYS I 336 -4.21 -28.00 -14.47
CA CYS I 336 -4.80 -27.72 -15.76
C CYS I 336 -6.31 -27.68 -15.62
N GLY I 337 -6.93 -26.81 -16.42
CA GLY I 337 -8.34 -26.52 -16.33
C GLY I 337 -8.61 -25.53 -15.21
N GLY I 338 -8.72 -26.01 -13.96
CA GLY I 338 -8.72 -25.10 -12.84
C GLY I 338 -8.24 -25.65 -11.51
N GLU I 339 -7.70 -26.88 -11.48
CA GLU I 339 -7.35 -27.53 -10.22
C GLU I 339 -5.99 -28.23 -10.36
N PHE I 340 -5.42 -28.56 -9.20
CA PHE I 340 -4.01 -28.89 -9.09
C PHE I 340 -3.80 -30.38 -8.84
N PHE I 341 -3.38 -31.08 -9.88
CA PHE I 341 -3.30 -32.53 -9.89
C PHE I 341 -2.01 -32.99 -9.23
N TYR I 342 -2.09 -34.11 -8.52
CA TYR I 342 -0.97 -34.73 -7.83
C TYR I 342 -1.01 -36.23 -8.06
N CYS I 343 0.00 -36.75 -8.76
CA CYS I 343 -0.05 -38.08 -9.35
C CYS I 343 1.01 -38.98 -8.75
N ASN I 344 0.61 -40.19 -8.33
CA ASN I 344 1.57 -41.20 -7.90
C ASN I 344 2.33 -41.73 -9.10
N THR I 345 3.54 -41.20 -9.31
CA THR I 345 4.31 -41.50 -10.50
C THR I 345 4.96 -42.88 -10.48
N SER I 346 4.88 -43.59 -9.34
CA SER I 346 5.73 -44.74 -9.07
C SER I 346 5.68 -45.83 -10.14
N SER I 347 4.48 -46.12 -10.66
CA SER I 347 4.34 -47.16 -11.68
C SER I 347 5.12 -46.83 -12.95
N LEU I 348 5.36 -45.56 -13.22
CA LEU I 348 5.95 -45.12 -14.47
C LEU I 348 7.49 -45.07 -14.44
N PHE I 349 8.10 -45.02 -13.24
CA PHE I 349 9.55 -45.10 -13.06
C PHE I 349 9.96 -46.35 -12.26
N ASN I 350 9.39 -47.51 -12.55
CA ASN I 350 9.84 -48.75 -11.91
C ASN I 350 10.95 -49.45 -12.70
N ARG I 351 11.37 -48.93 -13.84
CA ARG I 351 12.28 -49.66 -14.71
C ARG I 351 13.71 -49.63 -14.17
N THR I 352 14.48 -50.64 -14.57
CA THR I 352 15.90 -50.74 -14.25
C THR I 352 16.63 -51.39 -15.42
N TYR I 353 17.79 -50.83 -15.77
CA TYR I 353 18.54 -51.21 -16.96
C TYR I 353 19.92 -51.71 -16.57
N MET I 354 20.56 -52.44 -17.50
CA MET I 354 21.83 -53.11 -17.29
C MET I 354 22.69 -52.91 -18.53
N ALA I 355 23.99 -52.68 -18.33
CA ALA I 355 24.86 -52.38 -19.46
C ALA I 355 25.32 -53.65 -20.16
N ASN I 356 25.77 -53.46 -21.40
CA ASN I 356 26.48 -54.49 -22.17
C ASN I 356 25.67 -55.78 -22.31
N ASN I 361 2.35 -48.42 -31.79
CA ASN I 361 2.94 -47.42 -30.91
C ASN I 361 1.89 -46.42 -30.39
N SER I 362 0.62 -46.81 -30.41
CA SER I 362 -0.46 -46.01 -29.83
C SER I 362 -1.44 -46.94 -29.10
N THR I 363 -0.88 -47.88 -28.34
CA THR I 363 -1.69 -48.90 -27.67
C THR I 363 -0.94 -49.38 -26.43
N ARG I 364 -1.57 -50.30 -25.71
CA ARG I 364 -1.05 -50.81 -24.44
C ARG I 364 -0.77 -49.66 -23.48
N THR I 365 -1.69 -48.71 -23.43
CA THR I 365 -1.46 -47.45 -22.75
C THR I 365 -1.33 -47.65 -21.25
N ILE I 366 -0.25 -47.10 -20.67
CA ILE I 366 -0.10 -47.09 -19.22
C ILE I 366 -0.99 -46.02 -18.63
N THR I 367 -1.52 -46.27 -17.44
CA THR I 367 -2.32 -45.31 -16.71
C THR I 367 -1.79 -45.20 -15.29
N ILE I 368 -1.87 -43.99 -14.74
CA ILE I 368 -1.38 -43.67 -13.41
C ILE I 368 -2.54 -43.13 -12.60
N HIS I 369 -2.77 -43.70 -11.42
CA HIS I 369 -3.69 -43.08 -10.48
C HIS I 369 -3.19 -41.69 -10.13
N CYS I 370 -4.09 -40.74 -10.12
CA CYS I 370 -3.75 -39.35 -9.82
C CYS I 370 -4.85 -38.72 -9.01
N ARG I 371 -4.45 -37.96 -8.02
CA ARG I 371 -5.35 -37.36 -7.05
C ARG I 371 -4.97 -35.91 -6.85
N ILE I 372 -5.66 -35.23 -5.95
CA ILE I 372 -6.08 -33.85 -6.17
C ILE I 372 -6.48 -33.23 -4.84
N LYS I 373 -6.20 -31.92 -4.70
CA LYS I 373 -6.54 -31.19 -3.48
C LYS I 373 -6.78 -29.73 -3.84
N GLN I 374 -7.33 -28.97 -2.88
CA GLN I 374 -7.70 -27.57 -3.13
C GLN I 374 -6.80 -26.57 -2.41
N ILE I 375 -6.21 -26.93 -1.28
CA ILE I 375 -5.31 -26.05 -0.53
C ILE I 375 -3.89 -26.50 -0.79
N ILE I 376 -2.98 -25.55 -0.96
CA ILE I 376 -1.66 -25.81 -1.52
C ILE I 376 -0.63 -25.09 -0.64
N ASN I 377 0.58 -25.66 -0.55
CA ASN I 377 1.75 -24.97 0.00
C ASN I 377 2.61 -24.47 -1.16
N MET I 378 2.18 -23.37 -1.77
CA MET I 378 2.83 -22.90 -2.98
C MET I 378 4.20 -22.31 -2.70
N TRP I 379 5.11 -22.51 -3.64
CA TRP I 379 6.46 -21.95 -3.68
C TRP I 379 7.30 -22.30 -2.46
N GLN I 380 6.93 -23.35 -1.72
CA GLN I 380 7.68 -23.79 -0.55
C GLN I 380 7.76 -22.68 0.48
N GLU I 381 6.69 -21.89 0.59
CA GLU I 381 6.73 -20.67 1.38
C GLU I 381 6.86 -21.00 2.87
N VAL I 382 6.95 -19.94 3.68
CA VAL I 382 7.28 -20.04 5.09
C VAL I 382 6.00 -19.84 5.90
N GLY I 383 4.89 -20.32 5.37
CA GLY I 383 3.57 -20.09 5.95
C GLY I 383 2.69 -19.12 5.19
N ARG I 384 2.52 -19.34 3.89
CA ARG I 384 1.41 -18.76 3.16
C ARG I 384 0.77 -19.86 2.31
N ALA I 385 -0.54 -19.74 2.10
CA ALA I 385 -1.32 -20.79 1.45
C ALA I 385 -2.32 -20.17 0.49
N MET I 386 -2.83 -20.98 -0.43
CA MET I 386 -3.85 -20.58 -1.39
C MET I 386 -4.93 -21.65 -1.46
N TYR I 387 -6.16 -21.22 -1.72
CA TYR I 387 -7.30 -22.12 -1.89
C TYR I 387 -7.79 -22.01 -3.33
N ALA I 388 -8.23 -23.13 -3.91
CA ALA I 388 -8.69 -23.19 -5.30
C ALA I 388 -10.17 -23.52 -5.34
N PRO I 389 -11.04 -22.72 -5.97
CA PRO I 389 -12.45 -23.09 -5.99
C PRO I 389 -12.70 -24.21 -6.95
N PRO I 390 -13.76 -25.01 -6.76
CA PRO I 390 -14.05 -26.09 -7.70
C PRO I 390 -14.61 -25.55 -9.01
N ILE I 391 -14.49 -26.36 -10.06
CA ILE I 391 -14.97 -26.00 -11.38
C ILE I 391 -16.10 -26.94 -11.76
N ALA I 392 -17.16 -26.39 -12.34
CA ALA I 392 -18.37 -27.16 -12.61
C ALA I 392 -18.09 -28.26 -13.63
N GLY I 393 -18.64 -29.44 -13.39
CA GLY I 393 -18.54 -30.53 -14.32
C GLY I 393 -17.15 -31.16 -14.35
N ASN I 394 -16.98 -32.06 -15.31
CA ASN I 394 -15.71 -32.74 -15.48
C ASN I 394 -14.70 -31.83 -16.15
N ILE I 395 -13.43 -32.26 -16.11
CA ILE I 395 -12.33 -31.56 -16.76
C ILE I 395 -11.56 -32.57 -17.59
N THR I 396 -11.19 -32.17 -18.81
CA THR I 396 -10.28 -32.92 -19.65
C THR I 396 -9.02 -32.10 -19.85
N CYS I 397 -7.91 -32.80 -20.12
CA CYS I 397 -6.60 -32.19 -20.05
C CYS I 397 -5.67 -32.84 -21.06
N ILE I 398 -4.86 -32.02 -21.72
CA ILE I 398 -3.79 -32.48 -22.60
C ILE I 398 -2.59 -31.58 -22.37
N SER I 399 -1.40 -32.19 -22.38
CA SER I 399 -0.15 -31.45 -22.26
C SER I 399 0.95 -32.29 -22.87
N ASN I 400 2.11 -31.67 -23.06
CA ASN I 400 3.25 -32.30 -23.72
C ASN I 400 4.42 -32.37 -22.73
N ILE I 401 4.80 -33.58 -22.33
CA ILE I 401 5.95 -33.76 -21.46
C ILE I 401 7.23 -33.49 -22.25
N THR I 402 8.19 -32.85 -21.60
CA THR I 402 9.42 -32.40 -22.25
C THR I 402 10.70 -32.83 -21.54
N GLY I 403 10.66 -33.23 -20.28
CA GLY I 403 11.87 -33.61 -19.58
C GLY I 403 11.56 -34.04 -18.17
N LEU I 404 12.63 -34.36 -17.44
CA LEU I 404 12.56 -34.83 -16.07
C LEU I 404 13.48 -33.99 -15.21
N LEU I 405 13.13 -33.85 -13.93
CA LEU I 405 14.03 -33.32 -12.91
C LEU I 405 14.37 -34.46 -11.95
N LEU I 406 15.60 -34.93 -12.02
CA LEU I 406 16.03 -36.13 -11.32
C LEU I 406 17.13 -35.82 -10.32
N THR I 407 17.33 -36.76 -9.40
CA THR I 407 18.35 -36.67 -8.35
C THR I 407 18.94 -38.05 -8.13
N ARG I 408 20.23 -38.10 -7.82
CA ARG I 408 20.93 -39.36 -7.60
C ARG I 408 21.24 -39.53 -6.13
N ASP I 409 21.21 -40.77 -5.66
CA ASP I 409 21.51 -41.09 -4.28
C ASP I 409 23.02 -41.25 -4.09
N TYR I 410 23.43 -41.41 -2.83
CA TYR I 410 24.80 -41.76 -2.53
C TYR I 410 25.13 -43.12 -3.15
N GLY I 411 26.30 -43.21 -3.78
CA GLY I 411 26.60 -44.37 -4.59
C GLY I 411 26.79 -45.63 -3.77
N LYS I 412 26.68 -46.77 -4.45
CA LYS I 412 26.88 -48.08 -3.84
C LYS I 412 27.54 -48.99 -4.87
N ASN I 413 27.83 -50.22 -4.45
CA ASN I 413 28.66 -51.14 -5.23
C ASN I 413 28.05 -51.43 -6.60
N ASN I 414 28.80 -51.06 -7.65
CA ASN I 414 28.47 -51.29 -9.07
C ASN I 414 27.00 -51.06 -9.40
N THR I 415 26.37 -50.07 -8.78
CA THR I 415 24.95 -49.83 -8.96
C THR I 415 24.67 -48.36 -8.62
N GLU I 416 24.19 -47.61 -9.61
CA GLU I 416 23.68 -46.27 -9.34
C GLU I 416 22.20 -46.37 -9.01
N THR I 417 21.70 -45.42 -8.23
CA THR I 417 20.29 -45.31 -7.94
C THR I 417 19.83 -43.92 -8.35
N PHE I 418 19.14 -43.84 -9.49
CA PHE I 418 18.54 -42.60 -9.97
C PHE I 418 17.06 -42.65 -9.64
N ARG I 419 16.57 -41.62 -8.96
CA ARG I 419 15.15 -41.44 -8.75
C ARG I 419 14.82 -39.98 -8.98
N PRO I 420 13.54 -39.65 -9.21
CA PRO I 420 13.18 -38.24 -9.39
C PRO I 420 13.45 -37.43 -8.13
N GLY I 421 13.54 -36.11 -8.33
CA GLY I 421 13.70 -35.18 -7.22
C GLY I 421 14.01 -33.76 -7.66
N GLY I 422 15.07 -33.18 -7.09
CA GLY I 422 15.36 -31.78 -7.29
C GLY I 422 14.53 -30.92 -6.37
N GLY I 423 13.25 -30.77 -6.70
CA GLY I 423 12.30 -30.16 -5.79
C GLY I 423 12.28 -28.64 -5.80
N ASN I 424 13.46 -28.01 -5.83
CA ASN I 424 13.55 -26.56 -5.79
C ASN I 424 12.87 -25.99 -7.03
N MET I 425 11.94 -25.04 -6.83
CA MET I 425 11.16 -24.51 -7.93
C MET I 425 12.03 -23.78 -8.94
N LYS I 426 13.16 -23.22 -8.50
CA LYS I 426 14.02 -22.48 -9.42
C LYS I 426 14.62 -23.37 -10.49
N ASP I 427 14.76 -24.67 -10.21
CA ASP I 427 15.25 -25.60 -11.21
C ASP I 427 14.27 -25.76 -12.38
N ASN I 428 12.99 -25.46 -12.16
CA ASN I 428 12.02 -25.51 -13.25
C ASN I 428 12.40 -24.52 -14.35
N TRP I 429 12.62 -23.26 -13.99
CA TRP I 429 12.97 -22.26 -14.98
C TRP I 429 14.43 -22.38 -15.40
N ARG I 430 15.30 -22.85 -14.51
CA ARG I 430 16.69 -23.06 -14.88
C ARG I 430 16.85 -24.11 -15.96
N SER I 431 15.86 -24.99 -16.14
CA SER I 431 15.87 -25.97 -17.22
C SER I 431 15.53 -25.35 -18.57
N GLU I 432 15.05 -24.10 -18.61
CA GLU I 432 14.61 -23.45 -19.83
C GLU I 432 15.35 -22.15 -20.10
N LEU I 433 15.90 -21.50 -19.07
CA LEU I 433 16.67 -20.28 -19.22
C LEU I 433 18.17 -20.54 -19.40
N TYR I 434 18.58 -21.80 -19.59
CA TYR I 434 19.99 -22.12 -19.72
C TYR I 434 20.65 -21.39 -20.88
N LYS I 435 19.87 -21.10 -21.93
CA LYS I 435 20.43 -20.44 -23.10
C LYS I 435 20.89 -19.02 -22.79
N TYR I 436 20.14 -18.30 -21.95
CA TYR I 436 20.20 -16.84 -21.95
C TYR I 436 21.14 -16.27 -20.89
N LYS I 437 21.34 -14.96 -21.00
CA LYS I 437 22.26 -14.18 -20.19
C LYS I 437 22.05 -12.72 -20.56
N VAL I 438 22.34 -11.81 -19.62
CA VAL I 438 22.11 -10.39 -19.80
C VAL I 438 23.41 -9.65 -19.53
N VAL I 439 23.56 -8.46 -20.12
CA VAL I 439 24.88 -7.88 -20.33
C VAL I 439 24.75 -6.38 -20.60
N LYS I 440 25.77 -5.61 -20.15
CA LYS I 440 25.82 -4.17 -20.34
C LYS I 440 26.77 -3.75 -21.44
N ILE I 441 26.42 -2.66 -22.13
CA ILE I 441 27.27 -2.04 -23.13
C ILE I 441 28.07 -0.92 -22.48
N GLU I 442 29.37 -0.83 -22.81
CA GLU I 442 30.15 0.39 -22.60
C GLU I 442 30.42 1.00 -23.98
N PRO I 443 29.69 2.05 -24.37
CA PRO I 443 29.81 2.52 -25.76
C PRO I 443 31.01 3.40 -26.03
N LEU I 444 31.98 3.49 -25.11
CA LEU I 444 33.10 4.42 -25.24
C LEU I 444 34.42 3.64 -25.36
N GLY I 445 35.30 4.12 -26.22
CA GLY I 445 36.59 3.50 -26.45
C GLY I 445 37.55 4.50 -27.03
N VAL I 446 38.85 4.22 -26.88
CA VAL I 446 39.91 5.17 -27.20
C VAL I 446 41.08 4.41 -27.84
N ALA I 447 41.64 4.99 -28.90
CA ALA I 447 42.57 4.28 -29.77
C ALA I 447 43.67 5.23 -30.21
N PRO I 448 44.87 4.71 -30.55
CA PRO I 448 45.87 5.56 -31.22
C PRO I 448 45.52 5.74 -32.69
N THR I 449 46.12 6.74 -33.33
CA THR I 449 45.90 6.91 -34.75
C THR I 449 46.90 7.88 -35.35
N ARG I 450 46.97 7.85 -36.68
CA ARG I 450 47.77 8.77 -37.49
C ARG I 450 46.98 10.02 -37.85
N CYS I 451 46.36 10.67 -36.88
CA CYS I 451 45.40 11.74 -37.14
C CYS I 451 45.40 12.76 -36.00
N LYS I 452 45.02 13.99 -36.35
CA LYS I 452 45.05 15.17 -35.49
C LYS I 452 43.94 16.10 -35.92
N ARG I 453 43.38 16.84 -34.96
CA ARG I 453 42.49 17.95 -35.30
C ARG I 453 43.31 19.19 -35.58
N ARG I 454 42.68 20.18 -36.19
CA ARG I 454 43.30 21.49 -36.36
C ARG I 454 43.24 22.27 -35.05
N VAL I 455 44.36 22.91 -34.68
CA VAL I 455 44.45 23.55 -33.38
C VAL I 455 43.50 24.75 -33.30
N VAL I 456 43.50 25.60 -34.32
CA VAL I 456 42.60 26.74 -34.39
C VAL I 456 42.11 26.95 -35.82
N VAL J 1 15.43 -0.43 -41.98
CA VAL J 1 16.72 -1.12 -41.68
C VAL J 1 16.99 -1.02 -40.18
N PHE J 2 17.46 -2.13 -39.60
CA PHE J 2 17.68 -2.22 -38.16
C PHE J 2 18.63 -3.38 -37.90
N LEU J 3 19.60 -3.14 -37.00
CA LEU J 3 20.67 -4.11 -36.76
C LEU J 3 20.92 -4.32 -35.26
N GLY J 4 19.95 -3.99 -34.40
CA GLY J 4 20.02 -4.30 -32.99
C GLY J 4 21.23 -3.73 -32.29
N PHE J 5 22.01 -4.61 -31.65
CA PHE J 5 23.27 -4.25 -31.01
C PHE J 5 24.36 -5.16 -31.52
N LEU J 6 25.60 -4.68 -31.46
CA LEU J 6 26.78 -5.52 -31.65
C LEU J 6 26.82 -6.19 -33.01
N GLY J 7 26.54 -5.45 -34.09
CA GLY J 7 26.60 -6.03 -35.41
C GLY J 7 27.96 -6.62 -35.75
N ALA J 8 29.02 -6.06 -35.18
CA ALA J 8 30.36 -6.63 -35.27
C ALA J 8 31.28 -5.91 -34.30
N ALA J 9 31.99 -6.64 -33.43
CA ALA J 9 32.10 -8.08 -33.10
C ALA J 9 32.68 -8.94 -34.23
N GLY J 10 33.73 -9.68 -33.91
CA GLY J 10 34.31 -10.61 -34.85
C GLY J 10 35.10 -9.93 -35.96
N SER J 11 34.40 -9.19 -36.82
CA SER J 11 35.07 -8.47 -37.89
C SER J 11 35.99 -7.39 -37.32
N THR J 12 36.89 -6.91 -38.16
CA THR J 12 37.96 -6.03 -37.74
C THR J 12 37.38 -4.63 -37.47
N MET J 13 38.26 -3.64 -37.32
CA MET J 13 37.81 -2.32 -36.92
C MET J 13 37.06 -1.58 -38.02
N GLY J 14 37.50 -1.66 -39.28
CA GLY J 14 37.07 -0.73 -40.30
C GLY J 14 36.56 -1.23 -41.65
N ALA J 15 35.70 -2.25 -41.75
CA ALA J 15 34.88 -3.03 -40.83
C ALA J 15 34.23 -2.19 -39.70
N ALA J 16 34.21 -2.69 -38.46
CA ALA J 16 33.09 -2.43 -37.55
C ALA J 16 32.82 -0.94 -37.29
N SER J 17 33.82 -0.08 -37.50
CA SER J 17 33.67 1.32 -37.13
C SER J 17 32.66 2.06 -38.00
N MET J 18 32.36 1.55 -39.20
CA MET J 18 31.36 2.18 -40.06
C MET J 18 29.93 1.76 -39.72
N THR J 19 29.74 0.87 -38.73
CA THR J 19 28.43 0.39 -38.32
C THR J 19 27.95 1.03 -37.02
N LEU J 20 28.69 2.01 -36.49
CA LEU J 20 28.54 2.47 -35.12
C LEU J 20 27.23 3.24 -34.88
N THR J 21 26.56 3.68 -35.96
CA THR J 21 25.36 4.50 -35.83
C THR J 21 24.23 3.73 -35.16
N VAL J 22 24.02 2.47 -35.53
CA VAL J 22 22.91 1.71 -34.99
C VAL J 22 23.07 1.50 -33.49
N GLN J 23 24.30 1.22 -33.05
CA GLN J 23 24.54 1.04 -31.62
C GLN J 23 24.36 2.36 -30.89
N ALA J 24 24.76 3.47 -31.51
CA ALA J 24 24.52 4.77 -30.87
C ALA J 24 23.03 5.03 -30.72
N ARG J 25 22.25 4.79 -31.78
CA ARG J 25 20.83 5.11 -31.76
C ARG J 25 20.04 4.22 -30.81
N ASN J 26 20.35 2.92 -30.80
CA ASN J 26 19.54 1.94 -30.09
C ASN J 26 19.79 1.99 -28.58
N LEU J 27 20.74 2.80 -28.11
CA LEU J 27 21.07 2.82 -26.69
C LEU J 27 19.97 3.40 -25.82
N LEU J 28 18.93 4.01 -26.41
CA LEU J 28 17.75 4.47 -25.69
C LEU J 28 16.50 3.79 -26.25
N SER J 29 15.63 3.36 -25.35
CA SER J 29 14.35 2.75 -25.72
C SER J 29 13.46 2.75 -24.49
N GLY J 30 12.16 2.57 -24.72
CA GLY J 30 11.17 2.56 -23.66
C GLY J 30 10.08 1.52 -23.85
N THR J 31 10.38 0.45 -24.57
CA THR J 31 9.41 -0.61 -24.80
C THR J 31 10.12 -1.89 -25.21
N VAL J 32 3.63 -2.21 -6.04
CA VAL J 32 4.64 -1.21 -6.38
C VAL J 32 5.68 -1.79 -7.33
N TRP J 33 5.34 -2.87 -8.04
CA TRP J 33 6.30 -3.49 -8.93
C TRP J 33 6.52 -2.69 -10.21
N GLY J 34 5.72 -1.66 -10.46
CA GLY J 34 5.98 -0.76 -11.57
C GLY J 34 7.21 0.10 -11.38
N ILE J 35 7.71 0.19 -10.15
CA ILE J 35 8.92 0.99 -9.88
C ILE J 35 10.14 0.39 -10.58
N LYS J 36 10.08 -0.89 -10.95
CA LYS J 36 11.20 -1.53 -11.64
C LYS J 36 11.52 -0.82 -12.95
N GLN J 37 10.48 -0.54 -13.75
CA GLN J 37 10.71 0.06 -15.06
C GLN J 37 11.26 1.47 -14.93
N LEU J 38 10.70 2.27 -14.04
CA LEU J 38 11.18 3.64 -13.86
C LEU J 38 12.61 3.66 -13.35
N GLN J 39 12.95 2.73 -12.45
CA GLN J 39 14.32 2.62 -11.97
C GLN J 39 15.27 2.31 -13.12
N ALA J 40 14.89 1.34 -13.97
CA ALA J 40 15.78 0.91 -15.04
C ALA J 40 15.96 2.00 -16.08
N ARG J 41 14.87 2.61 -16.53
CA ARG J 41 14.94 3.58 -17.62
C ARG J 41 15.72 4.82 -17.21
N VAL J 42 15.55 5.28 -15.97
CA VAL J 42 16.27 6.46 -15.52
C VAL J 42 17.77 6.19 -15.46
N LEU J 43 18.17 4.99 -15.01
CA LEU J 43 19.58 4.62 -15.02
C LEU J 43 20.13 4.59 -16.43
N ALA J 44 19.34 4.11 -17.40
CA ALA J 44 19.77 4.15 -18.79
C ALA J 44 19.99 5.59 -19.25
N VAL J 45 19.09 6.49 -18.85
CA VAL J 45 19.27 7.91 -19.16
C VAL J 45 20.53 8.43 -18.48
N GLU J 46 20.75 8.03 -17.23
CA GLU J 46 21.93 8.50 -16.50
C GLU J 46 23.21 8.00 -17.17
N ARG J 47 23.21 6.75 -17.65
CA ARG J 47 24.37 6.22 -18.34
C ARG J 47 24.67 7.01 -19.61
N TYR J 48 23.63 7.34 -20.37
CA TYR J 48 23.84 8.06 -21.64
C TYR J 48 24.36 9.46 -21.38
N LEU J 49 23.76 10.17 -20.43
CA LEU J 49 24.13 11.57 -20.19
C LEU J 49 25.56 11.68 -19.70
N ARG J 50 26.00 10.75 -18.84
CA ARG J 50 27.40 10.77 -18.40
C ARG J 50 28.33 10.58 -19.58
N ASP J 51 28.02 9.63 -20.47
CA ASP J 51 28.84 9.43 -21.65
C ASP J 51 28.74 10.62 -22.59
N GLN J 52 27.53 11.18 -22.77
CA GLN J 52 27.36 12.31 -23.67
C GLN J 52 28.14 13.53 -23.18
N GLN J 53 28.11 13.78 -21.87
CA GLN J 53 28.87 14.90 -21.32
C GLN J 53 30.37 14.68 -21.48
N LEU J 54 30.81 13.44 -21.29
CA LEU J 54 32.26 13.17 -21.25
C LEU J 54 32.92 13.50 -22.58
N LEU J 55 32.25 13.18 -23.69
CA LEU J 55 32.76 13.58 -25.00
C LEU J 55 32.79 15.09 -25.13
N GLY J 56 31.79 15.78 -24.57
CA GLY J 56 31.80 17.23 -24.58
C GLY J 56 32.99 17.80 -23.85
N ILE J 57 33.42 17.14 -22.78
CA ILE J 57 34.60 17.57 -22.05
C ILE J 57 35.84 17.48 -22.91
N TRP J 58 35.95 16.46 -23.77
CA TRP J 58 37.09 16.28 -24.64
C TRP J 58 36.95 17.00 -25.97
N GLY J 59 36.00 17.91 -26.09
CA GLY J 59 35.86 18.72 -27.29
C GLY J 59 35.05 18.10 -28.40
N CYS J 60 34.81 16.79 -28.36
CA CYS J 60 33.94 16.14 -29.33
C CYS J 60 32.50 16.43 -28.91
N SER J 61 31.95 17.52 -29.46
CA SER J 61 30.63 17.99 -29.07
C SER J 61 29.57 16.91 -29.27
N GLY J 62 29.51 16.34 -30.47
CA GLY J 62 28.88 15.05 -30.67
C GLY J 62 29.29 14.48 -32.01
N LYS J 63 29.86 13.29 -31.99
CA LYS J 63 30.34 12.61 -33.19
C LYS J 63 30.43 11.13 -32.88
N LEU J 64 30.64 10.34 -33.95
CA LEU J 64 30.91 8.92 -33.81
C LEU J 64 32.36 8.59 -34.15
N ILE J 65 33.08 9.53 -34.77
CA ILE J 65 34.53 9.47 -34.94
C ILE J 65 35.08 10.80 -34.44
N CYS J 66 36.23 10.75 -33.75
CA CYS J 66 36.83 11.96 -33.23
C CYS J 66 38.30 11.72 -32.92
N CYS J 67 39.17 12.46 -33.61
CA CYS J 67 40.60 12.50 -33.30
C CYS J 67 40.79 13.54 -32.21
N THR J 68 41.92 13.48 -31.51
CA THR J 68 42.13 14.39 -30.41
C THR J 68 43.62 14.57 -30.14
N ASN J 69 43.92 15.44 -29.17
CA ASN J 69 45.28 15.95 -28.95
C ASN J 69 45.85 15.41 -27.64
N VAL J 70 46.51 14.26 -27.76
CA VAL J 70 47.36 13.71 -26.72
C VAL J 70 48.20 12.61 -27.36
N PRO J 71 49.50 12.48 -27.05
CA PRO J 71 50.28 11.40 -27.66
C PRO J 71 49.90 10.03 -27.11
N TRP J 72 49.92 9.03 -27.99
CA TRP J 72 50.11 7.67 -27.52
C TRP J 72 51.59 7.45 -27.19
N ASN J 73 51.82 6.62 -26.17
CA ASN J 73 53.11 6.58 -25.51
C ASN J 73 53.33 5.19 -24.93
N SER J 74 54.60 4.86 -24.72
CA SER J 74 54.97 3.55 -24.19
C SER J 74 54.63 3.40 -22.72
N SER J 75 54.23 4.48 -22.04
CA SER J 75 53.70 4.35 -20.70
C SER J 75 52.44 3.49 -20.69
N TRP J 76 51.59 3.67 -21.69
CA TRP J 76 50.46 2.78 -21.91
C TRP J 76 50.93 1.55 -22.68
N SER J 77 50.01 0.63 -22.94
CA SER J 77 50.31 -0.51 -23.80
C SER J 77 50.46 -0.05 -25.24
N ASN J 78 51.45 -0.60 -25.93
CA ASN J 78 51.75 -0.24 -27.32
C ASN J 78 51.85 -1.50 -28.16
N ARG J 79 51.87 -1.31 -29.47
CA ARG J 79 51.99 -2.42 -30.40
C ARG J 79 52.49 -1.89 -31.74
N ASN J 80 52.89 -2.81 -32.61
CA ASN J 80 53.48 -2.43 -33.90
C ASN J 80 52.49 -1.70 -34.81
N LEU J 81 51.18 -1.90 -34.61
CA LEU J 81 50.11 -1.20 -35.31
C LEU J 81 49.93 -1.66 -36.76
N SER J 82 50.83 -2.51 -37.27
CA SER J 82 50.85 -2.85 -38.70
C SER J 82 49.56 -3.54 -39.13
N GLU J 83 49.31 -4.72 -38.58
CA GLU J 83 47.98 -5.35 -38.66
C GLU J 83 47.19 -5.18 -37.37
N ILE J 84 47.87 -4.95 -36.26
CA ILE J 84 47.20 -5.03 -34.96
C ILE J 84 46.17 -3.91 -34.82
N TRP J 85 46.34 -2.84 -35.58
CA TRP J 85 45.28 -1.85 -35.68
C TRP J 85 44.01 -2.47 -36.26
N ASP J 86 44.10 -3.17 -37.39
CA ASP J 86 42.92 -3.79 -37.99
C ASP J 86 42.87 -5.30 -37.78
N ASN J 87 43.52 -5.83 -36.73
CA ASN J 87 43.13 -7.14 -36.18
C ASN J 87 43.63 -7.30 -34.73
N MET J 88 42.70 -7.17 -33.76
CA MET J 88 43.04 -7.59 -32.40
C MET J 88 42.12 -8.66 -31.82
N THR J 89 40.79 -8.46 -31.75
CA THR J 89 39.87 -7.42 -32.18
C THR J 89 39.28 -6.83 -30.87
N TRP J 90 38.22 -6.03 -30.93
CA TRP J 90 37.92 -5.03 -29.90
C TRP J 90 37.72 -5.65 -28.51
N LEU J 91 37.08 -6.81 -28.40
CA LEU J 91 36.87 -7.39 -27.09
C LEU J 91 38.21 -7.70 -26.41
N GLN J 92 39.14 -8.30 -27.15
CA GLN J 92 40.49 -8.51 -26.63
C GLN J 92 41.16 -7.17 -26.37
N TRP J 93 40.99 -6.22 -27.29
CA TRP J 93 41.66 -4.93 -27.18
C TRP J 93 41.19 -4.15 -25.96
N ASP J 94 39.89 -4.15 -25.69
CA ASP J 94 39.35 -3.35 -24.60
C ASP J 94 39.92 -3.80 -23.26
N LYS J 95 40.09 -5.12 -23.09
CA LYS J 95 40.68 -5.63 -21.87
C LYS J 95 42.15 -5.21 -21.74
N GLU J 96 42.82 -5.01 -22.87
CA GLU J 96 44.22 -4.59 -22.84
C GLU J 96 44.35 -3.16 -22.31
N ILE J 97 43.48 -2.26 -22.79
CA ILE J 97 43.56 -0.85 -22.41
C ILE J 97 42.92 -0.58 -21.05
N SER J 98 42.26 -1.58 -20.46
CA SER J 98 41.37 -1.35 -19.32
C SER J 98 42.10 -0.74 -18.12
N ASN J 99 43.40 -0.96 -17.99
CA ASN J 99 44.13 -0.39 -16.87
C ASN J 99 44.37 1.10 -17.02
N TYR J 100 44.50 1.59 -18.25
CA TYR J 100 44.95 2.96 -18.51
C TYR J 100 43.82 3.93 -18.81
N THR J 101 42.57 3.55 -18.58
CA THR J 101 41.45 4.40 -18.98
C THR J 101 41.47 5.73 -18.26
N GLN J 102 41.79 5.73 -16.96
CA GLN J 102 41.69 6.97 -16.19
C GLN J 102 42.81 7.94 -16.54
N ILE J 103 44.00 7.43 -16.84
CA ILE J 103 45.09 8.30 -17.27
C ILE J 103 44.73 8.97 -18.60
N ILE J 104 44.16 8.20 -19.53
CA ILE J 104 43.79 8.74 -20.83
C ILE J 104 42.76 9.83 -20.69
N TYR J 105 41.71 9.58 -19.90
CA TYR J 105 40.63 10.55 -19.77
C TYR J 105 41.14 11.86 -19.17
N GLY J 106 42.06 11.78 -18.21
CA GLY J 106 42.59 12.99 -17.61
C GLY J 106 43.40 13.83 -18.59
N LEU J 107 44.23 13.17 -19.40
CA LEU J 107 45.04 13.92 -20.36
C LEU J 107 44.16 14.53 -21.45
N LEU J 108 43.13 13.79 -21.89
CA LEU J 108 42.17 14.35 -22.84
C LEU J 108 41.48 15.58 -22.24
N GLU J 109 41.09 15.46 -20.96
CA GLU J 109 40.59 16.62 -20.22
C GLU J 109 41.60 17.76 -20.21
N GLU J 110 42.84 17.49 -19.82
CA GLU J 110 43.80 18.57 -19.62
C GLU J 110 44.15 19.24 -20.95
N SER J 111 44.35 18.46 -22.00
CA SER J 111 44.75 19.02 -23.28
C SER J 111 43.64 19.89 -23.86
N GLN J 112 42.38 19.50 -23.68
CA GLN J 112 41.28 20.29 -24.21
C GLN J 112 41.20 21.65 -23.53
N ASN J 113 41.50 21.71 -22.24
CA ASN J 113 41.48 22.99 -21.54
C ASN J 113 42.52 23.96 -22.11
N GLN J 114 43.72 23.47 -22.39
CA GLN J 114 44.75 24.34 -22.96
C GLN J 114 44.36 24.82 -24.35
N GLN J 115 43.83 23.93 -25.19
CA GLN J 115 43.29 24.36 -26.48
C GLN J 115 42.14 25.33 -26.29
N GLU J 116 41.28 25.06 -25.30
CA GLU J 116 40.16 25.96 -25.03
C GLU J 116 40.65 27.33 -24.60
N LYS J 117 41.67 27.38 -23.75
CA LYS J 117 42.22 28.68 -23.33
C LYS J 117 42.90 29.39 -24.48
N ASN J 118 43.62 28.64 -25.32
CA ASN J 118 44.31 29.25 -26.46
C ASN J 118 43.32 29.87 -27.43
N GLU J 119 42.20 29.19 -27.68
CA GLU J 119 41.17 29.74 -28.57
C GLU J 119 40.60 31.03 -27.99
N GLN J 120 40.36 31.05 -26.69
CA GLN J 120 39.82 32.25 -26.05
C GLN J 120 40.80 33.41 -26.17
N ASP J 121 42.09 33.13 -25.94
CA ASP J 121 43.07 34.22 -25.94
C ASP J 121 43.40 34.69 -27.35
N LEU J 122 43.48 33.76 -28.31
CA LEU J 122 43.82 34.13 -29.68
C LEU J 122 42.77 35.05 -30.28
N LEU J 123 41.49 34.76 -30.03
CA LEU J 123 40.42 35.58 -30.58
C LEU J 123 40.48 37.02 -30.09
N ALA J 124 41.05 37.25 -28.91
CA ALA J 124 41.26 38.60 -28.42
C ALA J 124 42.54 39.22 -29.00
N LEU J 125 43.59 38.40 -29.17
CA LEU J 125 44.86 38.93 -29.63
C LEU J 125 44.85 39.27 -31.12
N ASP J 126 44.10 38.54 -31.93
CA ASP J 126 44.09 38.75 -33.36
C ASP J 126 43.55 40.14 -33.72
N GLN K 1 20.80 -49.03 3.84
CA GLN K 1 20.41 -48.80 5.26
C GLN K 1 20.23 -47.31 5.54
N VAL K 2 19.45 -46.99 6.57
CA VAL K 2 19.16 -45.63 6.97
C VAL K 2 19.72 -45.41 8.36
N GLN K 3 20.45 -44.31 8.55
CA GLN K 3 21.07 -44.00 9.82
C GLN K 3 21.08 -42.49 10.03
N LEU K 4 20.99 -42.09 11.29
CA LEU K 4 21.20 -40.71 11.73
C LEU K 4 22.32 -40.70 12.76
N VAL K 5 23.31 -39.83 12.55
CA VAL K 5 24.50 -39.74 13.39
C VAL K 5 24.46 -38.38 14.10
N GLN K 6 24.73 -38.38 15.40
CA GLN K 6 24.58 -37.22 16.26
C GLN K 6 25.94 -36.72 16.73
N SER K 7 25.92 -35.56 17.39
CA SER K 7 27.13 -34.96 17.94
C SER K 7 27.61 -35.72 19.16
N GLY K 8 28.73 -35.29 19.73
CA GLY K 8 29.23 -35.91 20.95
C GLY K 8 28.41 -35.50 22.16
N ALA K 9 28.65 -36.21 23.26
CA ALA K 9 27.96 -35.90 24.50
C ALA K 9 28.35 -34.52 25.01
N GLU K 10 27.48 -33.95 25.84
CA GLU K 10 27.61 -32.59 26.32
C GLU K 10 27.37 -32.52 27.82
N VAL K 11 28.18 -31.71 28.50
CA VAL K 11 27.93 -31.27 29.86
C VAL K 11 28.18 -29.76 29.88
N LYS K 12 27.15 -28.99 30.23
CA LYS K 12 27.16 -27.55 30.00
C LYS K 12 26.68 -26.82 31.25
N LYS K 13 26.93 -25.52 31.27
CA LYS K 13 26.76 -24.73 32.48
C LYS K 13 25.28 -24.44 32.70
N PRO K 14 24.81 -24.34 33.95
CA PRO K 14 23.43 -23.88 34.17
C PRO K 14 23.24 -22.46 33.69
N GLY K 15 22.08 -22.21 33.09
CA GLY K 15 21.78 -20.91 32.51
C GLY K 15 22.33 -20.69 31.11
N ALA K 16 23.27 -21.53 30.66
CA ALA K 16 23.86 -21.40 29.34
C ALA K 16 23.00 -22.14 28.30
N SER K 17 23.54 -22.34 27.11
CA SER K 17 22.84 -23.01 26.03
C SER K 17 23.54 -24.32 25.67
N VAL K 18 22.75 -25.26 25.16
CA VAL K 18 23.27 -26.51 24.58
C VAL K 18 22.79 -26.59 23.15
N LYS K 19 23.72 -26.88 22.24
CA LYS K 19 23.44 -27.00 20.81
C LYS K 19 23.87 -28.38 20.34
N VAL K 20 23.02 -29.01 19.53
CA VAL K 20 23.20 -30.39 19.09
C VAL K 20 22.99 -30.45 17.58
N SER K 21 23.66 -31.42 16.96
CA SER K 21 23.56 -31.66 15.52
C SER K 21 23.15 -33.11 15.28
N CYS K 22 22.66 -33.37 14.06
CA CYS K 22 22.17 -34.71 13.70
C CYS K 22 22.35 -34.87 12.20
N GLN K 23 23.39 -35.60 11.80
CA GLN K 23 23.76 -35.78 10.40
C GLN K 23 23.23 -37.13 9.92
N ALA K 24 22.72 -37.16 8.69
CA ALA K 24 21.99 -38.31 8.17
C ALA K 24 22.72 -38.94 6.98
N SER K 25 22.28 -40.15 6.64
CA SER K 25 22.82 -40.88 5.51
C SER K 25 21.81 -41.91 5.04
N GLY K 26 22.02 -42.43 3.84
CA GLY K 26 21.15 -43.45 3.28
C GLY K 26 19.94 -42.92 2.55
N TYR K 27 19.73 -41.61 2.53
CA TYR K 27 18.55 -41.02 1.90
C TYR K 27 18.83 -39.55 1.63
N ARG K 28 17.90 -38.92 0.91
CA ARG K 28 18.02 -37.50 0.58
C ARG K 28 17.55 -36.69 1.78
N PHE K 29 18.48 -35.95 2.38
CA PHE K 29 18.18 -35.24 3.63
C PHE K 29 17.09 -34.18 3.44
N SER K 30 16.98 -33.62 2.24
CA SER K 30 16.05 -32.52 2.01
C SER K 30 14.60 -32.96 1.92
N ASN K 31 14.30 -34.25 2.08
CA ASN K 31 13.02 -34.83 1.70
C ASN K 31 12.36 -35.62 2.82
N PHE K 32 12.71 -35.32 4.08
CA PHE K 32 12.03 -35.92 5.21
C PHE K 32 12.04 -34.95 6.38
N VAL K 33 10.86 -34.72 6.94
CA VAL K 33 10.75 -33.91 8.15
C VAL K 33 11.45 -34.63 9.30
N ILE K 34 11.86 -33.87 10.31
CA ILE K 34 12.74 -34.37 11.36
C ILE K 34 12.19 -33.94 12.72
N HIS K 35 12.18 -34.87 13.67
CA HIS K 35 11.74 -34.64 15.03
C HIS K 35 12.95 -34.38 15.94
N TRP K 36 12.65 -33.90 17.14
CA TRP K 36 13.59 -33.85 18.26
C TRP K 36 12.87 -34.31 19.51
N VAL K 37 13.47 -35.28 20.21
CA VAL K 37 12.83 -35.96 21.32
C VAL K 37 13.81 -36.08 22.48
N ARG K 38 13.31 -35.88 23.69
CA ARG K 38 14.10 -35.90 24.92
C ARG K 38 13.50 -36.90 25.89
N GLN K 39 14.35 -37.51 26.72
CA GLN K 39 13.91 -38.41 27.78
C GLN K 39 14.77 -38.15 29.01
N ALA K 40 14.15 -37.72 30.10
CA ALA K 40 14.84 -37.64 31.38
C ALA K 40 14.97 -39.05 31.98
N PRO K 41 15.87 -39.25 32.94
CA PRO K 41 16.07 -40.60 33.50
C PRO K 41 14.80 -41.15 34.13
N GLY K 42 14.31 -42.26 33.56
CA GLY K 42 13.15 -42.93 34.07
C GLY K 42 11.82 -42.28 33.74
N GLN K 43 11.81 -41.22 32.94
CA GLN K 43 10.60 -40.45 32.66
C GLN K 43 10.11 -40.73 31.24
N ARG K 44 9.00 -40.07 30.89
CA ARG K 44 8.47 -40.14 29.54
C ARG K 44 9.45 -39.54 28.55
N PHE K 45 9.47 -40.10 27.33
CA PHE K 45 9.92 -39.31 26.20
C PHE K 45 8.98 -38.12 26.05
N GLU K 46 9.55 -36.94 25.83
CA GLU K 46 8.77 -35.72 25.64
C GLU K 46 9.04 -35.15 24.26
N TRP K 47 7.97 -34.96 23.49
CA TRP K 47 8.07 -34.37 22.16
C TRP K 47 8.40 -32.89 22.26
N MET K 48 9.13 -32.39 21.26
CA MET K 48 9.58 -31.00 21.21
C MET K 48 9.06 -30.25 19.99
N GLY K 49 9.18 -30.80 18.80
CA GLY K 49 8.79 -30.09 17.59
C GLY K 49 9.09 -30.91 16.36
N TRP K 50 8.93 -30.26 15.20
CA TRP K 50 9.39 -30.84 13.95
C TRP K 50 9.93 -29.73 13.06
N ILE K 51 10.72 -30.13 12.07
CA ILE K 51 11.23 -29.22 11.04
C ILE K 51 11.20 -29.94 9.70
N ASN K 52 10.96 -29.16 8.65
CA ASN K 52 10.81 -29.65 7.28
C ASN K 52 11.91 -29.05 6.40
N PRO K 53 12.98 -29.79 6.10
CA PRO K 53 14.07 -29.22 5.28
C PRO K 53 13.64 -28.74 3.89
N TYR K 54 12.57 -29.28 3.33
CA TYR K 54 12.15 -28.89 1.98
C TYR K 54 11.59 -27.47 1.89
N ASN K 55 10.89 -26.98 2.92
CA ASN K 55 10.34 -25.64 2.88
C ASN K 55 10.66 -24.79 4.11
N GLY K 56 11.30 -25.33 5.14
CA GLY K 56 11.67 -24.55 6.30
C GLY K 56 10.58 -24.31 7.29
N ASN K 57 9.38 -24.85 7.08
CA ASN K 57 8.31 -24.66 8.05
C ASN K 57 8.65 -25.35 9.36
N LYS K 58 8.09 -24.81 10.44
CA LYS K 58 8.40 -25.26 11.79
C LYS K 58 7.14 -25.25 12.63
N GLU K 59 7.19 -26.02 13.72
CA GLU K 59 6.17 -25.99 14.76
C GLU K 59 6.77 -26.67 15.99
N PHE K 60 6.63 -26.01 17.13
CA PHE K 60 7.19 -26.46 18.38
C PHE K 60 6.05 -26.78 19.33
N SER K 61 6.33 -27.53 20.39
CA SER K 61 5.42 -27.54 21.53
C SER K 61 5.49 -26.17 22.22
N ALA K 62 4.32 -25.61 22.52
CA ALA K 62 4.27 -24.28 23.12
C ALA K 62 4.96 -24.24 24.47
N LYS K 63 5.07 -25.40 25.14
CA LYS K 63 5.82 -25.49 26.39
C LYS K 63 7.28 -25.08 26.19
N PHE K 64 7.84 -25.31 25.00
CA PHE K 64 9.25 -25.08 24.73
C PHE K 64 9.52 -23.97 23.72
N GLN K 65 8.48 -23.31 23.20
CA GLN K 65 8.66 -22.28 22.16
C GLN K 65 9.66 -21.21 22.56
N ASP K 66 9.64 -20.81 23.83
CA ASP K 66 10.55 -19.77 24.28
C ASP K 66 11.97 -20.28 24.49
N ARG K 67 12.16 -21.60 24.47
CA ARG K 67 13.42 -22.21 24.89
C ARG K 67 14.19 -22.89 23.76
N VAL K 68 13.50 -23.40 22.72
CA VAL K 68 14.15 -24.24 21.73
C VAL K 68 14.07 -23.57 20.36
N THR K 69 15.03 -23.90 19.51
CA THR K 69 15.07 -23.43 18.13
C THR K 69 15.74 -24.51 17.28
N PHE K 70 15.23 -24.69 16.05
CA PHE K 70 15.79 -25.65 15.10
C PHE K 70 16.28 -24.92 13.86
N THR K 71 17.07 -25.64 13.07
CA THR K 71 17.44 -25.22 11.72
C THR K 71 18.08 -26.42 11.03
N ALA K 72 18.07 -26.38 9.70
CA ALA K 72 18.61 -27.48 8.91
C ALA K 72 19.25 -26.92 7.65
N ASP K 73 20.17 -27.70 7.09
CA ASP K 73 20.95 -27.31 5.90
C ASP K 73 20.96 -28.48 4.93
N THR K 74 20.52 -28.21 3.70
CA THR K 74 20.49 -29.27 2.69
C THR K 74 21.90 -29.65 2.22
N SER K 75 22.86 -28.72 2.25
CA SER K 75 24.21 -29.02 1.81
C SER K 75 25.02 -29.79 2.83
N ALA K 76 24.60 -29.82 4.10
CA ALA K 76 25.30 -30.54 5.15
C ALA K 76 24.69 -31.90 5.46
N ASN K 77 23.48 -32.18 4.97
CA ASN K 77 22.75 -33.40 5.33
C ASN K 77 22.58 -33.50 6.85
N THR K 78 22.37 -32.36 7.52
CA THR K 78 22.42 -32.27 8.97
C THR K 78 21.36 -31.30 9.47
N ALA K 79 20.79 -31.62 10.63
CA ALA K 79 19.85 -30.77 11.33
C ALA K 79 20.44 -30.33 12.67
N TYR K 80 20.18 -29.08 13.04
CA TYR K 80 20.70 -28.48 14.26
C TYR K 80 19.54 -28.14 15.19
N MET K 81 19.80 -28.18 16.49
CA MET K 81 18.87 -27.73 17.51
C MET K 81 19.63 -26.91 18.54
N GLU K 82 18.93 -26.00 19.22
CA GLU K 82 19.51 -25.14 20.23
C GLU K 82 18.49 -24.92 21.33
N LEU K 83 18.88 -25.23 22.56
CA LEU K 83 18.04 -25.07 23.74
C LEU K 83 18.70 -24.05 24.67
N ARG K 84 17.97 -22.98 24.99
CA ARG K 84 18.50 -21.85 25.72
C ARG K 84 17.88 -21.79 27.12
N SER K 85 18.56 -21.10 28.03
CA SER K 85 18.15 -20.97 29.42
C SER K 85 18.10 -22.34 30.08
N LEU K 86 19.27 -22.96 30.13
CA LEU K 86 19.38 -24.36 30.50
C LEU K 86 19.15 -24.51 32.01
N ARG K 87 18.28 -25.45 32.39
CA ARG K 87 17.98 -25.72 33.78
C ARG K 87 18.23 -27.19 34.09
N SER K 88 18.34 -27.50 35.38
CA SER K 88 18.75 -28.84 35.81
C SER K 88 17.79 -29.92 35.32
N ALA K 89 16.52 -29.58 35.13
CA ALA K 89 15.55 -30.55 34.63
C ALA K 89 15.87 -31.02 33.22
N ASP K 90 16.70 -30.29 32.48
CA ASP K 90 17.04 -30.66 31.11
C ASP K 90 18.02 -31.83 31.04
N THR K 91 18.53 -32.31 32.17
CA THR K 91 19.41 -33.47 32.15
C THR K 91 18.66 -34.66 31.56
N ALA K 92 19.04 -35.06 30.36
CA ALA K 92 18.25 -36.03 29.61
C ALA K 92 19.03 -36.47 28.38
N VAL K 93 18.58 -37.58 27.81
CA VAL K 93 19.09 -38.04 26.51
C VAL K 93 18.22 -37.43 25.42
N TYR K 94 18.85 -36.92 24.38
CA TYR K 94 18.17 -36.23 23.29
C TYR K 94 18.34 -37.02 21.99
N TYR K 95 17.31 -36.99 21.16
CA TYR K 95 17.27 -37.77 19.93
C TYR K 95 16.79 -36.91 18.77
N CYS K 96 17.11 -37.40 17.56
CA CYS K 96 16.57 -36.87 16.32
C CYS K 96 15.99 -38.04 15.54
N ALA K 97 14.94 -37.77 14.77
CA ALA K 97 14.14 -38.83 14.17
C ALA K 97 13.78 -38.49 12.73
N ARG K 98 13.32 -39.52 12.01
CA ARG K 98 12.81 -39.41 10.66
C ARG K 98 11.48 -40.12 10.53
N VAL K 99 10.59 -39.55 9.71
CA VAL K 99 9.26 -40.12 9.48
C VAL K 99 9.34 -41.10 8.32
N GLY K 100 8.30 -41.91 8.14
CA GLY K 100 8.22 -42.82 7.03
C GLY K 100 7.67 -42.15 5.78
N PRO K 101 7.64 -42.89 4.67
CA PRO K 101 7.19 -42.29 3.40
C PRO K 101 5.68 -42.15 3.35
N TYR K 102 5.21 -41.13 2.63
CA TYR K 102 3.78 -40.90 2.45
C TYR K 102 3.27 -41.62 1.22
N SER K 103 2.43 -42.63 1.43
CA SER K 103 1.73 -43.25 0.31
C SER K 103 0.58 -42.36 -0.13
N TRP K 104 0.29 -42.36 -1.43
CA TRP K 104 -0.80 -41.53 -1.96
C TRP K 104 -2.15 -41.92 -1.39
N ASP K 105 -2.29 -43.15 -0.88
CA ASP K 105 -3.53 -43.57 -0.22
C ASP K 105 -3.67 -43.01 1.18
N ASP K 106 -2.58 -42.52 1.79
CA ASP K 106 -2.63 -42.08 3.17
C ASP K 106 -3.37 -40.76 3.31
N SER K 107 -3.94 -40.55 4.52
CA SER K 107 -4.54 -39.30 4.97
C SER K 107 -3.42 -38.36 5.42
N PRO K 108 -3.66 -37.04 5.56
CA PRO K 108 -2.57 -36.14 5.92
C PRO K 108 -1.94 -36.48 7.26
N GLN K 109 -0.62 -36.36 7.31
CA GLN K 109 0.13 -36.46 8.55
C GLN K 109 -0.02 -37.81 9.24
N ASP K 110 -0.40 -38.84 8.48
CA ASP K 110 -0.38 -40.20 9.02
C ASP K 110 1.04 -40.71 9.20
N ASN K 111 1.99 -40.19 8.42
CA ASN K 111 3.33 -40.72 8.41
C ASN K 111 4.21 -40.20 9.54
N TYR K 112 3.74 -39.22 10.32
CA TYR K 112 4.57 -38.53 11.31
C TYR K 112 4.99 -39.40 12.49
N TYR K 113 4.64 -40.68 12.51
CA TYR K 113 5.30 -41.60 13.41
C TYR K 113 6.79 -41.63 13.08
N MET K 114 7.62 -41.88 14.10
CA MET K 114 9.05 -41.95 13.89
C MET K 114 9.40 -43.26 13.20
N ASP K 115 9.96 -43.17 11.99
CA ASP K 115 10.41 -44.37 11.30
C ASP K 115 11.83 -44.75 11.72
N VAL K 116 12.72 -43.78 11.86
CA VAL K 116 14.12 -44.05 12.20
C VAL K 116 14.61 -42.96 13.15
N TRP K 117 15.56 -43.35 13.99
CA TRP K 117 16.21 -42.55 15.02
C TRP K 117 17.73 -42.56 14.90
N GLY K 118 18.34 -41.66 15.67
CA GLY K 118 19.74 -41.75 15.98
C GLY K 118 19.99 -42.48 17.29
N LYS K 119 21.27 -42.76 17.55
CA LYS K 119 21.71 -43.42 18.76
C LYS K 119 21.52 -42.57 20.02
N GLY K 120 21.25 -41.28 19.89
CA GLY K 120 21.01 -40.43 21.04
C GLY K 120 22.26 -39.76 21.55
N THR K 121 22.10 -38.72 22.38
CA THR K 121 23.22 -37.99 22.94
C THR K 121 22.87 -37.59 24.38
N THR K 122 23.84 -37.74 25.28
CA THR K 122 23.62 -37.40 26.68
C THR K 122 23.92 -35.93 26.91
N VAL K 123 23.04 -35.26 27.64
CA VAL K 123 23.21 -33.87 28.04
C VAL K 123 22.99 -33.79 29.55
N ILE K 124 23.96 -33.22 30.26
CA ILE K 124 23.93 -33.11 31.71
C ILE K 124 24.16 -31.65 32.09
N VAL K 125 23.46 -31.21 33.13
CA VAL K 125 23.46 -29.82 33.56
C VAL K 125 24.32 -29.71 34.82
N SER K 126 25.50 -29.13 34.69
CA SER K 126 26.43 -29.06 35.81
C SER K 126 27.42 -27.92 35.57
N SER K 127 28.00 -27.44 36.66
CA SER K 127 29.01 -26.39 36.61
C SER K 127 30.38 -26.95 36.24
N GLU L 1 -3.89 -31.76 25.37
CA GLU L 1 -2.80 -32.75 25.54
C GLU L 1 -3.34 -34.06 26.15
N ILE L 2 -2.96 -35.17 25.53
CA ILE L 2 -3.43 -36.49 25.95
C ILE L 2 -2.39 -37.13 26.86
N VAL L 3 -2.83 -38.03 27.73
CA VAL L 3 -1.97 -38.82 28.60
C VAL L 3 -2.24 -40.30 28.35
N LEU L 4 -1.18 -41.11 28.35
CA LEU L 4 -1.25 -42.54 28.10
C LEU L 4 -0.78 -43.30 29.32
N THR L 5 -1.40 -44.44 29.58
CA THR L 5 -1.02 -45.35 30.66
C THR L 5 -0.93 -46.76 30.09
N GLN L 6 0.23 -47.40 30.26
CA GLN L 6 0.44 -48.76 29.82
C GLN L 6 0.27 -49.74 30.97
N SER L 7 -0.11 -50.96 30.62
CA SER L 7 -0.21 -52.05 31.58
C SER L 7 0.01 -53.36 30.85
N PRO L 8 0.66 -54.35 31.48
CA PRO L 8 1.27 -54.38 32.82
C PRO L 8 2.60 -53.61 32.85
N GLY L 9 3.05 -53.16 34.01
CA GLY L 9 4.35 -52.52 34.09
C GLY L 9 5.48 -53.46 33.70
N THR L 10 5.33 -54.74 34.03
CA THR L 10 6.30 -55.77 33.68
C THR L 10 5.57 -57.06 33.34
N LEU L 11 6.02 -57.71 32.27
CA LEU L 11 5.58 -59.05 31.89
C LEU L 11 6.81 -59.94 31.78
N SER L 12 6.88 -60.96 32.64
CA SER L 12 8.01 -61.87 32.69
C SER L 12 7.66 -63.11 31.88
N LEU L 13 8.48 -63.42 30.88
CA LEU L 13 8.21 -64.53 29.98
C LEU L 13 9.53 -65.13 29.50
N SER L 14 9.58 -66.44 29.47
CA SER L 14 10.65 -67.18 28.83
C SER L 14 10.43 -67.21 27.33
N PRO L 15 11.39 -67.69 26.54
CA PRO L 15 11.14 -67.85 25.11
C PRO L 15 10.00 -68.83 24.84
N GLY L 16 9.18 -68.49 23.85
CA GLY L 16 8.18 -69.39 23.30
C GLY L 16 6.73 -69.05 23.60
N GLU L 17 6.42 -68.55 24.80
CA GLU L 17 5.01 -68.35 25.15
C GLU L 17 4.50 -67.01 24.65
N ARG L 18 3.20 -66.77 24.84
CA ARG L 18 2.52 -65.64 24.22
C ARG L 18 2.53 -64.42 25.13
N ALA L 19 2.57 -63.23 24.53
CA ALA L 19 2.60 -61.96 25.23
C ALA L 19 1.51 -61.04 24.71
N THR L 20 0.93 -60.25 25.61
CA THR L 20 -0.08 -59.25 25.28
C THR L 20 0.08 -58.03 26.16
N PHE L 21 0.10 -56.86 25.53
CA PHE L 21 0.24 -55.58 26.22
C PHE L 21 -0.94 -54.69 25.89
N SER L 22 -1.23 -53.76 26.80
CA SER L 22 -2.34 -52.83 26.66
C SER L 22 -1.87 -51.41 26.94
N CYS L 23 -2.46 -50.45 26.23
CA CYS L 23 -2.18 -49.04 26.40
C CYS L 23 -3.50 -48.28 26.43
N ARG L 24 -3.78 -47.63 27.57
CA ARG L 24 -5.04 -46.92 27.78
C ARG L 24 -4.75 -45.43 27.76
N SER L 25 -5.61 -44.68 27.06
CA SER L 25 -5.44 -43.25 26.87
C SER L 25 -6.46 -42.46 27.69
N SER L 26 -6.04 -41.26 28.11
CA SER L 26 -6.95 -40.34 28.78
C SER L 26 -8.04 -39.84 27.84
N HIS L 27 -7.85 -39.94 26.54
CA HIS L 27 -8.82 -39.50 25.54
C HIS L 27 -9.10 -40.68 24.62
N SER L 28 -9.87 -40.44 23.55
CA SER L 28 -10.19 -41.43 22.54
C SER L 28 -9.60 -40.98 21.21
N ILE L 29 -8.83 -41.87 20.57
CA ILE L 29 -8.12 -41.54 19.34
C ILE L 29 -8.95 -42.08 18.17
N ARG L 30 -9.81 -41.22 17.62
CA ARG L 30 -10.61 -41.62 16.47
C ARG L 30 -9.73 -41.85 15.25
N SER L 31 -8.65 -41.09 15.12
CA SER L 31 -7.87 -41.05 13.88
C SER L 31 -7.12 -42.36 13.59
N ARG L 32 -6.89 -43.18 14.60
CA ARG L 32 -6.04 -44.38 14.53
C ARG L 32 -4.57 -44.03 14.34
N ARG L 33 -4.16 -42.78 14.56
CA ARG L 33 -2.75 -42.44 14.47
C ARG L 33 -2.05 -42.91 15.73
N VAL L 34 -1.93 -44.23 15.89
CA VAL L 34 -1.34 -44.85 17.07
C VAL L 34 -0.07 -45.54 16.62
N ALA L 35 0.94 -45.52 17.49
CA ALA L 35 2.21 -46.15 17.19
C ALA L 35 2.84 -46.72 18.45
N TRP L 36 3.32 -47.94 18.35
CA TRP L 36 4.02 -48.63 19.42
C TRP L 36 5.48 -48.76 19.00
N TYR L 37 6.40 -48.75 19.97
CA TYR L 37 7.81 -48.72 19.63
C TYR L 37 8.57 -49.56 20.66
N GLN L 38 9.82 -49.89 20.34
CA GLN L 38 10.70 -50.70 21.17
C GLN L 38 11.92 -49.89 21.59
N HIS L 39 12.49 -50.22 22.75
CA HIS L 39 13.75 -49.62 23.18
C HIS L 39 14.58 -50.59 23.99
N LYS L 40 15.89 -50.67 23.68
CA LYS L 40 16.91 -51.33 24.48
C LYS L 40 17.95 -50.30 24.93
N PRO L 41 18.47 -50.38 26.15
CA PRO L 41 19.52 -49.44 26.55
C PRO L 41 20.79 -49.64 25.72
N GLY L 42 21.45 -48.53 25.40
CA GLY L 42 22.69 -48.57 24.64
C GLY L 42 22.51 -48.65 23.14
N GLN L 43 21.28 -48.72 22.64
CA GLN L 43 20.98 -48.77 21.21
C GLN L 43 19.98 -47.66 20.90
N ALA L 44 19.94 -47.25 19.64
CA ALA L 44 18.86 -46.39 19.21
C ALA L 44 17.54 -47.14 19.38
N PRO L 45 16.47 -46.49 19.83
CA PRO L 45 15.22 -47.26 20.00
C PRO L 45 14.69 -47.64 18.63
N ARG L 46 13.54 -48.34 18.60
CA ARG L 46 13.10 -48.98 17.36
C ARG L 46 11.59 -48.95 17.23
N LEU L 47 11.13 -48.90 15.99
CA LEU L 47 9.71 -48.94 15.67
C LEU L 47 9.23 -50.39 15.53
N VAL L 48 7.95 -50.61 15.84
CA VAL L 48 7.31 -51.90 15.63
C VAL L 48 5.96 -51.75 14.92
N ILE L 49 5.08 -50.89 15.43
CA ILE L 49 3.74 -50.69 14.87
C ILE L 49 3.50 -49.20 14.70
N HIS L 50 2.81 -48.85 13.61
CA HIS L 50 2.26 -47.51 13.44
C HIS L 50 0.87 -47.65 12.81
N GLY L 51 0.00 -46.70 13.13
CA GLY L 51 -1.36 -46.75 12.64
C GLY L 51 -2.14 -47.94 13.17
N VAL L 52 -1.85 -48.37 14.40
CA VAL L 52 -2.55 -49.44 15.12
C VAL L 52 -2.19 -50.83 14.59
N SER L 53 -2.17 -51.01 13.26
CA SER L 53 -2.02 -52.33 12.67
C SER L 53 -0.92 -52.44 11.62
N ASN L 54 -0.43 -51.34 11.06
CA ASN L 54 0.57 -51.43 9.99
C ASN L 54 1.93 -51.78 10.60
N ARG L 55 2.39 -52.99 10.31
CA ARG L 55 3.68 -53.45 10.81
C ARG L 55 4.83 -52.69 10.14
N ALA L 56 5.88 -52.43 10.90
CA ALA L 56 7.00 -51.67 10.38
C ALA L 56 7.78 -52.48 9.35
N SER L 57 8.61 -51.78 8.58
CA SER L 57 9.41 -52.45 7.56
C SER L 57 10.54 -53.25 8.19
N GLY L 58 10.62 -54.53 7.85
CA GLY L 58 11.72 -55.37 8.25
C GLY L 58 11.61 -56.00 9.62
N ILE L 59 10.57 -55.68 10.40
CA ILE L 59 10.39 -56.25 11.72
C ILE L 59 9.63 -57.56 11.59
N SER L 60 9.86 -58.47 12.53
CA SER L 60 9.36 -59.84 12.40
C SER L 60 7.84 -59.89 12.42
N ASP L 61 7.29 -60.96 11.82
CA ASP L 61 5.84 -61.15 11.77
C ASP L 61 5.22 -61.48 13.12
N ARG L 62 6.02 -61.77 14.13
CA ARG L 62 5.49 -62.15 15.43
C ARG L 62 4.74 -60.98 16.07
N PHE L 63 5.19 -59.76 15.82
CA PHE L 63 4.55 -58.58 16.36
C PHE L 63 3.24 -58.31 15.63
N SER L 64 2.23 -57.88 16.37
CA SER L 64 0.94 -57.51 15.80
C SER L 64 0.15 -56.76 16.85
N GLY L 65 -0.67 -55.81 16.38
CA GLY L 65 -1.42 -54.95 17.26
C GLY L 65 -2.83 -54.74 16.77
N SER L 66 -3.68 -54.26 17.68
CA SER L 66 -5.08 -54.00 17.37
C SER L 66 -5.63 -53.04 18.41
N GLY L 67 -6.75 -52.43 18.10
CA GLY L 67 -7.41 -51.54 19.02
C GLY L 67 -8.29 -50.54 18.32
N SER L 68 -9.12 -49.88 19.12
CA SER L 68 -10.01 -48.84 18.64
C SER L 68 -10.45 -48.01 19.84
N GLY L 69 -10.90 -46.78 19.58
CA GLY L 69 -11.34 -45.91 20.64
C GLY L 69 -10.23 -45.56 21.62
N THR L 70 -10.29 -46.16 22.82
CA THR L 70 -9.35 -45.86 23.89
C THR L 70 -8.40 -47.01 24.21
N ASP L 71 -8.77 -48.25 23.91
CA ASP L 71 -7.97 -49.43 24.25
C ASP L 71 -7.17 -49.87 23.03
N PHE L 72 -5.84 -49.86 23.17
CA PHE L 72 -4.92 -50.20 22.09
C PHE L 72 -3.94 -51.24 22.58
N THR L 73 -3.63 -52.22 21.71
CA THR L 73 -2.99 -53.47 22.13
C THR L 73 -1.84 -53.85 21.20
N LEU L 74 -0.87 -54.55 21.77
CA LEU L 74 0.22 -55.20 21.04
C LEU L 74 0.37 -56.61 21.61
N THR L 75 0.61 -57.59 20.74
CA THR L 75 0.84 -58.96 21.18
C THR L 75 2.00 -59.59 20.40
N ILE L 76 2.58 -60.62 21.00
CA ILE L 76 3.61 -61.45 20.38
C ILE L 76 3.06 -62.87 20.34
N THR L 77 3.21 -63.54 19.19
CA THR L 77 2.71 -64.91 19.10
C THR L 77 3.58 -65.87 19.91
N ARG L 78 4.91 -65.75 19.79
CA ARG L 78 5.86 -66.54 20.56
C ARG L 78 7.10 -65.68 20.77
N VAL L 79 7.42 -65.40 22.05
CA VAL L 79 8.57 -64.56 22.36
C VAL L 79 9.88 -65.33 22.14
N GLU L 80 10.92 -64.60 21.79
CA GLU L 80 12.28 -65.09 21.62
C GLU L 80 13.23 -64.15 22.36
N PRO L 81 14.47 -64.59 22.64
CA PRO L 81 15.33 -63.83 23.56
C PRO L 81 15.62 -62.39 23.13
N GLU L 82 15.68 -62.10 21.84
CA GLU L 82 15.96 -60.72 21.42
C GLU L 82 14.83 -59.76 21.80
N ASP L 83 13.63 -60.28 22.06
CA ASP L 83 12.49 -59.43 22.39
C ASP L 83 12.59 -58.81 23.77
N PHE L 84 13.51 -59.26 24.62
CA PHE L 84 13.61 -58.71 25.97
C PHE L 84 14.04 -57.25 25.89
N ALA L 85 13.09 -56.34 26.10
CA ALA L 85 13.34 -54.91 25.94
C ALA L 85 12.11 -54.15 26.41
N LEU L 86 12.25 -52.83 26.50
CA LEU L 86 11.14 -51.97 26.83
C LEU L 86 10.29 -51.71 25.60
N TYR L 87 8.99 -51.48 25.81
CA TYR L 87 8.05 -51.19 24.75
C TYR L 87 7.11 -50.08 25.18
N TYR L 88 6.86 -49.14 24.27
CA TYR L 88 6.09 -47.93 24.55
C TYR L 88 4.99 -47.77 23.51
N CYS L 89 3.91 -47.11 23.91
CA CYS L 89 2.82 -46.72 23.01
C CYS L 89 2.82 -45.21 22.82
N GLN L 90 2.26 -44.78 21.68
CA GLN L 90 2.27 -43.36 21.33
C GLN L 90 0.99 -42.99 20.58
N VAL L 91 0.54 -41.75 20.84
CA VAL L 91 -0.39 -41.03 19.99
C VAL L 91 0.40 -39.93 19.30
N TYR L 92 0.16 -39.73 18.00
CA TYR L 92 0.98 -38.81 17.23
C TYR L 92 0.12 -38.11 16.18
N GLY L 93 0.62 -36.96 15.74
CA GLY L 93 0.01 -36.22 14.65
C GLY L 93 -0.80 -35.02 15.12
N ALA L 94 -0.65 -33.94 14.37
CA ALA L 94 -1.46 -32.72 14.55
C ALA L 94 -1.27 -32.13 15.94
N SER L 95 0.00 -31.85 16.28
CA SER L 95 0.37 -31.16 17.51
C SER L 95 -0.15 -31.88 18.76
N SER L 96 -0.16 -33.22 18.74
CA SER L 96 -0.74 -34.01 19.82
C SER L 96 0.13 -35.21 20.20
N TYR L 97 1.44 -35.00 20.35
CA TYR L 97 2.33 -36.12 20.63
C TYR L 97 2.39 -36.40 22.13
N THR L 98 2.33 -37.69 22.49
CA THR L 98 2.55 -38.13 23.86
C THR L 98 2.90 -39.61 23.83
N PHE L 99 3.76 -40.01 24.78
CA PHE L 99 4.26 -41.37 24.91
C PHE L 99 3.64 -42.02 26.15
N GLY L 100 3.93 -43.30 26.31
CA GLY L 100 3.55 -44.02 27.51
C GLY L 100 4.73 -44.24 28.44
N GLN L 101 4.43 -44.79 29.62
CA GLN L 101 5.43 -45.02 30.65
C GLN L 101 6.37 -46.16 30.31
N GLY L 102 6.02 -47.02 29.34
CA GLY L 102 6.88 -48.11 28.94
C GLY L 102 6.55 -49.40 29.66
N THR L 103 6.67 -50.52 28.95
CA THR L 103 6.41 -51.86 29.49
C THR L 103 7.68 -52.68 29.35
N LYS L 104 8.14 -53.25 30.47
CA LYS L 104 9.36 -54.04 30.47
C LYS L 104 9.04 -55.50 30.15
N LEU L 105 9.73 -56.04 29.15
CA LEU L 105 9.62 -57.44 28.75
C LEU L 105 10.95 -58.10 29.09
N GLU L 106 10.91 -59.14 29.92
CA GLU L 106 12.13 -59.70 30.49
C GLU L 106 11.94 -61.19 30.74
N ARG L 107 13.07 -61.88 30.91
CA ARG L 107 13.08 -63.33 31.03
C ARG L 107 12.44 -63.78 32.34
N LYS L 108 11.60 -64.81 32.27
CA LYS L 108 10.93 -65.33 33.45
C LYS L 108 11.92 -66.01 34.39
#